data_4JUJ
#
_entry.id   4JUJ
#
_cell.length_a   71.911
_cell.length_b   242.149
_cell.length_c   71.754
_cell.angle_alpha   90.00
_cell.angle_beta   119.66
_cell.angle_gamma   90.00
#
_symmetry.space_group_name_H-M   'P 1 21 1'
#
loop_
_entity.id
_entity.type
_entity.pdbx_description
1 polymer Hemagglutinin
2 polymer Hemagglutinin
3 branched 2-acetamido-2-deoxy-beta-D-glucopyranose-(1-4)-2-acetamido-2-deoxy-beta-D-glucopyranose
4 branched 'N-acetyl-alpha-neuraminic acid-(2-6)-beta-D-galactopyranose-(1-4)-2-acetamido-2-deoxy-beta-D-glucopyranose'
5 water water
#
loop_
_entity_poly.entity_id
_entity_poly.type
_entity_poly.pdbx_seq_one_letter_code
_entity_poly.pdbx_strand_id
1 'polypeptide(L)'
;DTICIGYHANNSTDTVDTVLEKNVTVTHSVNLLEDSHNGKLCKLKGIAPLQLGKCNIAGWLLGNPECDLLLTASSWSYIV
ETSNSENGTCYPGDFIDYEELREQLSSVSSFEKFEIFPKTSSWPNHETTKGVTAACSYAGASSFYRNLLWLTKKGSSYPK
LSKSYVNNKGKEVLVLWGVHHPPTGTDQQSLYQNADAYVSVGSSKYNRRFTPEIAARPKVRGQAGRMNYYWTLLEPGDTI
TFEATGNLIAPWYAFALNRGSGSGIITSDAPVHDCNTKCQTPHGAINSSLPFQNIHPVTIGECPKYVRSTKLRMATGLRN
IPAR
;
A,C,E
2 'polypeptide(L)'
;GLFGAIAGFIEGGWTGMIDGWYGYHHQNEQGSGYAADQKSTQNAIDGITNKVNSVIEKMNTQFTAVGKEFNNLERRIENL
NKKVDDGFLDIWTYNAELLVLLENERTLDFHDSNVRNLYEKVKSQLKNNAKEIGNGCFEFYHKCDDACMESVRNGTYDYP
KYSEESKLNR
;
B,D,F
#
# COMPACT_ATOMS: atom_id res chain seq x y z
N ASP A 1 61.06 21.66 13.52
CA ASP A 1 60.06 20.75 14.08
C ASP A 1 58.64 21.18 13.69
N THR A 2 57.84 20.23 13.19
CA THR A 2 56.47 20.48 12.73
C THR A 2 55.53 19.28 12.98
N ILE A 3 54.22 19.50 12.84
CA ILE A 3 53.22 18.42 12.95
C ILE A 3 51.99 18.73 12.09
N CYS A 4 51.64 17.79 11.22
CA CYS A 4 50.50 17.98 10.33
C CYS A 4 49.32 17.08 10.70
N ILE A 5 48.11 17.53 10.38
CA ILE A 5 46.89 16.73 10.59
C ILE A 5 46.33 16.34 9.23
N GLY A 6 45.93 15.09 9.08
CA GLY A 6 45.44 14.61 7.81
C GLY A 6 44.47 13.45 7.97
N TYR A 7 44.18 12.77 6.87
CA TYR A 7 43.21 11.67 6.89
C TYR A 7 43.62 10.51 5.99
N HIS A 8 42.89 9.40 6.12
CA HIS A 8 43.27 8.13 5.50
C HIS A 8 43.07 8.11 3.99
N ALA A 9 43.81 7.22 3.33
CA ALA A 9 43.66 6.99 1.90
C ALA A 9 44.17 5.61 1.53
N ASN A 10 43.69 5.08 0.40
CA ASN A 10 44.11 3.77 -0.08
C ASN A 10 43.74 3.54 -1.54
N ASN A 11 44.18 2.41 -2.09
CA ASN A 11 43.96 2.09 -3.49
C ASN A 11 42.50 1.79 -3.84
N SER A 12 41.64 1.79 -2.82
CA SER A 12 40.22 1.46 -3.00
C SER A 12 39.57 2.24 -4.14
N THR A 13 38.83 1.53 -4.99
CA THR A 13 38.16 2.15 -6.13
C THR A 13 36.63 2.13 -6.01
N ASP A 14 36.14 1.74 -4.85
CA ASP A 14 34.70 1.72 -4.59
C ASP A 14 34.10 3.13 -4.74
N THR A 15 33.09 3.25 -5.59
CA THR A 15 32.40 4.52 -5.75
C THR A 15 31.00 4.45 -5.14
N VAL A 16 30.53 5.59 -4.62
CA VAL A 16 29.17 5.68 -4.11
C VAL A 16 28.53 6.93 -4.69
N ASP A 17 27.22 7.06 -4.47
CA ASP A 17 26.49 8.23 -4.95
C ASP A 17 25.86 8.97 -3.78
N THR A 18 25.85 10.30 -3.89
CA THR A 18 25.15 11.14 -2.94
C THR A 18 24.12 11.94 -3.69
N VAL A 19 23.48 12.89 -3.01
CA VAL A 19 22.47 13.73 -3.64
C VAL A 19 23.11 14.82 -4.52
N LEU A 20 24.24 15.35 -4.07
CA LEU A 20 24.91 16.46 -4.77
C LEU A 20 25.88 15.98 -5.84
N GLU A 21 26.51 14.83 -5.60
CA GLU A 21 27.58 14.36 -6.49
C GLU A 21 27.51 12.85 -6.70
N LYS A 22 27.86 12.41 -7.90
CA LYS A 22 27.86 10.99 -8.23
C LYS A 22 29.26 10.43 -8.43
N ASN A 23 29.38 9.10 -8.41
CA ASN A 23 30.66 8.43 -8.58
C ASN A 23 31.76 8.95 -7.66
N VAL A 24 31.46 9.04 -6.37
CA VAL A 24 32.41 9.52 -5.39
C VAL A 24 33.25 8.37 -4.81
N THR A 25 34.52 8.32 -5.18
CA THR A 25 35.40 7.26 -4.70
C THR A 25 35.64 7.40 -3.20
N VAL A 26 35.42 6.32 -2.45
CA VAL A 26 35.62 6.34 -1.01
C VAL A 26 36.58 5.24 -0.54
N THR A 27 37.02 5.37 0.70
CA THR A 27 38.02 4.46 1.26
C THR A 27 37.38 3.14 1.69
N HIS A 28 36.19 3.23 2.27
CA HIS A 28 35.49 2.06 2.75
C HIS A 28 34.00 2.20 2.51
N SER A 29 33.33 1.08 2.24
CA SER A 29 31.90 1.08 1.96
C SER A 29 31.36 -0.33 2.08
N VAL A 30 30.07 -0.44 2.39
CA VAL A 30 29.42 -1.74 2.49
C VAL A 30 28.32 -1.88 1.45
N ASN A 31 28.23 -3.06 0.84
CA ASN A 31 27.20 -3.34 -0.15
C ASN A 31 25.93 -3.90 0.50
N LEU A 32 24.82 -3.19 0.33
CA LEU A 32 23.56 -3.58 0.95
C LEU A 32 22.68 -4.42 0.03
N LEU A 33 23.07 -4.52 -1.24
CA LEU A 33 22.24 -5.15 -2.25
C LEU A 33 22.76 -6.51 -2.69
N GLU A 34 22.01 -7.56 -2.38
CA GLU A 34 22.36 -8.92 -2.78
C GLU A 34 21.85 -9.20 -4.19
N ASP A 35 22.77 -9.57 -5.09
CA ASP A 35 22.41 -9.80 -6.48
C ASP A 35 22.92 -11.13 -7.02
N SER A 36 23.40 -11.97 -6.11
CA SER A 36 23.94 -13.27 -6.50
C SER A 36 23.10 -14.41 -5.94
N HIS A 37 22.65 -15.30 -6.82
CA HIS A 37 21.89 -16.46 -6.37
C HIS A 37 22.60 -17.79 -6.63
N ASN A 38 21.80 -18.86 -6.68
CA ASN A 38 22.35 -20.21 -6.68
C ASN A 38 22.17 -20.92 -8.00
N GLY A 39 21.16 -20.49 -8.76
CA GLY A 39 20.82 -21.13 -10.01
C GLY A 39 20.11 -22.44 -9.80
N LYS A 40 19.91 -22.81 -8.53
CA LYS A 40 19.33 -24.10 -8.19
C LYS A 40 18.20 -23.99 -7.17
N LEU A 41 17.24 -24.90 -7.27
CA LEU A 41 16.18 -25.02 -6.27
C LEU A 41 16.62 -26.00 -5.19
N CYS A 42 16.61 -25.53 -3.93
CA CYS A 42 17.19 -26.29 -2.84
C CYS A 42 16.18 -26.68 -1.77
N LYS A 43 16.64 -27.50 -0.82
CA LYS A 43 15.83 -27.85 0.33
C LYS A 43 15.61 -26.64 1.24
N LEU A 44 14.73 -26.81 2.24
CA LEU A 44 14.50 -25.79 3.26
C LEU A 44 14.21 -26.50 4.57
N LYS A 45 15.07 -26.31 5.56
CA LYS A 45 14.99 -27.06 6.81
C LYS A 45 15.23 -28.55 6.53
N GLY A 46 16.04 -28.82 5.50
CA GLY A 46 16.42 -30.19 5.17
C GLY A 46 15.38 -30.95 4.38
N ILE A 47 14.26 -30.30 4.08
CA ILE A 47 13.18 -30.95 3.34
C ILE A 47 13.13 -30.46 1.90
N ALA A 48 13.14 -31.40 0.96
CA ALA A 48 13.16 -31.06 -0.47
C ALA A 48 11.81 -30.59 -0.98
N PRO A 49 11.81 -29.74 -2.02
CA PRO A 49 10.56 -29.24 -2.60
C PRO A 49 9.84 -30.35 -3.35
N LEU A 50 8.60 -30.10 -3.77
CA LEU A 50 7.85 -31.07 -4.55
C LEU A 50 7.84 -30.67 -6.02
N GLN A 51 8.40 -31.53 -6.87
CA GLN A 51 8.45 -31.30 -8.30
C GLN A 51 7.19 -31.81 -9.00
N LEU A 52 6.37 -30.89 -9.51
CA LEU A 52 5.18 -31.29 -10.23
C LEU A 52 5.52 -31.73 -11.66
N GLY A 53 6.57 -31.15 -12.21
CA GLY A 53 7.03 -31.52 -13.53
C GLY A 53 6.09 -31.02 -14.62
N LYS A 54 5.65 -31.93 -15.48
CA LYS A 54 4.71 -31.59 -16.54
C LYS A 54 3.28 -31.61 -16.03
N CYS A 55 3.14 -31.65 -14.70
CA CYS A 55 1.83 -31.63 -14.07
C CYS A 55 1.65 -30.35 -13.27
N ASN A 56 0.39 -29.94 -13.09
CA ASN A 56 0.07 -28.83 -12.19
C ASN A 56 -0.69 -29.35 -10.99
N ILE A 57 -0.99 -28.47 -10.05
CA ILE A 57 -1.71 -28.86 -8.84
C ILE A 57 -2.93 -29.71 -9.14
N ALA A 58 -3.72 -29.30 -10.13
CA ALA A 58 -4.92 -30.03 -10.49
C ALA A 58 -4.61 -31.48 -10.84
N GLY A 59 -3.70 -31.67 -11.79
CA GLY A 59 -3.31 -33.00 -12.21
C GLY A 59 -2.84 -33.84 -11.04
N TRP A 60 -2.04 -33.24 -10.16
CA TRP A 60 -1.50 -33.93 -9.01
C TRP A 60 -2.57 -34.38 -8.02
N LEU A 61 -3.51 -33.49 -7.72
CA LEU A 61 -4.54 -33.77 -6.73
C LEU A 61 -5.64 -34.72 -7.23
N LEU A 62 -5.99 -34.59 -8.51
CA LEU A 62 -7.02 -35.45 -9.08
C LEU A 62 -6.47 -36.84 -9.34
N GLY A 63 -5.20 -36.91 -9.72
CA GLY A 63 -4.58 -38.18 -10.04
C GLY A 63 -4.55 -38.41 -11.54
N ASN A 64 -4.30 -37.35 -12.30
CA ASN A 64 -4.12 -37.45 -13.74
C ASN A 64 -3.05 -38.48 -14.04
N PRO A 65 -3.34 -39.43 -14.95
CA PRO A 65 -2.46 -40.55 -15.31
C PRO A 65 -1.03 -40.14 -15.64
N GLU A 66 -0.84 -38.95 -16.21
CA GLU A 66 0.49 -38.49 -16.55
C GLU A 66 1.30 -38.06 -15.33
N CYS A 67 0.65 -38.01 -14.18
CA CYS A 67 1.26 -37.51 -12.96
C CYS A 67 1.51 -38.60 -11.94
N ASP A 68 1.82 -39.81 -12.39
CA ASP A 68 1.93 -40.96 -11.50
C ASP A 68 3.12 -40.92 -10.55
N LEU A 69 4.17 -40.17 -10.90
CA LEU A 69 5.35 -40.05 -10.05
C LEU A 69 5.03 -39.36 -8.72
N LEU A 70 3.97 -38.56 -8.71
CA LEU A 70 3.61 -37.76 -7.54
C LEU A 70 2.79 -38.57 -6.54
N LEU A 71 2.44 -39.80 -6.92
CA LEU A 71 1.63 -40.66 -6.06
C LEU A 71 2.35 -40.99 -4.75
N THR A 72 3.66 -40.77 -4.74
CA THR A 72 4.49 -41.06 -3.57
C THR A 72 4.71 -39.84 -2.68
N ALA A 73 4.47 -38.66 -3.23
CA ALA A 73 4.62 -37.41 -2.49
C ALA A 73 3.83 -37.42 -1.18
N SER A 74 4.50 -37.03 -0.09
CA SER A 74 3.87 -37.00 1.22
C SER A 74 4.24 -35.73 1.98
N SER A 75 5.48 -35.28 1.81
CA SER A 75 5.95 -34.07 2.48
C SER A 75 6.86 -33.22 1.61
N TRP A 76 6.72 -31.90 1.72
CA TRP A 76 7.47 -30.96 0.90
C TRP A 76 7.72 -29.66 1.64
N SER A 77 8.76 -28.95 1.23
CA SER A 77 9.08 -27.65 1.79
C SER A 77 8.34 -26.55 1.03
N TYR A 78 8.24 -26.74 -0.29
CA TYR A 78 7.50 -25.82 -1.14
C TYR A 78 7.24 -26.47 -2.50
N ILE A 79 6.14 -26.09 -3.14
CA ILE A 79 5.68 -26.74 -4.36
C ILE A 79 6.16 -26.01 -5.62
N VAL A 80 6.65 -26.76 -6.59
CA VAL A 80 7.20 -26.17 -7.80
C VAL A 80 6.50 -26.60 -9.09
N GLU A 81 5.88 -25.64 -9.77
CA GLU A 81 5.35 -25.87 -11.11
C GLU A 81 6.39 -25.41 -12.13
N THR A 82 6.33 -25.96 -13.34
CA THR A 82 7.27 -25.57 -14.38
C THR A 82 6.55 -24.91 -15.56
N SER A 83 7.30 -24.65 -16.63
CA SER A 83 6.73 -24.03 -17.82
C SER A 83 5.91 -25.04 -18.60
N ASN A 84 6.06 -26.30 -18.25
CA ASN A 84 5.40 -27.40 -18.95
C ASN A 84 4.37 -28.12 -18.11
N SER A 85 4.01 -27.51 -16.99
CA SER A 85 2.94 -28.05 -16.16
C SER A 85 1.60 -27.85 -16.86
N GLU A 86 1.33 -28.68 -17.86
CA GLU A 86 0.09 -28.58 -18.64
C GLU A 86 -0.83 -29.78 -18.42
N ASN A 87 -0.40 -30.76 -17.63
CA ASN A 87 -1.22 -31.93 -17.37
C ASN A 87 -1.99 -31.85 -16.07
N GLY A 88 -3.20 -31.30 -16.14
CA GLY A 88 -4.08 -31.24 -15.00
C GLY A 88 -5.42 -31.88 -15.30
N THR A 89 -6.38 -31.05 -15.65
CA THR A 89 -7.71 -31.54 -16.00
C THR A 89 -7.72 -32.14 -17.41
N CYS A 90 -7.72 -33.48 -17.49
CA CYS A 90 -7.65 -34.16 -18.78
C CYS A 90 -9.03 -34.39 -19.43
N TYR A 91 -10.08 -34.40 -18.61
CA TYR A 91 -11.44 -34.34 -19.13
C TYR A 91 -11.93 -32.90 -18.95
N PRO A 92 -12.27 -32.23 -20.06
CA PRO A 92 -12.57 -30.79 -20.05
C PRO A 92 -13.65 -30.41 -19.04
N GLY A 93 -13.52 -29.25 -18.43
CA GLY A 93 -14.50 -28.78 -17.47
C GLY A 93 -13.91 -27.76 -16.52
N ASP A 94 -14.76 -27.18 -15.67
CA ASP A 94 -14.31 -26.17 -14.70
C ASP A 94 -13.86 -26.82 -13.41
N PHE A 95 -12.80 -26.27 -12.82
CA PHE A 95 -12.35 -26.70 -11.51
C PHE A 95 -12.78 -25.64 -10.51
N ILE A 96 -14.00 -25.76 -10.01
CA ILE A 96 -14.57 -24.74 -9.15
C ILE A 96 -13.64 -24.36 -7.99
N ASP A 97 -13.44 -23.06 -7.83
CA ASP A 97 -12.59 -22.53 -6.77
C ASP A 97 -11.20 -23.17 -6.79
N TYR A 98 -10.60 -23.22 -7.96
CA TYR A 98 -9.29 -23.82 -8.13
C TYR A 98 -8.16 -22.95 -7.59
N GLU A 99 -8.30 -21.64 -7.75
CA GLU A 99 -7.30 -20.70 -7.28
C GLU A 99 -7.31 -20.62 -5.75
N GLU A 100 -8.50 -20.78 -5.17
CA GLU A 100 -8.65 -20.83 -3.71
C GLU A 100 -8.02 -22.10 -3.13
N LEU A 101 -8.22 -23.21 -3.84
CA LEU A 101 -7.62 -24.48 -3.43
C LEU A 101 -6.11 -24.37 -3.40
N ARG A 102 -5.54 -23.72 -4.41
CA ARG A 102 -4.10 -23.50 -4.47
C ARG A 102 -3.67 -22.62 -3.30
N GLU A 103 -4.53 -21.69 -2.92
CA GLU A 103 -4.24 -20.82 -1.76
C GLU A 103 -4.17 -21.66 -0.49
N GLN A 104 -5.04 -22.67 -0.39
CA GLN A 104 -5.04 -23.56 0.76
C GLN A 104 -3.77 -24.40 0.82
N LEU A 105 -3.44 -25.03 -0.30
CA LEU A 105 -2.24 -25.86 -0.41
C LEU A 105 -0.96 -25.14 -0.03
N SER A 106 -0.98 -23.82 -0.10
CA SER A 106 0.22 -23.03 0.17
C SER A 106 0.64 -23.09 1.64
N SER A 107 -0.32 -23.32 2.53
CA SER A 107 -0.01 -23.46 3.96
C SER A 107 -0.09 -24.91 4.41
N VAL A 108 0.06 -25.83 3.47
CA VAL A 108 0.09 -27.26 3.78
C VAL A 108 1.50 -27.79 3.55
N SER A 109 2.07 -28.39 4.59
CA SER A 109 3.45 -28.87 4.55
C SER A 109 3.55 -30.35 4.16
N SER A 110 2.49 -31.10 4.43
CA SER A 110 2.45 -32.53 4.12
C SER A 110 1.06 -33.08 4.32
N PHE A 111 0.81 -34.28 3.82
CA PHE A 111 -0.48 -34.93 4.05
C PHE A 111 -0.37 -36.45 3.94
N GLU A 112 -1.42 -37.13 4.39
CA GLU A 112 -1.49 -38.59 4.26
C GLU A 112 -2.63 -38.97 3.34
N LYS A 113 -2.28 -39.46 2.16
CA LYS A 113 -3.26 -39.94 1.22
C LYS A 113 -3.93 -41.19 1.77
N PHE A 114 -5.21 -41.36 1.47
CA PHE A 114 -5.93 -42.56 1.91
C PHE A 114 -7.17 -42.82 1.05
N GLU A 115 -7.67 -44.04 1.13
CA GLU A 115 -8.80 -44.46 0.31
C GLU A 115 -10.10 -44.22 1.07
N ILE A 116 -10.74 -43.09 0.80
CA ILE A 116 -11.95 -42.72 1.52
C ILE A 116 -13.13 -43.66 1.21
N PHE A 117 -13.38 -43.90 -0.07
CA PHE A 117 -14.41 -44.84 -0.48
C PHE A 117 -13.79 -45.92 -1.36
N PRO A 118 -13.32 -47.01 -0.74
CA PRO A 118 -12.67 -48.11 -1.46
C PRO A 118 -13.47 -48.54 -2.68
N LYS A 119 -12.81 -48.57 -3.84
CA LYS A 119 -13.46 -48.86 -5.10
C LYS A 119 -14.24 -50.18 -5.08
N THR A 120 -13.57 -51.24 -4.66
CA THR A 120 -14.11 -52.58 -4.78
C THR A 120 -14.91 -53.03 -3.55
N SER A 121 -15.68 -52.11 -2.96
CA SER A 121 -16.42 -52.45 -1.75
C SER A 121 -17.46 -51.39 -1.37
N SER A 122 -17.37 -50.21 -1.99
CA SER A 122 -18.25 -49.11 -1.62
C SER A 122 -19.53 -49.06 -2.46
N TRP A 123 -19.46 -49.60 -3.67
CA TRP A 123 -20.56 -49.42 -4.63
C TRP A 123 -21.09 -50.75 -5.17
N PRO A 124 -21.81 -51.49 -4.32
CA PRO A 124 -22.34 -52.82 -4.65
C PRO A 124 -23.41 -52.78 -5.73
N ASN A 125 -23.96 -51.61 -6.01
CA ASN A 125 -25.12 -51.50 -6.90
C ASN A 125 -24.88 -50.63 -8.13
N HIS A 126 -23.62 -50.25 -8.36
CA HIS A 126 -23.27 -49.43 -9.51
C HIS A 126 -22.06 -49.99 -10.23
N GLU A 127 -21.89 -49.63 -11.50
CA GLU A 127 -20.74 -50.09 -12.26
C GLU A 127 -19.49 -49.29 -11.89
N THR A 128 -18.49 -49.97 -11.34
CA THR A 128 -17.26 -49.32 -10.90
C THR A 128 -16.17 -49.34 -11.96
N THR A 129 -16.31 -50.22 -12.96
CA THR A 129 -15.41 -50.23 -14.10
C THR A 129 -16.04 -49.43 -15.23
N LYS A 130 -15.49 -49.55 -16.43
CA LYS A 130 -16.02 -48.84 -17.60
C LYS A 130 -15.91 -47.31 -17.50
N GLY A 131 -15.60 -46.81 -16.32
CA GLY A 131 -15.46 -45.37 -16.11
C GLY A 131 -14.15 -44.83 -16.66
N VAL A 132 -13.90 -45.10 -17.93
CA VAL A 132 -12.66 -44.68 -18.57
C VAL A 132 -12.95 -43.83 -19.81
N THR A 133 -11.94 -43.10 -20.27
CA THR A 133 -12.12 -42.20 -21.40
C THR A 133 -10.81 -42.00 -22.15
N ALA A 134 -10.91 -41.75 -23.46
CA ALA A 134 -9.73 -41.52 -24.27
C ALA A 134 -9.04 -40.21 -23.87
N ALA A 135 -9.83 -39.26 -23.37
CA ALA A 135 -9.30 -37.98 -22.92
C ALA A 135 -8.32 -38.16 -21.77
N CYS A 136 -8.56 -39.19 -20.96
CA CYS A 136 -7.65 -39.52 -19.87
C CYS A 136 -6.89 -40.81 -20.17
N SER A 137 -6.46 -40.97 -21.41
CA SER A 137 -5.74 -42.16 -21.84
C SER A 137 -4.43 -42.35 -21.07
N TYR A 138 -3.95 -43.59 -21.03
CA TYR A 138 -2.76 -43.94 -20.26
C TYR A 138 -2.21 -45.27 -20.75
N ALA A 139 -0.98 -45.23 -21.25
CA ALA A 139 -0.33 -46.41 -21.81
C ALA A 139 -1.03 -46.87 -23.10
N GLY A 140 -1.48 -45.90 -23.89
CA GLY A 140 -2.11 -46.17 -25.17
C GLY A 140 -3.56 -46.57 -25.07
N ALA A 141 -4.03 -46.82 -23.85
CA ALA A 141 -5.41 -47.23 -23.64
C ALA A 141 -6.18 -46.18 -22.85
N SER A 142 -7.51 -46.21 -22.95
CA SER A 142 -8.36 -45.29 -22.21
C SER A 142 -8.27 -45.58 -20.72
N SER A 143 -8.18 -44.53 -19.92
CA SER A 143 -8.06 -44.66 -18.46
C SER A 143 -8.87 -43.58 -17.76
N PHE A 144 -8.46 -43.21 -16.56
CA PHE A 144 -9.14 -42.17 -15.80
C PHE A 144 -8.32 -41.73 -14.59
N TYR A 145 -8.79 -40.72 -13.88
CA TYR A 145 -8.13 -40.22 -12.70
C TYR A 145 -7.93 -41.32 -11.67
N ARG A 146 -6.82 -41.27 -10.93
CA ARG A 146 -6.50 -42.30 -9.95
C ARG A 146 -7.24 -42.11 -8.63
N ASN A 147 -7.47 -40.85 -8.27
CA ASN A 147 -8.09 -40.54 -6.98
C ASN A 147 -9.60 -40.37 -7.11
N LEU A 148 -10.10 -40.51 -8.32
CA LEU A 148 -11.53 -40.37 -8.59
C LEU A 148 -12.11 -41.67 -9.17
N LEU A 149 -13.43 -41.84 -9.07
CA LEU A 149 -14.10 -43.03 -9.57
C LEU A 149 -15.40 -42.70 -10.28
N TRP A 150 -15.43 -42.93 -11.60
CA TRP A 150 -16.57 -42.60 -12.44
C TRP A 150 -17.65 -43.68 -12.40
N LEU A 151 -18.63 -43.51 -11.52
CA LEU A 151 -19.72 -44.50 -11.38
C LEU A 151 -20.75 -44.40 -12.51
N THR A 152 -21.14 -45.57 -13.02
CA THR A 152 -22.19 -45.63 -14.04
C THR A 152 -23.28 -46.63 -13.64
N LYS A 153 -24.30 -46.76 -14.48
CA LYS A 153 -25.40 -47.68 -14.19
C LYS A 153 -24.98 -49.14 -14.32
N LYS A 154 -25.53 -49.98 -13.45
CA LYS A 154 -25.23 -51.40 -13.47
C LYS A 154 -26.31 -52.17 -14.24
N GLY A 155 -26.07 -52.34 -15.54
CA GLY A 155 -27.00 -53.05 -16.39
C GLY A 155 -28.37 -52.39 -16.46
N SER A 156 -28.42 -51.21 -17.07
CA SER A 156 -29.66 -50.45 -17.25
C SER A 156 -30.36 -50.10 -15.94
N SER A 157 -29.58 -50.00 -14.86
CA SER A 157 -30.15 -49.66 -13.56
C SER A 157 -29.21 -48.79 -12.73
N TYR A 158 -29.68 -47.60 -12.38
CA TYR A 158 -28.91 -46.69 -11.56
C TYR A 158 -29.71 -46.32 -10.31
N PRO A 159 -29.63 -47.16 -9.27
CA PRO A 159 -30.35 -46.92 -8.02
C PRO A 159 -29.79 -45.70 -7.33
N LYS A 160 -30.62 -44.96 -6.60
CA LYS A 160 -30.13 -43.84 -5.81
C LYS A 160 -29.06 -44.31 -4.84
N LEU A 161 -27.91 -43.62 -4.86
CA LEU A 161 -26.81 -43.98 -3.98
C LEU A 161 -26.66 -42.99 -2.83
N SER A 162 -26.23 -43.50 -1.68
CA SER A 162 -25.92 -42.67 -0.53
C SER A 162 -24.73 -43.27 0.22
N LYS A 163 -23.74 -42.44 0.51
CA LYS A 163 -22.50 -42.89 1.10
C LYS A 163 -21.88 -41.78 1.94
N SER A 164 -21.66 -42.05 3.22
CA SER A 164 -21.10 -41.05 4.11
C SER A 164 -19.71 -41.43 4.59
N TYR A 165 -18.93 -40.43 4.98
CA TYR A 165 -17.61 -40.66 5.58
C TYR A 165 -17.41 -39.75 6.76
N VAL A 166 -16.89 -40.31 7.86
CA VAL A 166 -16.63 -39.54 9.06
C VAL A 166 -15.13 -39.28 9.20
N ASN A 167 -14.78 -38.02 9.46
CA ASN A 167 -13.38 -37.65 9.60
C ASN A 167 -12.82 -38.03 10.98
N ASN A 168 -12.11 -39.16 11.02
CA ASN A 168 -11.48 -39.64 12.26
C ASN A 168 -9.97 -39.41 12.30
N LYS A 169 -9.46 -38.60 11.37
CA LYS A 169 -8.02 -38.45 11.20
C LYS A 169 -7.42 -37.44 12.15
N GLY A 170 -8.26 -36.76 12.92
CA GLY A 170 -7.79 -35.74 13.83
C GLY A 170 -7.17 -34.55 13.11
N LYS A 171 -7.35 -34.50 11.79
CA LYS A 171 -6.96 -33.34 10.99
C LYS A 171 -8.09 -33.01 10.02
N GLU A 172 -7.88 -32.01 9.18
CA GLU A 172 -8.84 -31.75 8.12
C GLU A 172 -8.55 -32.66 6.92
N VAL A 173 -9.62 -33.20 6.34
CA VAL A 173 -9.50 -34.04 5.16
C VAL A 173 -9.86 -33.25 3.90
N LEU A 174 -9.03 -33.36 2.86
CA LEU A 174 -9.35 -32.74 1.58
C LEU A 174 -10.09 -33.74 0.71
N VAL A 175 -11.35 -33.46 0.45
CA VAL A 175 -12.16 -34.37 -0.35
C VAL A 175 -12.43 -33.76 -1.72
N LEU A 176 -12.21 -34.54 -2.78
CA LEU A 176 -12.49 -34.08 -4.13
C LEU A 176 -13.48 -35.01 -4.83
N TRP A 177 -14.40 -34.42 -5.58
CA TRP A 177 -15.30 -35.21 -6.41
C TRP A 177 -15.57 -34.47 -7.71
N GLY A 178 -16.47 -35.03 -8.52
CA GLY A 178 -16.78 -34.42 -9.79
C GLY A 178 -18.22 -34.65 -10.20
N VAL A 179 -18.72 -33.80 -11.08
CA VAL A 179 -20.04 -33.97 -11.65
C VAL A 179 -19.89 -33.96 -13.17
N HIS A 180 -20.48 -34.97 -13.81
CA HIS A 180 -20.35 -35.11 -15.25
C HIS A 180 -21.57 -34.53 -15.98
N HIS A 181 -21.30 -33.78 -17.04
CA HIS A 181 -22.36 -33.17 -17.84
C HIS A 181 -22.29 -33.65 -19.28
N PRO A 182 -23.09 -34.66 -19.63
CA PRO A 182 -23.14 -35.24 -20.98
C PRO A 182 -23.59 -34.22 -22.02
N PRO A 183 -23.34 -34.51 -23.31
CA PRO A 183 -23.74 -33.65 -24.43
C PRO A 183 -25.20 -33.85 -24.87
N THR A 184 -25.72 -35.06 -24.69
CA THR A 184 -27.07 -35.38 -25.15
C THR A 184 -27.83 -36.25 -24.14
N GLY A 185 -29.15 -36.19 -24.21
CA GLY A 185 -30.00 -37.02 -23.36
C GLY A 185 -29.79 -38.50 -23.61
N THR A 186 -29.41 -38.84 -24.84
CA THR A 186 -29.11 -40.22 -25.19
C THR A 186 -27.98 -40.74 -24.33
N ASP A 187 -26.88 -39.98 -24.26
CA ASP A 187 -25.73 -40.35 -23.45
C ASP A 187 -26.10 -40.42 -21.97
N GLN A 188 -26.84 -39.42 -21.50
CA GLN A 188 -27.30 -39.41 -20.12
C GLN A 188 -27.90 -40.75 -19.70
N GLN A 189 -28.75 -41.31 -20.55
CA GLN A 189 -29.37 -42.60 -20.27
C GLN A 189 -28.39 -43.75 -20.38
N SER A 190 -27.55 -43.70 -21.41
CA SER A 190 -26.56 -44.76 -21.61
C SER A 190 -25.64 -44.84 -20.41
N LEU A 191 -25.36 -43.67 -19.82
CA LEU A 191 -24.44 -43.59 -18.70
C LEU A 191 -25.10 -43.80 -17.34
N TYR A 192 -26.25 -43.16 -17.15
CA TYR A 192 -26.97 -43.20 -15.87
C TYR A 192 -28.32 -43.89 -15.76
N GLN A 193 -28.90 -44.37 -16.86
CA GLN A 193 -30.25 -44.95 -16.85
C GLN A 193 -31.24 -44.14 -16.10
N ASN A 194 -31.20 -42.83 -16.21
CA ASN A 194 -31.97 -41.97 -15.32
C ASN A 194 -32.01 -40.56 -15.79
N ALA A 195 -33.01 -40.23 -16.55
CA ALA A 195 -32.94 -39.01 -17.35
C ALA A 195 -33.00 -37.75 -16.50
N ASP A 196 -33.52 -37.87 -15.28
CA ASP A 196 -33.62 -36.73 -14.37
C ASP A 196 -32.81 -36.97 -13.11
N ALA A 197 -31.51 -36.66 -13.17
CA ALA A 197 -30.59 -36.97 -12.09
C ALA A 197 -30.12 -35.74 -11.32
N TYR A 198 -29.60 -35.97 -10.12
CA TYR A 198 -29.06 -34.91 -9.29
C TYR A 198 -27.92 -35.44 -8.44
N VAL A 199 -27.04 -34.55 -8.00
CA VAL A 199 -25.95 -34.90 -7.10
C VAL A 199 -25.98 -33.98 -5.88
N SER A 200 -26.18 -34.56 -4.71
CA SER A 200 -26.23 -33.75 -3.49
C SER A 200 -25.03 -34.08 -2.60
N VAL A 201 -24.42 -33.04 -2.03
CA VAL A 201 -23.22 -33.20 -1.20
C VAL A 201 -23.29 -32.28 0.01
N GLY A 202 -23.13 -32.82 1.20
CA GLY A 202 -23.24 -32.02 2.39
C GLY A 202 -22.51 -32.53 3.63
N SER A 203 -21.84 -31.61 4.30
CA SER A 203 -21.23 -31.88 5.60
C SER A 203 -21.91 -30.98 6.62
N SER A 204 -21.19 -30.64 7.68
CA SER A 204 -21.75 -29.70 8.65
C SER A 204 -21.70 -28.26 8.15
N LYS A 205 -20.73 -27.94 7.30
CA LYS A 205 -20.60 -26.59 6.76
C LYS A 205 -20.77 -26.52 5.24
N TYR A 206 -20.95 -27.67 4.61
CA TYR A 206 -21.14 -27.70 3.16
C TYR A 206 -22.51 -28.29 2.80
N ASN A 207 -23.20 -27.65 1.86
CA ASN A 207 -24.45 -28.17 1.32
C ASN A 207 -24.71 -27.61 -0.07
N ARG A 208 -24.70 -28.48 -1.09
CA ARG A 208 -24.84 -28.01 -2.46
C ARG A 208 -25.33 -29.09 -3.41
N ARG A 209 -26.33 -28.75 -4.22
CA ARG A 209 -26.96 -29.68 -5.14
C ARG A 209 -26.47 -29.41 -6.55
N PHE A 210 -26.13 -30.46 -7.28
CA PHE A 210 -25.65 -30.31 -8.64
C PHE A 210 -26.59 -31.02 -9.60
N THR A 211 -26.84 -30.41 -10.75
CA THR A 211 -27.74 -30.99 -11.73
C THR A 211 -27.07 -31.05 -13.11
N PRO A 212 -27.27 -32.17 -13.81
CA PRO A 212 -26.72 -32.39 -15.15
C PRO A 212 -27.10 -31.25 -16.07
N GLU A 213 -26.10 -30.63 -16.69
CA GLU A 213 -26.37 -29.57 -17.66
C GLU A 213 -26.19 -30.07 -19.09
N ILE A 214 -27.00 -31.06 -19.47
CA ILE A 214 -26.95 -31.65 -20.80
C ILE A 214 -27.04 -30.56 -21.88
N ALA A 215 -26.17 -30.65 -22.87
CA ALA A 215 -26.07 -29.61 -23.89
C ALA A 215 -25.01 -29.95 -24.94
N ALA A 216 -25.12 -29.33 -26.11
CA ALA A 216 -24.17 -29.57 -27.19
C ALA A 216 -23.08 -28.52 -27.17
N ARG A 217 -21.84 -28.98 -27.10
CA ARG A 217 -20.70 -28.07 -27.01
C ARG A 217 -19.61 -28.53 -27.98
N PRO A 218 -18.66 -27.64 -28.29
CA PRO A 218 -17.48 -27.98 -29.10
C PRO A 218 -16.70 -29.07 -28.40
N LYS A 219 -16.02 -29.93 -29.16
CA LYS A 219 -15.24 -31.01 -28.57
C LYS A 219 -13.88 -30.51 -28.07
N VAL A 220 -13.58 -30.81 -26.82
CA VAL A 220 -12.29 -30.47 -26.23
C VAL A 220 -11.58 -31.75 -25.84
N ARG A 221 -10.48 -32.05 -26.52
CA ARG A 221 -9.82 -33.34 -26.37
C ARG A 221 -10.84 -34.43 -26.71
N GLY A 222 -11.59 -34.20 -27.77
CA GLY A 222 -12.55 -35.16 -28.28
C GLY A 222 -13.76 -35.38 -27.38
N GLN A 223 -14.09 -34.39 -26.56
CA GLN A 223 -15.20 -34.53 -25.63
C GLN A 223 -16.19 -33.36 -25.70
N ALA A 224 -17.40 -33.65 -26.18
CA ALA A 224 -18.47 -32.68 -26.16
C ALA A 224 -19.05 -32.62 -24.74
N GLY A 225 -18.78 -33.67 -23.97
CA GLY A 225 -19.14 -33.71 -22.58
C GLY A 225 -18.19 -32.88 -21.74
N ARG A 226 -18.62 -32.54 -20.53
CA ARG A 226 -17.80 -31.73 -19.62
C ARG A 226 -17.78 -32.37 -18.23
N MET A 227 -16.83 -31.96 -17.41
CA MET A 227 -16.74 -32.46 -16.04
C MET A 227 -16.29 -31.35 -15.09
N ASN A 228 -17.14 -31.00 -14.13
CA ASN A 228 -16.75 -30.02 -13.13
C ASN A 228 -16.16 -30.70 -11.91
N TYR A 229 -15.13 -30.07 -11.34
CA TYR A 229 -14.42 -30.66 -10.23
C TYR A 229 -14.60 -29.81 -8.98
N TYR A 230 -14.91 -30.47 -7.87
CA TYR A 230 -15.22 -29.77 -6.63
C TYR A 230 -14.37 -30.28 -5.49
N TRP A 231 -14.31 -29.53 -4.41
CA TRP A 231 -13.52 -29.94 -3.25
C TRP A 231 -14.06 -29.33 -1.98
N THR A 232 -13.67 -29.90 -0.84
CA THR A 232 -14.06 -29.36 0.46
C THR A 232 -13.11 -29.82 1.55
N LEU A 233 -12.89 -28.97 2.54
CA LEU A 233 -12.11 -29.36 3.71
C LEU A 233 -13.05 -29.83 4.80
N LEU A 234 -12.96 -31.12 5.13
CA LEU A 234 -13.80 -31.70 6.15
C LEU A 234 -13.09 -31.59 7.49
N GLU A 235 -13.68 -30.84 8.41
CA GLU A 235 -13.10 -30.64 9.74
C GLU A 235 -13.11 -31.94 10.55
N PRO A 236 -12.18 -32.05 11.52
CA PRO A 236 -12.03 -33.26 12.33
C PRO A 236 -13.34 -33.63 13.02
N GLY A 237 -13.80 -34.85 12.80
CA GLY A 237 -15.00 -35.35 13.43
C GLY A 237 -16.27 -34.96 12.70
N ASP A 238 -16.12 -34.31 11.55
CA ASP A 238 -17.29 -33.95 10.75
C ASP A 238 -17.55 -35.00 9.66
N THR A 239 -18.82 -35.16 9.32
CA THR A 239 -19.22 -36.16 8.33
C THR A 239 -19.52 -35.48 6.99
N ILE A 240 -19.31 -36.21 5.90
CA ILE A 240 -19.73 -35.74 4.59
C ILE A 240 -20.60 -36.81 3.91
N THR A 241 -21.74 -36.38 3.37
CA THR A 241 -22.67 -37.31 2.75
C THR A 241 -22.79 -37.08 1.24
N PHE A 242 -22.81 -38.18 0.49
CA PHE A 242 -23.03 -38.11 -0.95
C PHE A 242 -24.32 -38.82 -1.33
N GLU A 243 -25.23 -38.10 -1.98
CA GLU A 243 -26.41 -38.71 -2.59
C GLU A 243 -26.42 -38.41 -4.07
N ALA A 244 -26.71 -39.41 -4.89
CA ALA A 244 -26.74 -39.19 -6.33
C ALA A 244 -27.71 -40.14 -7.03
N THR A 245 -28.37 -39.62 -8.06
CA THR A 245 -29.18 -40.44 -8.93
C THR A 245 -28.51 -40.48 -10.30
N GLY A 246 -27.27 -40.00 -10.34
CA GLY A 246 -26.45 -40.05 -11.53
C GLY A 246 -25.40 -38.97 -11.57
N ASN A 247 -24.50 -39.05 -12.55
CA ASN A 247 -23.58 -37.97 -12.86
C ASN A 247 -22.51 -37.69 -11.80
N LEU A 248 -22.39 -38.57 -10.82
CA LEU A 248 -21.42 -38.35 -9.74
C LEU A 248 -20.08 -39.00 -10.03
N ILE A 249 -19.05 -38.18 -10.14
CA ILE A 249 -17.67 -38.67 -10.13
C ILE A 249 -17.25 -38.78 -8.67
N ALA A 250 -17.41 -39.96 -8.10
CA ALA A 250 -17.25 -40.16 -6.67
C ALA A 250 -15.81 -40.07 -6.21
N PRO A 251 -15.60 -39.63 -4.97
CA PRO A 251 -14.26 -39.61 -4.38
C PRO A 251 -13.77 -41.03 -4.16
N TRP A 252 -12.52 -41.29 -4.55
CA TRP A 252 -11.91 -42.59 -4.33
C TRP A 252 -10.83 -42.47 -3.25
N TYR A 253 -9.93 -41.51 -3.44
CA TYR A 253 -8.88 -41.22 -2.47
C TYR A 253 -8.97 -39.77 -1.98
N ALA A 254 -8.82 -39.58 -0.67
CA ALA A 254 -8.78 -38.24 -0.09
C ALA A 254 -7.40 -37.94 0.49
N PHE A 255 -7.27 -36.83 1.22
CA PHE A 255 -5.99 -36.45 1.80
C PHE A 255 -6.17 -35.85 3.19
N ALA A 256 -5.45 -36.39 4.16
CA ALA A 256 -5.42 -35.81 5.50
C ALA A 256 -4.28 -34.78 5.59
N LEU A 257 -4.64 -33.51 5.70
CA LEU A 257 -3.66 -32.43 5.58
C LEU A 257 -2.93 -32.12 6.87
N ASN A 258 -1.67 -31.73 6.74
CA ASN A 258 -0.89 -31.21 7.86
C ASN A 258 -0.50 -29.75 7.61
N ARG A 259 -0.99 -28.84 8.45
CA ARG A 259 -0.72 -27.42 8.26
C ARG A 259 0.72 -27.04 8.63
N GLY A 260 1.22 -25.98 8.01
CA GLY A 260 2.54 -25.46 8.28
C GLY A 260 2.79 -24.19 7.49
N SER A 261 2.93 -23.07 8.18
CA SER A 261 3.22 -21.80 7.52
C SER A 261 4.65 -21.79 6.97
N GLY A 262 4.95 -20.83 6.11
CA GLY A 262 6.28 -20.71 5.55
C GLY A 262 6.46 -21.54 4.30
N SER A 263 5.36 -22.07 3.78
CA SER A 263 5.40 -22.83 2.53
C SER A 263 4.73 -22.01 1.43
N GLY A 264 4.77 -22.52 0.20
CA GLY A 264 4.15 -21.83 -0.91
C GLY A 264 4.39 -22.51 -2.25
N ILE A 265 3.81 -21.95 -3.30
CA ILE A 265 3.99 -22.47 -4.65
C ILE A 265 4.72 -21.46 -5.52
N ILE A 266 5.72 -21.92 -6.25
CA ILE A 266 6.44 -21.05 -7.16
C ILE A 266 6.51 -21.66 -8.56
N THR A 267 6.83 -20.83 -9.54
CA THR A 267 7.01 -21.31 -10.91
C THR A 267 8.47 -21.14 -11.29
N SER A 268 9.13 -22.23 -11.68
CA SER A 268 10.57 -22.19 -11.94
C SER A 268 11.06 -23.31 -12.85
N ASP A 269 12.02 -22.99 -13.70
CA ASP A 269 12.65 -23.97 -14.59
C ASP A 269 14.06 -24.30 -14.13
N ALA A 270 14.46 -23.73 -13.00
CA ALA A 270 15.75 -24.03 -12.39
C ALA A 270 15.70 -25.42 -11.77
N PRO A 271 16.82 -26.17 -11.87
CA PRO A 271 16.91 -27.57 -11.42
C PRO A 271 16.97 -27.73 -9.89
N VAL A 272 16.42 -28.83 -9.40
CA VAL A 272 16.51 -29.16 -7.98
C VAL A 272 17.85 -29.83 -7.69
N HIS A 273 18.45 -29.48 -6.56
CA HIS A 273 19.74 -30.06 -6.17
C HIS A 273 19.77 -30.38 -4.69
N ASP A 274 20.62 -31.33 -4.31
CA ASP A 274 20.76 -31.72 -2.92
C ASP A 274 21.58 -30.69 -2.15
N CYS A 275 20.99 -29.52 -1.93
CA CYS A 275 21.61 -28.48 -1.11
C CYS A 275 20.55 -27.93 -0.14
N ASN A 276 20.98 -27.07 0.77
CA ASN A 276 20.06 -26.44 1.71
C ASN A 276 20.11 -24.93 1.57
N THR A 277 19.16 -24.25 2.20
CA THR A 277 19.11 -22.80 2.16
C THR A 277 18.03 -22.29 3.12
N LYS A 278 18.14 -21.02 3.51
CA LYS A 278 17.15 -20.39 4.36
C LYS A 278 16.33 -19.42 3.53
N CYS A 279 16.68 -19.32 2.25
CA CYS A 279 15.98 -18.45 1.32
C CYS A 279 15.99 -19.02 -0.09
N GLN A 280 14.81 -19.17 -0.67
CA GLN A 280 14.67 -19.72 -2.00
C GLN A 280 13.90 -18.79 -2.93
N THR A 281 14.35 -18.68 -4.17
CA THR A 281 13.66 -17.90 -5.17
C THR A 281 13.54 -18.70 -6.46
N PRO A 282 12.58 -18.35 -7.33
CA PRO A 282 12.43 -19.01 -8.63
C PRO A 282 13.74 -19.11 -9.41
N HIS A 283 14.61 -18.11 -9.30
CA HIS A 283 15.89 -18.14 -9.99
C HIS A 283 16.91 -19.05 -9.29
N GLY A 284 16.89 -19.04 -7.96
CA GLY A 284 17.81 -19.85 -7.19
C GLY A 284 17.83 -19.48 -5.71
N ALA A 285 18.71 -20.12 -4.95
CA ALA A 285 18.79 -19.86 -3.51
C ALA A 285 19.65 -18.65 -3.22
N ILE A 286 19.65 -18.21 -1.96
CA ILE A 286 20.40 -17.03 -1.54
C ILE A 286 21.00 -17.18 -0.15
N ASN A 287 22.32 -17.28 -0.07
CA ASN A 287 23.00 -17.32 1.22
C ASN A 287 23.59 -15.96 1.55
N SER A 288 22.77 -15.10 2.16
CA SER A 288 23.17 -13.73 2.45
C SER A 288 22.45 -13.16 3.67
N SER A 289 23.09 -12.17 4.29
CA SER A 289 22.49 -11.47 5.42
C SER A 289 22.27 -10.00 5.07
N LEU A 290 22.43 -9.67 3.80
CA LEU A 290 22.17 -8.31 3.31
C LEU A 290 20.69 -7.98 3.44
N PRO A 291 20.37 -6.70 3.66
CA PRO A 291 18.98 -6.26 3.86
C PRO A 291 18.17 -6.20 2.56
N PHE A 292 18.84 -6.27 1.41
CA PHE A 292 18.13 -6.13 0.15
C PHE A 292 18.60 -7.11 -0.92
N GLN A 293 17.74 -7.34 -1.91
CA GLN A 293 18.08 -8.18 -3.06
C GLN A 293 17.22 -7.79 -4.26
N ASN A 294 17.83 -7.82 -5.44
CA ASN A 294 17.11 -7.47 -6.66
C ASN A 294 16.92 -8.67 -7.57
N ILE A 295 16.96 -9.87 -6.97
CA ILE A 295 16.85 -11.11 -7.73
C ILE A 295 15.43 -11.41 -8.16
N HIS A 296 14.48 -11.34 -7.24
CA HIS A 296 13.11 -11.74 -7.52
C HIS A 296 12.18 -11.37 -6.38
N PRO A 297 10.93 -11.02 -6.71
CA PRO A 297 9.89 -10.70 -5.71
C PRO A 297 9.39 -11.93 -4.98
N VAL A 298 9.29 -13.05 -5.69
CA VAL A 298 8.78 -14.28 -5.12
C VAL A 298 9.84 -14.93 -4.24
N THR A 299 9.51 -15.13 -2.98
CA THR A 299 10.47 -15.58 -1.98
C THR A 299 9.90 -16.64 -1.06
N ILE A 300 10.74 -17.57 -0.63
CA ILE A 300 10.35 -18.58 0.35
C ILE A 300 11.38 -18.73 1.46
N GLY A 301 10.96 -18.47 2.69
CA GLY A 301 11.85 -18.54 3.83
C GLY A 301 12.18 -17.17 4.39
N GLU A 302 13.35 -17.04 5.00
CA GLU A 302 13.82 -15.75 5.49
C GLU A 302 14.71 -15.11 4.43
N CYS A 303 14.20 -14.06 3.80
CA CYS A 303 14.90 -13.44 2.69
C CYS A 303 15.06 -11.94 2.87
N PRO A 304 16.00 -11.34 2.11
CA PRO A 304 16.19 -9.88 2.10
C PRO A 304 15.08 -9.19 1.32
N LYS A 305 14.60 -8.06 1.85
CA LYS A 305 13.57 -7.27 1.18
C LYS A 305 13.88 -7.06 -0.30
N TYR A 306 12.92 -7.38 -1.16
CA TYR A 306 13.14 -7.22 -2.60
C TYR A 306 12.97 -5.78 -3.05
N VAL A 307 13.81 -5.37 -4.01
CA VAL A 307 13.83 -4.00 -4.48
C VAL A 307 14.38 -3.96 -5.91
N ARG A 308 13.97 -2.96 -6.68
CA ARG A 308 14.37 -2.88 -8.09
C ARG A 308 15.80 -2.38 -8.32
N SER A 309 16.38 -1.77 -7.30
CA SER A 309 17.68 -1.12 -7.42
C SER A 309 18.76 -1.98 -8.07
N THR A 310 19.63 -1.35 -8.84
CA THR A 310 20.75 -2.04 -9.47
C THR A 310 21.96 -1.94 -8.56
N LYS A 311 22.02 -0.86 -7.79
CA LYS A 311 23.13 -0.62 -6.88
C LYS A 311 22.61 -0.02 -5.57
N LEU A 312 23.13 -0.54 -4.45
CA LEU A 312 22.83 0.01 -3.14
C LEU A 312 24.07 -0.08 -2.25
N ARG A 313 25.03 0.81 -2.49
CA ARG A 313 26.28 0.81 -1.73
C ARG A 313 26.36 2.06 -0.86
N MET A 314 26.49 1.87 0.45
CA MET A 314 26.52 2.98 1.38
C MET A 314 27.93 3.23 1.93
N ALA A 315 28.31 4.50 1.99
CA ALA A 315 29.66 4.87 2.39
C ALA A 315 29.88 4.72 3.89
N THR A 316 31.05 4.21 4.25
CA THR A 316 31.46 4.09 5.65
C THR A 316 32.73 4.89 5.92
N GLY A 317 33.68 4.81 4.98
CA GLY A 317 34.91 5.58 5.08
C GLY A 317 34.73 6.97 4.47
N LEU A 318 35.84 7.69 4.31
CA LEU A 318 35.80 9.05 3.77
C LEU A 318 36.22 9.06 2.30
N ARG A 319 36.14 10.24 1.68
CA ARG A 319 36.61 10.45 0.32
C ARG A 319 38.03 9.91 0.14
N ASN A 320 38.29 9.24 -0.98
CA ASN A 320 39.61 8.69 -1.23
C ASN A 320 40.43 9.60 -2.16
N ILE A 321 41.46 10.23 -1.61
CA ILE A 321 42.30 11.16 -2.36
C ILE A 321 43.79 10.86 -2.17
N PRO A 322 44.32 9.90 -2.93
CA PRO A 322 45.75 9.58 -2.88
C PRO A 322 46.63 10.72 -3.40
N ALA A 323 46.19 11.36 -4.48
CA ALA A 323 46.94 12.47 -5.09
C ALA A 323 48.44 12.20 -5.15
N ARG A 324 48.80 11.06 -5.74
CA ARG A 324 50.20 10.63 -5.81
C ARG A 324 51.12 11.69 -6.41
N GLY B 1 33.52 19.75 0.32
CA GLY B 1 33.26 19.48 1.72
C GLY B 1 32.35 20.51 2.36
N LEU B 2 31.49 20.05 3.27
CA LEU B 2 30.56 20.95 3.94
C LEU B 2 31.27 21.74 5.04
N PHE B 3 32.41 21.21 5.49
CA PHE B 3 33.17 21.85 6.55
C PHE B 3 34.57 22.26 6.08
N GLY B 4 34.80 22.13 4.78
CA GLY B 4 36.00 22.66 4.15
C GLY B 4 37.30 22.00 4.54
N ALA B 5 37.24 20.99 5.40
CA ALA B 5 38.45 20.31 5.85
C ALA B 5 38.96 19.33 4.79
N ILE B 6 38.24 18.24 4.60
CA ILE B 6 38.60 17.24 3.60
C ILE B 6 38.42 17.80 2.20
N ALA B 7 39.40 17.53 1.33
CA ALA B 7 39.41 18.08 -0.01
C ALA B 7 39.29 19.59 0.01
N GLY B 8 39.57 20.19 1.16
CA GLY B 8 39.49 21.62 1.34
C GLY B 8 40.83 22.22 1.68
N PHE B 9 40.96 22.74 2.89
CA PHE B 9 42.23 23.34 3.31
C PHE B 9 43.30 22.27 3.54
N ILE B 10 42.86 21.02 3.64
CA ILE B 10 43.76 19.88 3.61
C ILE B 10 43.50 19.12 2.32
N GLU B 11 44.27 19.45 1.28
CA GLU B 11 43.98 19.02 -0.08
C GLU B 11 43.98 17.51 -0.30
N GLY B 12 44.88 16.79 0.37
CA GLY B 12 45.02 15.37 0.10
C GLY B 12 44.95 14.45 1.31
N GLY B 13 44.80 13.16 1.03
CA GLY B 13 44.80 12.14 2.06
C GLY B 13 46.11 11.38 2.08
N TRP B 14 46.36 10.71 3.21
CA TRP B 14 47.64 10.03 3.41
C TRP B 14 47.52 8.53 3.25
N THR B 15 48.07 7.99 2.17
CA THR B 15 48.09 6.54 1.97
C THR B 15 49.06 5.89 2.94
N GLY B 16 49.87 6.70 3.59
CA GLY B 16 50.89 6.20 4.51
C GLY B 16 50.34 5.88 5.89
N MET B 17 49.27 6.57 6.28
CA MET B 17 48.62 6.29 7.55
C MET B 17 47.60 5.17 7.37
N ILE B 18 47.91 4.00 7.90
CA ILE B 18 47.09 2.81 7.65
C ILE B 18 46.44 2.23 8.90
N ASP B 19 46.62 2.89 10.04
CA ASP B 19 46.08 2.38 11.30
C ASP B 19 44.87 3.16 11.81
N GLY B 20 44.33 4.05 10.99
CA GLY B 20 43.19 4.87 11.38
C GLY B 20 42.66 5.79 10.30
N TRP B 21 41.53 6.45 10.59
CA TRP B 21 40.88 7.34 9.63
C TRP B 21 41.45 8.75 9.67
N TYR B 22 41.68 9.25 10.88
CA TYR B 22 42.31 10.56 11.08
C TYR B 22 43.57 10.39 11.92
N GLY B 23 44.55 11.26 11.69
CA GLY B 23 45.78 11.23 12.46
C GLY B 23 46.71 12.38 12.18
N TYR B 24 47.95 12.25 12.64
CA TYR B 24 48.95 13.31 12.50
C TYR B 24 50.15 12.77 11.73
N HIS B 25 51.02 13.66 11.33
CA HIS B 25 52.32 13.27 10.89
C HIS B 25 53.26 14.30 11.44
N HIS B 26 54.13 13.95 12.35
CA HIS B 26 55.02 14.97 12.79
C HIS B 26 56.31 14.77 12.09
N GLN B 27 57.06 15.84 11.94
CA GLN B 27 58.45 15.69 11.54
C GLN B 27 59.38 16.21 12.62
N ASN B 28 60.18 15.30 13.18
CA ASN B 28 61.00 15.62 14.33
C ASN B 28 62.48 15.60 14.00
N GLU B 29 63.31 16.01 14.97
CA GLU B 29 64.75 15.83 14.85
C GLU B 29 65.08 14.35 15.05
N GLN B 30 64.19 13.64 15.72
CA GLN B 30 64.34 12.20 15.91
C GLN B 30 63.83 11.42 14.71
N GLY B 31 63.06 12.07 13.86
CA GLY B 31 62.57 11.46 12.63
C GLY B 31 61.11 11.78 12.34
N SER B 32 60.58 11.17 11.27
CA SER B 32 59.21 11.39 10.86
C SER B 32 58.32 10.23 11.32
N GLY B 33 57.25 9.97 10.58
CA GLY B 33 56.34 8.88 10.89
C GLY B 33 54.89 9.32 10.92
N TYR B 34 53.97 8.35 10.95
CA TYR B 34 52.55 8.64 11.03
C TYR B 34 51.96 8.08 12.32
N ALA B 35 50.83 8.62 12.74
CA ALA B 35 50.15 8.15 13.94
C ALA B 35 48.67 8.51 13.90
N ALA B 36 47.81 7.50 13.98
CA ALA B 36 46.37 7.72 13.98
C ALA B 36 45.87 8.11 15.37
N ASP B 37 44.80 8.90 15.40
CA ASP B 37 44.20 9.31 16.67
C ASP B 37 43.12 8.32 17.12
N GLN B 38 43.42 7.55 18.16
CA GLN B 38 42.49 6.57 18.70
C GLN B 38 41.17 7.23 19.06
N LYS B 39 41.25 8.20 19.97
CA LYS B 39 40.07 8.87 20.52
C LYS B 39 39.03 9.21 19.47
N SER B 40 39.45 9.86 18.40
CA SER B 40 38.52 10.37 17.40
C SER B 40 38.19 9.35 16.30
N THR B 41 39.09 8.41 16.07
CA THR B 41 38.85 7.36 15.08
C THR B 41 37.88 6.31 15.61
N GLN B 42 37.94 6.05 16.91
CA GLN B 42 37.06 5.07 17.55
C GLN B 42 35.63 5.60 17.62
N ASN B 43 35.49 6.87 17.95
CA ASN B 43 34.16 7.50 18.03
C ASN B 43 33.47 7.57 16.67
N ALA B 44 34.26 7.65 15.61
CA ALA B 44 33.72 7.66 14.26
C ALA B 44 33.24 6.26 13.90
N ILE B 45 34.07 5.26 14.17
CA ILE B 45 33.74 3.87 13.90
C ILE B 45 32.48 3.45 14.66
N ASP B 46 32.41 3.80 15.94
CA ASP B 46 31.24 3.47 16.75
C ASP B 46 29.99 4.12 16.17
N GLY B 47 30.13 5.37 15.72
CA GLY B 47 29.00 6.10 15.18
C GLY B 47 28.53 5.57 13.84
N ILE B 48 29.47 5.33 12.93
CA ILE B 48 29.14 4.79 11.62
C ILE B 48 28.57 3.38 11.72
N THR B 49 29.25 2.52 12.48
CA THR B 49 28.73 1.19 12.75
C THR B 49 27.28 1.31 13.19
N ASN B 50 27.05 2.21 14.14
CA ASN B 50 25.72 2.45 14.67
C ASN B 50 24.76 2.85 13.57
N LYS B 51 25.19 3.78 12.71
CA LYS B 51 24.36 4.26 11.60
C LYS B 51 23.90 3.10 10.72
N VAL B 52 24.83 2.25 10.33
CA VAL B 52 24.52 1.09 9.50
C VAL B 52 23.53 0.16 10.19
N ASN B 53 23.79 -0.18 11.44
CA ASN B 53 22.90 -1.05 12.21
C ASN B 53 21.52 -0.44 12.39
N SER B 54 21.46 0.88 12.51
CA SER B 54 20.18 1.57 12.62
C SER B 54 19.40 1.39 11.33
N VAL B 55 20.10 1.53 10.21
CA VAL B 55 19.49 1.39 8.89
C VAL B 55 18.91 0.00 8.68
N ILE B 56 19.70 -1.02 8.99
CA ILE B 56 19.26 -2.40 8.79
C ILE B 56 18.05 -2.76 9.64
N GLU B 57 18.04 -2.30 10.89
CA GLU B 57 16.92 -2.58 11.79
C GLU B 57 15.60 -2.07 11.24
N LYS B 58 15.63 -0.89 10.63
CA LYS B 58 14.42 -0.28 10.10
C LYS B 58 13.87 -1.03 8.90
N MET B 59 14.75 -1.63 8.11
CA MET B 59 14.36 -2.41 6.96
C MET B 59 14.24 -3.88 7.34
N ASN B 60 13.11 -4.27 7.94
CA ASN B 60 12.91 -5.66 8.35
C ASN B 60 12.78 -6.60 7.16
N THR B 61 13.23 -7.84 7.36
CA THR B 61 13.32 -8.82 6.28
C THR B 61 11.99 -9.13 5.59
N GLN B 62 12.01 -10.10 4.69
CA GLN B 62 10.84 -10.48 3.93
C GLN B 62 10.60 -11.98 4.03
N PHE B 63 9.47 -12.34 4.66
CA PHE B 63 9.11 -13.75 4.80
C PHE B 63 8.48 -14.30 3.52
N THR B 64 7.80 -15.43 3.64
CA THR B 64 7.21 -16.09 2.48
C THR B 64 6.28 -15.17 1.71
N ALA B 65 6.67 -14.84 0.48
CA ALA B 65 5.89 -13.94 -0.37
C ALA B 65 5.64 -14.57 -1.74
N VAL B 66 4.50 -15.23 -1.87
CA VAL B 66 4.13 -15.89 -3.13
C VAL B 66 2.97 -15.17 -3.81
N GLY B 67 2.81 -15.41 -5.11
CA GLY B 67 1.75 -14.77 -5.88
C GLY B 67 0.43 -15.54 -5.84
N LYS B 68 -0.65 -14.89 -6.24
CA LYS B 68 -1.96 -15.52 -6.26
C LYS B 68 -2.45 -15.67 -7.70
N GLU B 69 -3.20 -16.73 -7.96
CA GLU B 69 -3.80 -16.94 -9.27
C GLU B 69 -5.24 -16.40 -9.29
N PHE B 70 -5.71 -16.04 -10.48
CA PHE B 70 -7.10 -15.58 -10.65
C PHE B 70 -7.64 -16.15 -11.96
N ASN B 71 -8.94 -16.42 -11.99
CA ASN B 71 -9.58 -16.87 -13.23
C ASN B 71 -9.97 -15.69 -14.12
N ASN B 72 -10.47 -16.00 -15.32
CA ASN B 72 -10.76 -14.99 -16.32
C ASN B 72 -11.87 -14.00 -15.95
N LEU B 73 -12.54 -14.25 -14.83
CA LEU B 73 -13.62 -13.36 -14.37
C LEU B 73 -13.26 -12.64 -13.08
N GLU B 74 -11.98 -12.68 -12.73
CA GLU B 74 -11.47 -11.96 -11.57
C GLU B 74 -10.36 -11.01 -12.01
N ARG B 75 -10.55 -10.37 -13.16
CA ARG B 75 -9.54 -9.48 -13.72
C ARG B 75 -9.40 -8.19 -12.92
N ARG B 76 -10.48 -7.72 -12.33
CA ARG B 76 -10.44 -6.56 -11.44
C ARG B 76 -9.66 -6.89 -10.17
N ILE B 77 -9.91 -8.08 -9.64
CA ILE B 77 -9.24 -8.53 -8.42
C ILE B 77 -7.78 -8.84 -8.70
N GLU B 78 -7.49 -9.35 -9.89
CA GLU B 78 -6.11 -9.61 -10.29
C GLU B 78 -5.32 -8.32 -10.43
N ASN B 79 -5.96 -7.30 -10.99
CA ASN B 79 -5.33 -6.00 -11.19
C ASN B 79 -5.21 -5.19 -9.90
N LEU B 80 -6.13 -5.42 -8.97
CA LEU B 80 -6.04 -4.80 -7.66
C LEU B 80 -4.82 -5.40 -6.95
N ASN B 81 -4.73 -6.72 -7.01
CA ASN B 81 -3.60 -7.43 -6.40
C ASN B 81 -2.27 -7.00 -7.02
N LYS B 82 -2.25 -6.88 -8.34
CA LYS B 82 -1.06 -6.44 -9.05
C LYS B 82 -0.73 -5.00 -8.70
N LYS B 83 -1.76 -4.18 -8.50
CA LYS B 83 -1.56 -2.77 -8.15
C LYS B 83 -0.91 -2.63 -6.77
N VAL B 84 -1.24 -3.55 -5.87
CA VAL B 84 -0.71 -3.49 -4.50
C VAL B 84 0.75 -3.93 -4.43
N ASP B 85 1.10 -4.91 -5.26
CA ASP B 85 2.48 -5.41 -5.29
C ASP B 85 3.42 -4.37 -5.91
N ASP B 86 3.08 -3.92 -7.11
CA ASP B 86 3.84 -2.86 -7.76
C ASP B 86 3.82 -1.59 -6.91
N GLY B 87 2.71 -1.38 -6.20
CA GLY B 87 2.56 -0.21 -5.37
C GLY B 87 3.55 -0.19 -4.23
N PHE B 88 3.72 -1.32 -3.57
CA PHE B 88 4.63 -1.43 -2.43
C PHE B 88 6.08 -1.52 -2.87
N LEU B 89 6.29 -2.09 -4.05
CA LEU B 89 7.64 -2.19 -4.62
C LEU B 89 8.16 -0.79 -4.96
N ASP B 90 7.29 0.05 -5.51
CA ASP B 90 7.65 1.42 -5.83
C ASP B 90 8.14 2.16 -4.59
N ILE B 91 7.37 2.04 -3.51
CA ILE B 91 7.70 2.73 -2.27
C ILE B 91 8.96 2.22 -1.60
N TRP B 92 9.10 0.91 -1.49
CA TRP B 92 10.27 0.35 -0.83
C TRP B 92 11.55 0.54 -1.64
N THR B 93 11.44 0.51 -2.96
CA THR B 93 12.60 0.80 -3.79
C THR B 93 13.01 2.26 -3.59
N TYR B 94 12.01 3.12 -3.58
CA TYR B 94 12.22 4.54 -3.35
C TYR B 94 12.95 4.79 -2.05
N ASN B 95 12.35 4.35 -0.95
CA ASN B 95 12.96 4.51 0.37
C ASN B 95 14.39 3.99 0.44
N ALA B 96 14.61 2.76 0.00
CA ALA B 96 15.93 2.14 0.09
C ALA B 96 17.01 2.98 -0.59
N GLU B 97 16.72 3.46 -1.80
CA GLU B 97 17.68 4.27 -2.54
C GLU B 97 17.82 5.65 -1.94
N LEU B 98 16.68 6.31 -1.73
CA LEU B 98 16.65 7.65 -1.18
C LEU B 98 17.37 7.73 0.17
N LEU B 99 17.21 6.69 0.98
CA LEU B 99 17.83 6.65 2.30
C LEU B 99 19.34 6.61 2.22
N VAL B 100 19.87 5.77 1.34
CA VAL B 100 21.31 5.66 1.17
C VAL B 100 21.90 6.95 0.63
N LEU B 101 21.24 7.56 -0.36
CA LEU B 101 21.71 8.82 -0.93
C LEU B 101 21.90 9.88 0.16
N LEU B 102 20.87 10.04 0.99
CA LEU B 102 20.93 11.03 2.06
C LEU B 102 22.02 10.72 3.07
N GLU B 103 22.05 9.48 3.54
CA GLU B 103 23.00 9.08 4.58
C GLU B 103 24.43 9.08 4.08
N ASN B 104 24.63 8.85 2.78
CA ASN B 104 25.95 8.96 2.21
C ASN B 104 26.47 10.38 2.28
N GLU B 105 25.57 11.34 2.05
CA GLU B 105 25.89 12.75 2.20
C GLU B 105 26.26 13.01 3.66
N ARG B 106 25.35 12.69 4.56
CA ARG B 106 25.55 12.90 5.98
C ARG B 106 26.87 12.31 6.48
N THR B 107 27.23 11.15 5.93
CA THR B 107 28.42 10.43 6.38
C THR B 107 29.71 11.12 5.97
N LEU B 108 29.81 11.50 4.71
CA LEU B 108 31.01 12.19 4.22
C LEU B 108 31.19 13.55 4.91
N ASP B 109 30.08 14.23 5.14
CA ASP B 109 30.10 15.50 5.87
C ASP B 109 30.45 15.26 7.33
N PHE B 110 30.23 14.03 7.79
CA PHE B 110 30.56 13.65 9.15
C PHE B 110 32.06 13.56 9.33
N HIS B 111 32.74 12.89 8.39
CA HIS B 111 34.20 12.81 8.42
C HIS B 111 34.82 14.19 8.30
N ASP B 112 34.31 14.97 7.35
CA ASP B 112 34.77 16.32 7.15
C ASP B 112 34.78 17.06 8.49
N SER B 113 33.66 16.96 9.21
CA SER B 113 33.53 17.62 10.51
C SER B 113 34.56 17.13 11.52
N ASN B 114 34.81 15.83 11.49
CA ASN B 114 35.76 15.23 12.44
C ASN B 114 37.19 15.74 12.25
N VAL B 115 37.63 15.79 11.00
CA VAL B 115 38.95 16.33 10.68
C VAL B 115 39.04 17.78 11.14
N ARG B 116 38.03 18.57 10.81
CA ARG B 116 38.01 19.97 11.20
C ARG B 116 38.12 20.10 12.71
N ASN B 117 37.31 19.35 13.45
CA ASN B 117 37.30 19.43 14.91
C ASN B 117 38.63 19.00 15.56
N LEU B 118 39.30 18.04 14.95
CA LEU B 118 40.60 17.60 15.43
C LEU B 118 41.61 18.73 15.24
N TYR B 119 41.68 19.24 14.01
CA TYR B 119 42.59 20.32 13.66
C TYR B 119 42.43 21.49 14.63
N GLU B 120 41.19 21.84 14.94
CA GLU B 120 40.94 23.00 15.78
C GLU B 120 41.16 22.68 17.26
N LYS B 121 41.17 21.40 17.60
CA LYS B 121 41.49 20.98 18.96
C LYS B 121 42.98 21.12 19.21
N VAL B 122 43.77 20.88 18.17
CA VAL B 122 45.21 21.06 18.24
C VAL B 122 45.57 22.54 18.24
N LYS B 123 44.95 23.29 17.34
CA LYS B 123 45.20 24.71 17.21
C LYS B 123 44.93 25.43 18.53
N SER B 124 43.93 24.97 19.27
CA SER B 124 43.55 25.61 20.52
C SER B 124 44.41 25.12 21.68
N GLN B 125 45.21 24.09 21.45
CA GLN B 125 46.16 23.62 22.45
C GLN B 125 47.48 24.36 22.35
N LEU B 126 47.87 24.70 21.12
CA LEU B 126 49.17 25.29 20.84
C LEU B 126 49.15 26.81 20.94
N LYS B 127 48.29 27.45 20.14
CA LYS B 127 48.17 28.90 20.17
C LYS B 127 49.59 29.31 19.79
N ASN B 128 50.16 30.23 20.57
CA ASN B 128 51.37 30.97 20.23
C ASN B 128 52.56 30.09 19.89
N ASN B 129 52.63 28.93 20.54
CA ASN B 129 53.83 28.09 20.47
C ASN B 129 54.03 27.43 19.11
N ALA B 130 53.25 27.83 18.12
CA ALA B 130 53.37 27.32 16.76
C ALA B 130 52.58 28.19 15.79
N LYS B 131 52.92 28.12 14.51
CA LYS B 131 52.24 28.94 13.51
C LYS B 131 51.63 28.10 12.40
N GLU B 132 50.39 28.42 12.04
CA GLU B 132 49.67 27.72 10.99
C GLU B 132 50.30 27.95 9.62
N ILE B 133 50.83 26.89 9.02
CA ILE B 133 51.36 26.99 7.67
C ILE B 133 50.25 27.03 6.61
N GLY B 134 49.57 25.90 6.42
CA GLY B 134 48.51 25.84 5.41
C GLY B 134 47.70 24.55 5.42
N ASN B 135 48.22 23.54 4.72
CA ASN B 135 47.58 22.24 4.58
C ASN B 135 47.42 21.50 5.92
N GLY B 136 46.80 22.15 6.90
CA GLY B 136 46.60 21.55 8.21
C GLY B 136 47.89 21.22 8.92
N CYS B 137 48.92 22.05 8.70
CA CYS B 137 50.23 21.82 9.30
C CYS B 137 50.59 22.89 10.34
N PHE B 138 51.19 22.46 11.44
CA PHE B 138 51.66 23.38 12.46
C PHE B 138 53.18 23.38 12.59
N GLU B 139 53.79 24.54 12.39
CA GLU B 139 55.23 24.68 12.56
C GLU B 139 55.53 25.17 13.97
N PHE B 140 56.36 24.42 14.69
CA PHE B 140 56.65 24.72 16.09
C PHE B 140 57.62 25.90 16.28
N TYR B 141 57.44 26.62 17.37
CA TYR B 141 58.32 27.71 17.74
C TYR B 141 59.24 27.31 18.89
N HIS B 142 59.01 26.14 19.46
CA HIS B 142 59.71 25.76 20.68
C HIS B 142 60.34 24.38 20.66
N LYS B 143 60.43 23.77 19.48
CA LYS B 143 61.15 22.50 19.33
C LYS B 143 60.58 21.38 20.20
N CYS B 144 59.80 20.50 19.57
CA CYS B 144 59.04 19.49 20.29
C CYS B 144 59.53 18.09 19.95
N ASP B 145 60.11 17.40 20.92
CA ASP B 145 60.64 16.06 20.70
C ASP B 145 59.53 15.01 20.69
N ASP B 146 59.91 13.75 20.43
CA ASP B 146 58.95 12.65 20.38
C ASP B 146 58.07 12.56 21.62
N ALA B 147 58.65 12.89 22.78
CA ALA B 147 57.90 12.87 24.02
C ALA B 147 56.81 13.93 23.99
N CYS B 148 57.18 15.13 23.57
CA CYS B 148 56.26 16.26 23.51
C CYS B 148 55.17 16.05 22.46
N MET B 149 55.54 15.44 21.33
CA MET B 149 54.57 15.16 20.27
C MET B 149 53.40 14.35 20.80
N GLU B 150 53.71 13.26 21.50
CA GLU B 150 52.67 12.39 22.05
C GLU B 150 51.76 13.14 23.02
N SER B 151 52.28 14.18 23.65
CA SER B 151 51.48 14.95 24.60
C SER B 151 50.40 15.77 23.91
N VAL B 152 50.62 16.07 22.63
CA VAL B 152 49.67 16.87 21.85
C VAL B 152 48.55 16.00 21.30
N ARG B 153 48.92 14.91 20.63
CA ARG B 153 47.94 13.92 20.17
C ARG B 153 47.44 13.10 21.36
N ASN B 154 47.48 13.72 22.54
CA ASN B 154 47.06 13.09 23.78
C ASN B 154 46.08 14.03 24.46
N GLY B 155 46.04 15.26 23.98
CA GLY B 155 45.16 16.28 24.54
C GLY B 155 45.71 16.87 25.82
N THR B 156 47.02 16.70 26.03
CA THR B 156 47.65 17.17 27.26
C THR B 156 48.94 17.95 27.00
N TYR B 157 48.83 19.03 26.24
CA TYR B 157 49.94 19.94 26.00
C TYR B 157 50.17 20.74 27.27
N ASP B 158 51.33 21.36 27.40
CA ASP B 158 51.67 22.07 28.63
C ASP B 158 52.07 23.52 28.38
N TYR B 159 51.35 24.15 27.46
CA TYR B 159 51.60 25.53 27.02
C TYR B 159 52.52 26.42 27.89
N PRO B 160 52.10 26.77 29.12
CA PRO B 160 52.93 27.67 29.95
C PRO B 160 54.35 27.16 30.13
N LYS B 161 54.53 25.85 29.97
CA LYS B 161 55.84 25.22 30.00
C LYS B 161 56.67 25.73 28.83
N TYR B 162 56.13 26.70 28.09
CA TYR B 162 56.82 27.23 26.92
C TYR B 162 56.68 28.74 26.74
N SER B 163 57.85 29.39 26.74
CA SER B 163 57.99 30.81 26.48
C SER B 163 59.32 30.92 25.74
N GLU B 164 59.92 29.75 25.52
CA GLU B 164 60.97 29.60 24.53
C GLU B 164 60.37 29.94 23.19
N GLU B 165 59.05 29.78 23.09
CA GLU B 165 58.31 30.16 21.91
C GLU B 165 58.39 31.67 21.72
N SER B 166 58.13 32.40 22.80
CA SER B 166 58.20 33.86 22.79
C SER B 166 59.54 34.29 22.20
N LYS B 167 60.58 33.55 22.55
CA LYS B 167 61.92 33.82 22.03
C LYS B 167 61.98 33.66 20.51
N LEU B 168 61.72 32.44 20.03
CA LEU B 168 61.78 32.17 18.60
C LEU B 168 60.68 32.89 17.83
N ASN B 169 59.67 33.38 18.54
CA ASN B 169 58.57 34.11 17.94
C ASN B 169 59.06 35.34 17.16
N ARG B 170 60.27 35.78 17.48
CA ARG B 170 60.90 36.88 16.74
C ARG B 170 62.38 36.59 16.48
N ASP C 1 42.28 50.55 0.73
CA ASP C 1 42.03 49.37 -0.08
C ASP C 1 41.37 48.25 0.72
N THR C 2 40.25 47.75 0.24
CA THR C 2 39.51 46.69 0.91
C THR C 2 39.08 45.59 -0.05
N ILE C 3 38.51 44.52 0.51
CA ILE C 3 37.87 43.46 -0.26
C ILE C 3 36.85 42.75 0.61
N CYS C 4 35.65 42.57 0.08
CA CYS C 4 34.57 41.95 0.84
C CYS C 4 34.05 40.69 0.16
N ILE C 5 33.69 39.70 0.96
CA ILE C 5 33.06 38.49 0.44
C ILE C 5 31.57 38.50 0.75
N GLY C 6 30.75 38.29 -0.27
CA GLY C 6 29.32 38.33 -0.10
C GLY C 6 28.57 37.40 -1.04
N TYR C 7 27.25 37.51 -1.04
CA TYR C 7 26.42 36.63 -1.84
C TYR C 7 25.34 37.37 -2.64
N HIS C 8 24.65 36.62 -3.48
CA HIS C 8 23.71 37.17 -4.45
C HIS C 8 22.35 37.54 -3.83
N ALA C 9 21.64 38.42 -4.52
CA ALA C 9 20.29 38.80 -4.12
C ALA C 9 19.53 39.34 -5.33
N ASN C 10 18.21 39.39 -5.23
CA ASN C 10 17.39 40.00 -6.27
C ASN C 10 15.96 40.30 -5.82
N ASN C 11 15.12 40.73 -6.75
CA ASN C 11 13.75 41.13 -6.45
C ASN C 11 12.79 39.95 -6.28
N SER C 12 13.27 38.74 -6.52
CA SER C 12 12.45 37.54 -6.42
C SER C 12 11.68 37.50 -5.09
N THR C 13 10.40 37.14 -5.17
CA THR C 13 9.56 37.04 -3.97
C THR C 13 9.06 35.62 -3.75
N ASP C 14 9.75 34.65 -4.34
CA ASP C 14 9.43 33.24 -4.19
C ASP C 14 9.71 32.77 -2.77
N THR C 15 8.69 32.22 -2.12
CA THR C 15 8.86 31.69 -0.76
C THR C 15 8.82 30.16 -0.75
N VAL C 16 9.71 29.57 0.04
CA VAL C 16 9.71 28.13 0.24
C VAL C 16 9.53 27.86 1.72
N ASP C 17 9.31 26.59 2.05
CA ASP C 17 9.20 26.20 3.45
C ASP C 17 10.33 25.25 3.83
N THR C 18 10.78 25.35 5.07
CA THR C 18 11.68 24.36 5.63
C THR C 18 11.05 23.81 6.90
N VAL C 19 11.71 22.85 7.53
CA VAL C 19 11.19 22.25 8.75
C VAL C 19 11.30 23.21 9.94
N LEU C 20 12.30 24.10 9.89
CA LEU C 20 12.56 25.03 10.99
C LEU C 20 11.85 26.37 10.81
N GLU C 21 11.59 26.73 9.56
CA GLU C 21 11.08 28.06 9.26
C GLU C 21 10.24 28.05 7.99
N LYS C 22 9.08 28.71 8.03
CA LYS C 22 8.21 28.78 6.87
C LYS C 22 8.34 30.12 6.14
N ASN C 23 7.77 30.19 4.95
CA ASN C 23 7.80 31.41 4.14
C ASN C 23 9.19 32.06 4.11
N VAL C 24 10.15 31.35 3.56
CA VAL C 24 11.52 31.86 3.45
C VAL C 24 11.81 32.33 2.03
N THR C 25 11.91 33.64 1.85
CA THR C 25 12.17 34.19 0.53
C THR C 25 13.53 33.81 0.00
N VAL C 26 13.56 33.20 -1.18
CA VAL C 26 14.82 32.76 -1.79
C VAL C 26 15.04 33.45 -3.12
N THR C 27 16.25 33.27 -3.69
CA THR C 27 16.61 33.93 -4.93
C THR C 27 16.22 33.11 -6.16
N HIS C 28 16.21 31.79 -6.00
CA HIS C 28 15.85 30.89 -7.08
C HIS C 28 15.11 29.66 -6.56
N SER C 29 14.31 29.04 -7.42
CA SER C 29 13.53 27.88 -7.02
C SER C 29 12.75 27.28 -8.19
N VAL C 30 12.66 25.95 -8.22
CA VAL C 30 11.84 25.27 -9.22
C VAL C 30 10.51 24.83 -8.62
N ASN C 31 9.46 24.95 -9.42
CA ASN C 31 8.15 24.44 -9.03
C ASN C 31 8.06 22.98 -9.45
N LEU C 32 7.68 22.12 -8.51
CA LEU C 32 7.55 20.69 -8.80
C LEU C 32 6.10 20.27 -8.99
N LEU C 33 5.17 21.17 -8.64
CA LEU C 33 3.75 20.84 -8.66
C LEU C 33 3.02 21.48 -9.83
N GLU C 34 2.61 20.66 -10.78
CA GLU C 34 1.78 21.11 -11.90
C GLU C 34 0.33 21.18 -11.45
N ASP C 35 -0.32 22.32 -11.69
CA ASP C 35 -1.71 22.50 -11.26
C ASP C 35 -2.54 23.22 -12.32
N SER C 36 -2.07 23.16 -13.56
CA SER C 36 -2.73 23.84 -14.67
C SER C 36 -3.10 22.84 -15.75
N HIS C 37 -4.41 22.66 -15.98
CA HIS C 37 -4.87 21.75 -17.01
C HIS C 37 -5.49 22.46 -18.20
N ASN C 38 -6.14 21.70 -19.05
CA ASN C 38 -6.56 22.16 -20.37
C ASN C 38 -8.04 22.51 -20.43
N GLY C 39 -8.82 21.88 -19.55
CA GLY C 39 -10.27 22.06 -19.56
C GLY C 39 -10.90 21.32 -20.72
N LYS C 40 -10.09 20.58 -21.47
CA LYS C 40 -10.56 19.89 -22.66
C LYS C 40 -10.08 18.43 -22.71
N LEU C 41 -10.96 17.56 -23.21
CA LEU C 41 -10.60 16.18 -23.49
C LEU C 41 -9.99 16.10 -24.88
N CYS C 42 -8.78 15.56 -24.98
CA CYS C 42 -8.06 15.59 -26.24
C CYS C 42 -7.76 14.20 -26.80
N LYS C 43 -7.17 14.17 -27.98
CA LYS C 43 -6.76 12.91 -28.59
C LYS C 43 -5.53 12.37 -27.88
N LEU C 44 -5.19 11.12 -28.18
CA LEU C 44 -3.99 10.50 -27.64
C LEU C 44 -3.34 9.68 -28.74
N LYS C 45 -2.14 10.08 -29.16
CA LYS C 45 -1.48 9.45 -30.30
C LYS C 45 -2.26 9.73 -31.58
N GLY C 46 -2.90 10.88 -31.64
CA GLY C 46 -3.63 11.31 -32.82
C GLY C 46 -5.03 10.71 -32.94
N ILE C 47 -5.37 9.82 -32.02
CA ILE C 47 -6.67 9.14 -32.07
C ILE C 47 -7.64 9.70 -31.03
N ALA C 48 -8.87 9.98 -31.47
CA ALA C 48 -9.88 10.61 -30.62
C ALA C 48 -10.50 9.63 -29.64
N PRO C 49 -10.99 10.16 -28.50
CA PRO C 49 -11.69 9.35 -27.50
C PRO C 49 -13.10 9.02 -27.97
N LEU C 50 -13.73 8.04 -27.32
CA LEU C 50 -15.09 7.66 -27.65
C LEU C 50 -16.07 8.29 -26.67
N GLN C 51 -16.89 9.21 -27.16
CA GLN C 51 -17.95 9.79 -26.34
C GLN C 51 -19.14 8.86 -26.33
N LEU C 52 -19.61 8.51 -25.14
CA LEU C 52 -20.80 7.67 -25.02
C LEU C 52 -22.06 8.51 -24.90
N GLY C 53 -21.91 9.71 -24.35
CA GLY C 53 -23.00 10.66 -24.22
C GLY C 53 -23.98 10.27 -23.12
N LYS C 54 -25.25 10.16 -23.49
CA LYS C 54 -26.29 9.73 -22.56
C LYS C 54 -26.35 8.20 -22.50
N CYS C 55 -25.29 7.57 -22.95
CA CYS C 55 -25.22 6.11 -22.96
C CYS C 55 -24.04 5.62 -22.12
N ASN C 56 -24.20 4.44 -21.53
CA ASN C 56 -23.10 3.79 -20.83
C ASN C 56 -22.67 2.53 -21.59
N ILE C 57 -21.60 1.91 -21.13
CA ILE C 57 -21.05 0.73 -21.80
C ILE C 57 -22.11 -0.29 -22.19
N ALA C 58 -23.05 -0.53 -21.28
CA ALA C 58 -24.12 -1.49 -21.53
C ALA C 58 -24.92 -1.11 -22.77
N GLY C 59 -25.42 0.12 -22.79
CA GLY C 59 -26.19 0.61 -23.92
C GLY C 59 -25.43 0.50 -25.22
N TRP C 60 -24.19 0.97 -25.20
CA TRP C 60 -23.36 0.97 -26.40
C TRP C 60 -23.19 -0.44 -26.97
N LEU C 61 -22.74 -1.36 -26.13
CA LEU C 61 -22.45 -2.71 -26.57
C LEU C 61 -23.71 -3.50 -26.92
N LEU C 62 -24.79 -3.26 -26.17
CA LEU C 62 -26.05 -3.95 -26.41
C LEU C 62 -26.77 -3.46 -27.67
N GLY C 63 -26.69 -2.16 -27.91
CA GLY C 63 -27.38 -1.57 -29.05
C GLY C 63 -28.67 -0.89 -28.65
N ASN C 64 -28.67 -0.26 -27.47
CA ASN C 64 -29.80 0.55 -27.04
C ASN C 64 -30.11 1.61 -28.10
N PRO C 65 -31.39 1.71 -28.51
CA PRO C 65 -31.86 2.61 -29.56
C PRO C 65 -31.42 4.07 -29.37
N GLU C 66 -31.35 4.53 -28.12
CA GLU C 66 -30.91 5.89 -27.83
C GLU C 66 -29.43 6.10 -28.13
N CYS C 67 -28.70 5.00 -28.37
CA CYS C 67 -27.26 5.06 -28.59
C CYS C 67 -26.90 4.67 -30.03
N ASP C 68 -27.57 5.29 -31.00
CA ASP C 68 -27.35 4.92 -32.39
C ASP C 68 -26.15 5.63 -33.02
N LEU C 69 -25.74 6.75 -32.43
CA LEU C 69 -24.56 7.47 -32.89
C LEU C 69 -23.30 6.62 -32.76
N LEU C 70 -23.32 5.70 -31.79
CA LEU C 70 -22.14 4.91 -31.45
C LEU C 70 -21.97 3.68 -32.34
N LEU C 71 -22.94 3.44 -33.21
CA LEU C 71 -22.93 2.26 -34.08
C LEU C 71 -21.75 2.31 -35.04
N THR C 72 -21.31 3.53 -35.34
CA THR C 72 -20.21 3.75 -36.25
C THR C 72 -18.86 3.43 -35.59
N ALA C 73 -18.71 3.84 -34.34
CA ALA C 73 -17.46 3.70 -33.59
C ALA C 73 -16.72 2.40 -33.88
N SER C 74 -15.40 2.50 -34.07
CA SER C 74 -14.58 1.34 -34.37
C SER C 74 -13.24 1.39 -33.64
N SER C 75 -12.72 2.60 -33.44
CA SER C 75 -11.45 2.78 -32.72
C SER C 75 -11.47 4.02 -31.84
N TRP C 76 -10.78 3.94 -30.71
CA TRP C 76 -10.75 5.03 -29.74
C TRP C 76 -9.45 4.99 -28.95
N SER C 77 -9.07 6.14 -28.39
CA SER C 77 -7.89 6.21 -27.53
C SER C 77 -8.29 5.90 -26.08
N TYR C 78 -9.50 6.32 -25.73
CA TYR C 78 -10.08 6.02 -24.42
C TYR C 78 -11.58 6.26 -24.46
N ILE C 79 -12.30 5.66 -23.51
CA ILE C 79 -13.75 5.74 -23.49
C ILE C 79 -14.24 6.72 -22.42
N VAL C 80 -15.24 7.53 -22.76
CA VAL C 80 -15.70 8.60 -21.90
C VAL C 80 -17.19 8.55 -21.62
N GLU C 81 -17.56 8.24 -20.38
CA GLU C 81 -18.94 8.37 -19.93
C GLU C 81 -19.12 9.72 -19.27
N THR C 82 -20.37 10.15 -19.10
CA THR C 82 -20.65 11.46 -18.51
C THR C 82 -21.62 11.32 -17.34
N SER C 83 -22.08 12.46 -16.83
CA SER C 83 -23.04 12.47 -15.73
C SER C 83 -24.42 11.99 -16.16
N ASN C 84 -24.67 12.04 -17.47
CA ASN C 84 -25.98 11.70 -18.00
C ASN C 84 -26.00 10.38 -18.77
N SER C 85 -24.97 9.57 -18.56
CA SER C 85 -24.89 8.26 -19.20
C SER C 85 -25.81 7.27 -18.49
N GLU C 86 -27.11 7.38 -18.75
CA GLU C 86 -28.10 6.55 -18.06
C GLU C 86 -28.75 5.54 -18.99
N ASN C 87 -28.62 5.74 -20.30
CA ASN C 87 -29.20 4.81 -21.26
C ASN C 87 -28.32 3.58 -21.47
N GLY C 88 -28.66 2.52 -20.75
CA GLY C 88 -27.88 1.29 -20.84
C GLY C 88 -28.74 0.08 -21.11
N THR C 89 -29.43 -0.40 -20.07
CA THR C 89 -30.21 -1.62 -20.19
C THR C 89 -31.72 -1.32 -20.13
N CYS C 90 -32.29 -1.01 -21.30
CA CYS C 90 -33.65 -0.48 -21.36
C CYS C 90 -34.73 -1.49 -20.91
N TYR C 91 -34.45 -2.77 -21.08
CA TYR C 91 -35.33 -3.80 -20.53
C TYR C 91 -34.78 -4.28 -19.19
N PRO C 92 -35.57 -4.13 -18.12
CA PRO C 92 -35.12 -4.41 -16.74
C PRO C 92 -34.54 -5.82 -16.59
N GLY C 93 -33.41 -5.92 -15.91
CA GLY C 93 -32.74 -7.19 -15.68
C GLY C 93 -31.28 -7.03 -15.34
N ASP C 94 -30.62 -8.14 -15.00
CA ASP C 94 -29.23 -8.11 -14.57
C ASP C 94 -28.25 -8.28 -15.74
N PHE C 95 -27.18 -7.49 -15.72
CA PHE C 95 -26.09 -7.63 -16.69
C PHE C 95 -24.95 -8.39 -16.01
N ILE C 96 -25.02 -9.72 -16.06
CA ILE C 96 -24.06 -10.58 -15.37
C ILE C 96 -22.60 -10.25 -15.66
N ASP C 97 -21.84 -9.97 -14.61
CA ASP C 97 -20.43 -9.64 -14.73
C ASP C 97 -20.23 -8.39 -15.58
N TYR C 98 -21.04 -7.38 -15.32
CA TYR C 98 -20.97 -6.13 -16.06
C TYR C 98 -19.69 -5.37 -15.74
N GLU C 99 -19.35 -5.29 -14.46
CA GLU C 99 -18.16 -4.56 -14.03
C GLU C 99 -16.92 -5.23 -14.57
N GLU C 100 -16.99 -6.55 -14.76
CA GLU C 100 -15.88 -7.31 -15.33
C GLU C 100 -15.74 -7.05 -16.82
N LEU C 101 -16.87 -6.97 -17.51
CA LEU C 101 -16.86 -6.66 -18.94
C LEU C 101 -16.21 -5.31 -19.18
N ARG C 102 -16.56 -4.34 -18.35
CA ARG C 102 -15.96 -3.00 -18.45
C ARG C 102 -14.45 -3.09 -18.31
N GLU C 103 -13.99 -3.84 -17.32
CA GLU C 103 -12.57 -4.03 -17.06
C GLU C 103 -11.87 -4.58 -18.29
N GLN C 104 -12.58 -5.39 -19.06
CA GLN C 104 -12.06 -5.94 -20.31
C GLN C 104 -11.95 -4.87 -21.39
N LEU C 105 -12.99 -4.06 -21.51
CA LEU C 105 -13.00 -2.97 -22.50
C LEU C 105 -11.87 -1.99 -22.26
N SER C 106 -11.34 -1.97 -21.05
CA SER C 106 -10.30 -1.03 -20.66
C SER C 106 -9.01 -1.25 -21.44
N SER C 107 -8.78 -2.47 -21.89
CA SER C 107 -7.56 -2.80 -22.64
C SER C 107 -7.86 -3.04 -24.12
N VAL C 108 -9.00 -2.53 -24.58
CA VAL C 108 -9.36 -2.61 -25.98
C VAL C 108 -9.15 -1.26 -26.65
N SER C 109 -8.43 -1.26 -27.78
CA SER C 109 -8.13 -0.04 -28.50
C SER C 109 -9.10 0.15 -29.66
N SER C 110 -9.68 -0.95 -30.13
CA SER C 110 -10.62 -0.93 -31.25
C SER C 110 -11.20 -2.31 -31.51
N PHE C 111 -12.30 -2.37 -32.26
CA PHE C 111 -12.85 -3.65 -32.69
C PHE C 111 -13.47 -3.57 -34.07
N GLU C 112 -13.90 -4.72 -34.59
CA GLU C 112 -14.58 -4.77 -35.88
C GLU C 112 -15.93 -5.46 -35.73
N LYS C 113 -16.99 -4.66 -35.57
CA LYS C 113 -18.34 -5.21 -35.44
C LYS C 113 -18.70 -6.05 -36.66
N PHE C 114 -19.54 -7.06 -36.47
CA PHE C 114 -19.99 -7.89 -37.57
C PHE C 114 -21.26 -8.69 -37.23
N GLU C 115 -22.01 -9.08 -38.24
CA GLU C 115 -23.20 -9.89 -38.05
C GLU C 115 -22.80 -11.35 -37.80
N ILE C 116 -22.88 -11.77 -36.55
CA ILE C 116 -22.55 -13.16 -36.19
C ILE C 116 -23.66 -14.11 -36.63
N PHE C 117 -24.90 -13.70 -36.40
CA PHE C 117 -26.06 -14.46 -36.85
C PHE C 117 -27.01 -13.53 -37.59
N PRO C 118 -26.91 -13.49 -38.93
CA PRO C 118 -27.75 -12.64 -39.78
C PRO C 118 -29.24 -12.86 -39.53
N LYS C 119 -29.94 -11.81 -39.12
CA LYS C 119 -31.35 -11.88 -38.74
C LYS C 119 -32.28 -12.44 -39.81
N THR C 120 -31.92 -12.24 -41.07
CA THR C 120 -32.80 -12.63 -42.16
C THR C 120 -32.36 -13.91 -42.86
N SER C 121 -31.62 -14.77 -42.15
CA SER C 121 -31.16 -16.03 -42.74
C SER C 121 -30.73 -17.06 -41.69
N SER C 122 -30.74 -16.66 -40.42
CA SER C 122 -30.27 -17.54 -39.36
C SER C 122 -31.40 -18.27 -38.65
N TRP C 123 -32.62 -17.77 -38.80
CA TRP C 123 -33.76 -18.33 -38.07
C TRP C 123 -34.96 -18.56 -38.98
N PRO C 124 -34.93 -19.68 -39.73
CA PRO C 124 -35.98 -20.04 -40.69
C PRO C 124 -37.24 -20.54 -39.99
N ASN C 125 -37.09 -21.07 -38.78
CA ASN C 125 -38.20 -21.74 -38.10
C ASN C 125 -38.71 -20.98 -36.88
N HIS C 126 -38.36 -19.69 -36.78
CA HIS C 126 -38.77 -18.88 -35.65
C HIS C 126 -39.19 -17.48 -36.09
N GLU C 127 -39.95 -16.80 -35.24
CA GLU C 127 -40.39 -15.44 -35.53
C GLU C 127 -39.27 -14.45 -35.24
N THR C 128 -38.75 -13.83 -36.30
CA THR C 128 -37.63 -12.91 -36.18
C THR C 128 -38.10 -11.47 -35.95
N THR C 129 -39.36 -11.21 -36.26
CA THR C 129 -39.96 -9.91 -35.99
C THR C 129 -40.66 -9.94 -34.65
N LYS C 130 -41.57 -9.00 -34.43
CA LYS C 130 -42.42 -9.00 -33.25
C LYS C 130 -41.65 -8.91 -31.93
N GLY C 131 -40.32 -8.93 -32.02
CA GLY C 131 -39.47 -8.90 -30.84
C GLY C 131 -39.14 -7.49 -30.40
N VAL C 132 -40.16 -6.69 -30.09
CA VAL C 132 -39.97 -5.31 -29.67
C VAL C 132 -40.73 -5.04 -28.37
N THR C 133 -40.38 -3.94 -27.71
CA THR C 133 -40.99 -3.60 -26.43
C THR C 133 -41.07 -2.10 -26.18
N ALA C 134 -42.08 -1.68 -25.43
CA ALA C 134 -42.27 -0.27 -25.10
C ALA C 134 -41.13 0.26 -24.24
N ALA C 135 -40.46 -0.66 -23.55
CA ALA C 135 -39.31 -0.29 -22.72
C ALA C 135 -38.15 0.13 -23.62
N CYS C 136 -38.11 -0.40 -24.84
CA CYS C 136 -37.05 -0.07 -25.78
C CYS C 136 -37.61 0.66 -26.99
N SER C 137 -38.50 1.61 -26.73
CA SER C 137 -39.14 2.37 -27.81
C SER C 137 -38.19 3.34 -28.50
N TYR C 138 -38.43 3.54 -29.79
CA TYR C 138 -37.59 4.38 -30.62
C TYR C 138 -38.46 5.13 -31.61
N ALA C 139 -38.37 6.46 -31.59
CA ALA C 139 -39.16 7.30 -32.47
C ALA C 139 -40.65 7.23 -32.13
N GLY C 140 -40.95 7.04 -30.84
CA GLY C 140 -42.32 6.95 -30.38
C GLY C 140 -42.91 5.56 -30.49
N ALA C 141 -42.27 4.69 -31.29
CA ALA C 141 -42.76 3.33 -31.50
C ALA C 141 -41.89 2.30 -30.78
N SER C 142 -42.49 1.15 -30.47
CA SER C 142 -41.79 0.08 -29.78
C SER C 142 -40.68 -0.52 -30.63
N SER C 143 -39.50 -0.67 -30.03
CA SER C 143 -38.34 -1.20 -30.72
C SER C 143 -37.54 -2.14 -29.81
N PHE C 144 -36.28 -2.36 -30.15
CA PHE C 144 -35.42 -3.25 -29.36
C PHE C 144 -33.94 -2.96 -29.61
N TYR C 145 -33.08 -3.72 -28.95
CA TYR C 145 -31.63 -3.57 -29.10
C TYR C 145 -31.21 -3.82 -30.54
N ARG C 146 -30.18 -3.11 -30.99
CA ARG C 146 -29.70 -3.23 -32.37
C ARG C 146 -28.77 -4.41 -32.57
N ASN C 147 -28.15 -4.88 -31.49
CA ASN C 147 -27.16 -5.95 -31.58
C ASN C 147 -27.70 -7.31 -31.14
N LEU C 148 -28.92 -7.32 -30.62
CA LEU C 148 -29.57 -8.56 -30.18
C LEU C 148 -30.85 -8.83 -30.98
N LEU C 149 -31.28 -10.09 -30.98
CA LEU C 149 -32.52 -10.47 -31.68
C LEU C 149 -33.45 -11.28 -30.77
N TRP C 150 -34.59 -10.69 -30.43
CA TRP C 150 -35.58 -11.32 -29.58
C TRP C 150 -36.42 -12.33 -30.37
N LEU C 151 -36.02 -13.59 -30.35
CA LEU C 151 -36.73 -14.64 -31.09
C LEU C 151 -38.04 -15.05 -30.39
N THR C 152 -39.04 -15.41 -31.19
CA THR C 152 -40.32 -15.87 -30.67
C THR C 152 -40.89 -17.01 -31.53
N LYS C 153 -41.96 -17.62 -31.05
CA LYS C 153 -42.56 -18.77 -31.73
C LYS C 153 -43.21 -18.39 -33.06
N LYS C 154 -43.09 -19.28 -34.04
CA LYS C 154 -43.62 -19.03 -35.37
C LYS C 154 -44.99 -19.69 -35.52
N GLY C 155 -46.03 -18.94 -35.18
CA GLY C 155 -47.39 -19.46 -35.24
C GLY C 155 -47.59 -20.68 -34.36
N SER C 156 -47.59 -20.47 -33.05
CA SER C 156 -47.86 -21.52 -32.07
C SER C 156 -46.88 -22.70 -32.15
N SER C 157 -45.69 -22.46 -32.68
CA SER C 157 -44.66 -23.49 -32.74
C SER C 157 -43.27 -22.93 -32.52
N TYR C 158 -42.57 -23.46 -31.51
CA TYR C 158 -41.21 -23.06 -31.22
C TYR C 158 -40.30 -24.28 -31.20
N PRO C 159 -39.87 -24.74 -32.38
CA PRO C 159 -39.00 -25.91 -32.51
C PRO C 159 -37.64 -25.64 -31.88
N LYS C 160 -37.04 -26.64 -31.24
CA LYS C 160 -35.72 -26.48 -30.66
C LYS C 160 -34.77 -25.92 -31.73
N LEU C 161 -33.99 -24.92 -31.34
CA LEU C 161 -33.05 -24.29 -32.26
C LEU C 161 -31.61 -24.57 -31.86
N SER C 162 -30.78 -24.84 -32.85
CA SER C 162 -29.35 -24.99 -32.63
C SER C 162 -28.59 -24.17 -33.66
N LYS C 163 -27.54 -23.48 -33.22
CA LYS C 163 -26.85 -22.52 -34.08
C LYS C 163 -25.47 -22.24 -33.51
N SER C 164 -24.43 -22.53 -34.30
CA SER C 164 -23.06 -22.36 -33.85
C SER C 164 -22.33 -21.30 -34.66
N TYR C 165 -21.21 -20.84 -34.11
CA TYR C 165 -20.35 -19.90 -34.82
C TYR C 165 -18.88 -20.22 -34.55
N VAL C 166 -18.11 -20.32 -35.63
CA VAL C 166 -16.69 -20.57 -35.49
C VAL C 166 -15.93 -19.25 -35.63
N ASN C 167 -14.97 -19.02 -34.75
CA ASN C 167 -14.17 -17.79 -34.79
C ASN C 167 -13.04 -17.89 -35.81
N ASN C 168 -13.19 -17.20 -36.95
CA ASN C 168 -12.14 -17.13 -37.97
C ASN C 168 -11.53 -15.74 -38.09
N LYS C 169 -11.84 -14.86 -37.15
CA LYS C 169 -11.39 -13.47 -37.22
C LYS C 169 -9.94 -13.31 -36.76
N GLY C 170 -9.38 -14.38 -36.19
CA GLY C 170 -8.01 -14.35 -35.71
C GLY C 170 -7.81 -13.46 -34.50
N LYS C 171 -8.90 -13.14 -33.80
CA LYS C 171 -8.85 -12.34 -32.58
C LYS C 171 -9.94 -12.82 -31.64
N GLU C 172 -10.12 -12.15 -30.51
CA GLU C 172 -11.20 -12.48 -29.59
C GLU C 172 -12.51 -11.91 -30.11
N VAL C 173 -13.55 -12.73 -30.12
CA VAL C 173 -14.89 -12.26 -30.48
C VAL C 173 -15.79 -12.13 -29.27
N LEU C 174 -16.13 -10.89 -28.93
CA LEU C 174 -17.05 -10.63 -27.82
C LEU C 174 -18.47 -10.95 -28.24
N VAL C 175 -19.04 -12.00 -27.66
CA VAL C 175 -20.40 -12.40 -27.98
C VAL C 175 -21.35 -12.11 -26.83
N LEU C 176 -22.36 -11.29 -27.08
CA LEU C 176 -23.38 -11.00 -26.07
C LEU C 176 -24.69 -11.67 -26.41
N TRP C 177 -25.48 -11.97 -25.37
CA TRP C 177 -26.81 -12.54 -25.55
C TRP C 177 -27.66 -12.36 -24.28
N GLY C 178 -28.88 -12.87 -24.31
CA GLY C 178 -29.79 -12.74 -23.18
C GLY C 178 -30.80 -13.87 -23.04
N VAL C 179 -31.35 -13.99 -21.85
CA VAL C 179 -32.37 -14.99 -21.53
C VAL C 179 -33.57 -14.32 -20.87
N HIS C 180 -34.73 -14.43 -21.50
CA HIS C 180 -35.91 -13.72 -21.02
C HIS C 180 -36.68 -14.47 -19.93
N HIS C 181 -37.02 -13.76 -18.85
CA HIS C 181 -37.82 -14.33 -17.77
C HIS C 181 -39.19 -13.66 -17.66
N PRO C 182 -40.22 -14.31 -18.22
CA PRO C 182 -41.60 -13.80 -18.19
C PRO C 182 -42.15 -13.71 -16.78
N PRO C 183 -43.24 -12.94 -16.59
CA PRO C 183 -43.90 -12.77 -15.30
C PRO C 183 -44.83 -13.94 -14.96
N THR C 184 -45.59 -14.40 -15.95
CA THR C 184 -46.55 -15.48 -15.74
C THR C 184 -46.37 -16.60 -16.76
N GLY C 185 -46.96 -17.76 -16.46
CA GLY C 185 -46.90 -18.90 -17.35
C GLY C 185 -47.66 -18.65 -18.64
N THR C 186 -48.62 -17.74 -18.58
CA THR C 186 -49.40 -17.38 -19.77
C THR C 186 -48.50 -16.74 -20.83
N ASP C 187 -47.76 -15.71 -20.42
CA ASP C 187 -46.87 -15.00 -21.32
C ASP C 187 -45.81 -15.94 -21.89
N GLN C 188 -45.39 -16.90 -21.08
CA GLN C 188 -44.41 -17.90 -21.51
C GLN C 188 -44.89 -18.65 -22.74
N GLN C 189 -46.17 -19.03 -22.74
CA GLN C 189 -46.74 -19.76 -23.86
C GLN C 189 -46.97 -18.87 -25.07
N SER C 190 -47.45 -17.65 -24.81
CA SER C 190 -47.73 -16.71 -25.87
C SER C 190 -46.45 -16.35 -26.61
N LEU C 191 -45.33 -16.36 -25.89
CA LEU C 191 -44.03 -15.99 -26.46
C LEU C 191 -43.30 -17.18 -27.07
N TYR C 192 -43.15 -18.24 -26.29
CA TYR C 192 -42.27 -19.33 -26.69
C TYR C 192 -43.10 -20.48 -27.25
N GLN C 193 -44.19 -20.78 -26.56
CA GLN C 193 -45.04 -21.91 -26.88
C GLN C 193 -44.81 -23.26 -26.23
N ASN C 194 -43.61 -23.46 -25.75
CA ASN C 194 -43.21 -24.50 -24.80
C ASN C 194 -43.18 -23.97 -23.38
N ALA C 195 -43.96 -24.60 -22.50
CA ALA C 195 -44.03 -24.19 -21.10
C ALA C 195 -42.74 -24.51 -20.35
N ASP C 196 -42.10 -25.61 -20.73
CA ASP C 196 -40.84 -26.02 -20.11
C ASP C 196 -39.67 -25.86 -21.08
N ALA C 197 -39.21 -24.63 -21.24
CA ALA C 197 -38.13 -24.33 -22.17
C ALA C 197 -36.79 -24.20 -21.46
N TYR C 198 -35.72 -24.01 -22.24
CA TYR C 198 -34.38 -23.84 -21.70
C TYR C 198 -33.47 -23.15 -22.70
N VAL C 199 -32.38 -22.59 -22.22
CA VAL C 199 -31.38 -21.97 -23.09
C VAL C 199 -29.99 -22.47 -22.73
N SER C 200 -29.33 -23.16 -23.65
CA SER C 200 -28.00 -23.67 -23.39
C SER C 200 -26.95 -23.06 -24.31
N VAL C 201 -25.81 -22.73 -23.72
CA VAL C 201 -24.72 -22.08 -24.44
C VAL C 201 -23.40 -22.77 -24.11
N GLY C 202 -22.65 -23.15 -25.15
CA GLY C 202 -21.40 -23.85 -24.93
C GLY C 202 -20.28 -23.55 -25.92
N SER C 203 -19.13 -23.16 -25.37
CA SER C 203 -17.89 -23.06 -26.14
C SER C 203 -16.87 -24.04 -25.57
N SER C 204 -15.59 -23.78 -25.82
CA SER C 204 -14.54 -24.63 -25.29
C SER C 204 -14.30 -24.38 -23.79
N LYS C 205 -14.59 -23.17 -23.33
CA LYS C 205 -14.38 -22.81 -21.94
C LYS C 205 -15.66 -22.30 -21.26
N TYR C 206 -16.76 -22.28 -22.00
CA TYR C 206 -18.02 -21.78 -21.46
C TYR C 206 -19.12 -22.83 -21.63
N ASN C 207 -19.75 -23.20 -20.52
CA ASN C 207 -20.85 -24.15 -20.54
C ASN C 207 -21.84 -23.85 -19.42
N ARG C 208 -23.07 -23.50 -19.79
CA ARG C 208 -24.08 -23.11 -18.82
C ARG C 208 -25.46 -23.31 -19.41
N ARG C 209 -26.41 -23.70 -18.57
CA ARG C 209 -27.77 -24.00 -19.03
C ARG C 209 -28.81 -23.21 -18.25
N PHE C 210 -29.40 -22.21 -18.92
CA PHE C 210 -30.33 -21.30 -18.28
C PHE C 210 -31.76 -21.82 -18.38
N THR C 211 -32.56 -21.52 -17.36
CA THR C 211 -33.97 -21.91 -17.36
C THR C 211 -34.85 -20.76 -16.86
N PRO C 212 -36.01 -20.56 -17.52
CA PRO C 212 -36.94 -19.47 -17.22
C PRO C 212 -37.39 -19.43 -15.76
N GLU C 213 -37.18 -18.30 -15.10
CA GLU C 213 -37.67 -18.09 -13.74
C GLU C 213 -38.98 -17.30 -13.74
N ILE C 214 -40.07 -17.96 -14.12
CA ILE C 214 -41.38 -17.31 -14.18
C ILE C 214 -41.88 -16.87 -12.80
N ALA C 215 -42.11 -15.57 -12.65
CA ALA C 215 -42.55 -14.99 -11.37
C ALA C 215 -43.17 -13.62 -11.57
N ALA C 216 -43.89 -13.14 -10.57
CA ALA C 216 -44.50 -11.81 -10.62
C ALA C 216 -43.66 -10.81 -9.84
N ARG C 217 -43.30 -9.71 -10.49
CA ARG C 217 -42.43 -8.71 -9.90
C ARG C 217 -42.97 -7.31 -10.14
N PRO C 218 -42.51 -6.34 -9.34
CA PRO C 218 -42.86 -4.94 -9.57
C PRO C 218 -42.49 -4.52 -10.98
N LYS C 219 -43.31 -3.69 -11.61
CA LYS C 219 -43.03 -3.25 -12.96
C LYS C 219 -41.89 -2.23 -12.98
N VAL C 220 -40.91 -2.47 -13.84
CA VAL C 220 -39.82 -1.54 -14.06
C VAL C 220 -39.84 -1.13 -15.52
N ARG C 221 -39.97 0.17 -15.78
CA ARG C 221 -40.17 0.66 -17.13
C ARG C 221 -41.31 -0.10 -17.80
N GLY C 222 -42.38 -0.31 -17.04
CA GLY C 222 -43.59 -0.92 -17.56
C GLY C 222 -43.48 -2.42 -17.81
N GLN C 223 -42.47 -3.05 -17.20
CA GLN C 223 -42.25 -4.47 -17.40
C GLN C 223 -42.24 -5.21 -16.08
N ALA C 224 -43.06 -6.25 -15.97
CA ALA C 224 -43.04 -7.12 -14.81
C ALA C 224 -42.06 -8.25 -15.08
N GLY C 225 -41.74 -8.45 -16.36
CA GLY C 225 -40.78 -9.45 -16.78
C GLY C 225 -39.36 -8.92 -16.71
N ARG C 226 -38.39 -9.83 -16.75
CA ARG C 226 -36.99 -9.45 -16.67
C ARG C 226 -36.17 -10.05 -17.82
N MET C 227 -34.99 -9.49 -18.05
CA MET C 227 -34.07 -9.96 -19.08
C MET C 227 -32.64 -9.90 -18.55
N ASN C 228 -31.97 -11.05 -18.49
CA ASN C 228 -30.60 -11.12 -18.01
C ASN C 228 -29.53 -11.16 -19.11
N TYR C 229 -28.58 -10.23 -19.05
CA TYR C 229 -27.59 -10.09 -20.11
C TYR C 229 -26.26 -10.81 -19.82
N TYR C 230 -25.82 -11.63 -20.78
CA TYR C 230 -24.61 -12.43 -20.65
C TYR C 230 -23.60 -12.12 -21.74
N TRP C 231 -22.38 -12.61 -21.57
CA TRP C 231 -21.32 -12.34 -22.52
C TRP C 231 -20.18 -13.33 -22.38
N THR C 232 -19.24 -13.28 -23.32
CA THR C 232 -18.10 -14.19 -23.33
C THR C 232 -17.13 -13.80 -24.43
N LEU C 233 -15.84 -13.93 -24.15
CA LEU C 233 -14.83 -13.73 -25.17
C LEU C 233 -14.50 -15.06 -25.84
N LEU C 234 -14.89 -15.20 -27.10
CA LEU C 234 -14.61 -16.42 -27.86
C LEU C 234 -13.20 -16.36 -28.43
N GLU C 235 -12.39 -17.36 -28.10
CA GLU C 235 -10.99 -17.39 -28.53
C GLU C 235 -10.85 -17.81 -29.99
N PRO C 236 -9.77 -17.32 -30.64
CA PRO C 236 -9.50 -17.60 -32.05
C PRO C 236 -9.51 -19.09 -32.37
N GLY C 237 -10.46 -19.52 -33.18
CA GLY C 237 -10.53 -20.91 -33.58
C GLY C 237 -11.61 -21.68 -32.86
N ASP C 238 -12.22 -21.05 -31.85
CA ASP C 238 -13.18 -21.73 -31.00
C ASP C 238 -14.62 -21.57 -31.49
N THR C 239 -15.42 -22.61 -31.28
CA THR C 239 -16.83 -22.60 -31.63
C THR C 239 -17.67 -22.19 -30.43
N ILE C 240 -18.83 -21.59 -30.69
CA ILE C 240 -19.82 -21.35 -29.64
C ILE C 240 -21.18 -21.82 -30.15
N THR C 241 -21.87 -22.63 -29.34
CA THR C 241 -23.10 -23.27 -29.80
C THR C 241 -24.31 -22.90 -28.94
N PHE C 242 -25.33 -22.32 -29.59
CA PHE C 242 -26.56 -21.95 -28.92
C PHE C 242 -27.66 -22.98 -29.14
N GLU C 243 -28.21 -23.51 -28.06
CA GLU C 243 -29.40 -24.35 -28.13
C GLU C 243 -30.49 -23.75 -27.25
N ALA C 244 -31.73 -23.79 -27.73
CA ALA C 244 -32.82 -23.22 -26.95
C ALA C 244 -34.19 -23.72 -27.41
N THR C 245 -35.12 -23.81 -26.46
CA THR C 245 -36.51 -24.12 -26.75
C THR C 245 -37.38 -22.92 -26.40
N GLY C 246 -36.72 -21.78 -26.20
CA GLY C 246 -37.40 -20.54 -25.89
C GLY C 246 -36.58 -19.63 -25.00
N ASN C 247 -37.08 -18.42 -24.78
CA ASN C 247 -36.46 -17.48 -23.85
C ASN C 247 -35.09 -16.96 -24.29
N LEU C 248 -34.72 -17.24 -25.53
CA LEU C 248 -33.40 -16.82 -26.01
C LEU C 248 -33.45 -15.47 -26.71
N ILE C 249 -32.68 -14.52 -26.18
CA ILE C 249 -32.39 -13.30 -26.89
C ILE C 249 -31.09 -13.55 -27.62
N ALA C 250 -31.19 -14.02 -28.86
CA ALA C 250 -30.01 -14.46 -29.60
C ALA C 250 -29.11 -13.29 -30.01
N PRO C 251 -27.81 -13.55 -30.12
CA PRO C 251 -26.86 -12.56 -30.62
C PRO C 251 -27.15 -12.26 -32.08
N TRP C 252 -27.06 -10.98 -32.44
CA TRP C 252 -27.24 -10.56 -33.82
C TRP C 252 -25.89 -10.05 -34.32
N TYR C 253 -25.34 -9.06 -33.62
CA TYR C 253 -24.03 -8.53 -33.95
C TYR C 253 -23.01 -8.87 -32.87
N ALA C 254 -21.77 -9.06 -33.29
CA ALA C 254 -20.67 -9.35 -32.37
C ALA C 254 -19.51 -8.38 -32.58
N PHE C 255 -18.46 -8.51 -31.79
CA PHE C 255 -17.32 -7.62 -31.88
C PHE C 255 -15.99 -8.37 -31.88
N ALA C 256 -15.24 -8.24 -32.97
CA ALA C 256 -13.90 -8.81 -33.04
C ALA C 256 -12.91 -7.81 -32.43
N LEU C 257 -12.35 -8.18 -31.29
CA LEU C 257 -11.60 -7.23 -30.46
C LEU C 257 -10.13 -7.06 -30.83
N ASN C 258 -9.61 -5.88 -30.54
CA ASN C 258 -8.19 -5.57 -30.72
C ASN C 258 -7.60 -5.03 -29.42
N ARG C 259 -6.71 -5.81 -28.81
CA ARG C 259 -6.11 -5.42 -27.54
C ARG C 259 -5.11 -4.28 -27.69
N GLY C 260 -4.87 -3.58 -26.59
CA GLY C 260 -3.96 -2.45 -26.59
C GLY C 260 -3.96 -1.77 -25.24
N SER C 261 -2.84 -1.86 -24.54
CA SER C 261 -2.72 -1.25 -23.22
C SER C 261 -2.72 0.27 -23.34
N GLY C 262 -2.82 0.95 -22.20
CA GLY C 262 -2.80 2.40 -22.16
C GLY C 262 -4.17 3.01 -22.37
N SER C 263 -5.19 2.16 -22.50
CA SER C 263 -6.56 2.63 -22.68
C SER C 263 -7.30 2.57 -21.35
N GLY C 264 -8.54 3.04 -21.33
CA GLY C 264 -9.33 3.01 -20.11
C GLY C 264 -10.62 3.81 -20.21
N ILE C 265 -11.41 3.77 -19.14
CA ILE C 265 -12.71 4.43 -19.11
C ILE C 265 -12.75 5.52 -18.03
N ILE C 266 -13.08 6.73 -18.44
CA ILE C 266 -13.21 7.84 -17.48
C ILE C 266 -14.61 8.45 -17.48
N THR C 267 -14.91 9.20 -16.43
CA THR C 267 -16.17 9.91 -16.35
C THR C 267 -15.90 11.41 -16.31
N SER C 268 -16.31 12.11 -17.37
CA SER C 268 -16.03 13.53 -17.50
C SER C 268 -17.14 14.31 -18.18
N ASP C 269 -17.35 15.54 -17.76
CA ASP C 269 -18.31 16.44 -18.39
C ASP C 269 -17.61 17.48 -19.25
N ALA C 270 -16.28 17.44 -19.28
CA ALA C 270 -15.50 18.35 -20.11
C ALA C 270 -15.71 18.04 -21.59
N PRO C 271 -15.68 19.09 -22.42
CA PRO C 271 -15.88 18.96 -23.87
C PRO C 271 -14.67 18.38 -24.60
N VAL C 272 -14.93 17.62 -25.66
CA VAL C 272 -13.85 17.09 -26.50
C VAL C 272 -13.45 18.12 -27.54
N HIS C 273 -12.15 18.25 -27.79
CA HIS C 273 -11.64 19.21 -28.75
C HIS C 273 -10.58 18.60 -29.67
N ASP C 274 -10.31 19.29 -30.78
CA ASP C 274 -9.31 18.81 -31.72
C ASP C 274 -7.91 19.25 -31.27
N CYS C 275 -7.40 18.58 -30.24
CA CYS C 275 -6.05 18.82 -29.76
C CYS C 275 -5.38 17.50 -29.44
N ASN C 276 -4.07 17.54 -29.21
CA ASN C 276 -3.33 16.34 -28.88
C ASN C 276 -2.57 16.50 -27.57
N THR C 277 -2.46 15.41 -26.81
CA THR C 277 -1.78 15.44 -25.53
C THR C 277 -1.14 14.08 -25.22
N LYS C 278 -0.18 14.08 -24.31
CA LYS C 278 0.43 12.84 -23.86
C LYS C 278 -0.10 12.48 -22.47
N CYS C 279 -1.02 13.29 -21.97
CA CYS C 279 -1.60 13.08 -20.67
C CYS C 279 -3.04 13.61 -20.61
N GLN C 280 -3.96 12.76 -20.14
CA GLN C 280 -5.36 13.16 -20.04
C GLN C 280 -5.94 12.89 -18.66
N THR C 281 -6.71 13.83 -18.15
CA THR C 281 -7.41 13.67 -16.89
C THR C 281 -8.89 14.00 -17.10
N PRO C 282 -9.74 13.71 -16.10
CA PRO C 282 -11.16 14.05 -16.21
C PRO C 282 -11.38 15.55 -16.35
N HIS C 283 -10.52 16.36 -15.72
CA HIS C 283 -10.67 17.81 -15.78
C HIS C 283 -10.12 18.40 -17.08
N GLY C 284 -9.08 17.80 -17.62
CA GLY C 284 -8.49 18.27 -18.86
C GLY C 284 -7.15 17.62 -19.15
N ALA C 285 -6.52 18.04 -20.25
CA ALA C 285 -5.21 17.52 -20.62
C ALA C 285 -4.11 18.24 -19.87
N ILE C 286 -2.92 17.66 -19.87
CA ILE C 286 -1.78 18.26 -19.19
C ILE C 286 -0.53 18.23 -20.05
N ASN C 287 0.01 19.41 -20.35
CA ASN C 287 1.27 19.52 -21.08
C ASN C 287 2.37 19.99 -20.15
N SER C 288 3.04 19.03 -19.51
CA SER C 288 4.05 19.36 -18.50
C SER C 288 5.05 18.22 -18.33
N SER C 289 6.20 18.56 -17.78
CA SER C 289 7.23 17.56 -17.49
C SER C 289 7.54 17.52 -15.99
N LEU C 290 6.74 18.25 -15.21
CA LEU C 290 6.88 18.25 -13.77
C LEU C 290 6.61 16.86 -13.19
N PRO C 291 7.22 16.54 -12.04
CA PRO C 291 7.07 15.23 -11.41
C PRO C 291 5.71 15.03 -10.75
N PHE C 292 5.03 16.11 -10.39
CA PHE C 292 3.79 16.01 -9.63
C PHE C 292 2.66 16.85 -10.22
N GLN C 293 1.43 16.47 -9.88
CA GLN C 293 0.25 17.23 -10.26
C GLN C 293 -0.87 16.97 -9.26
N ASN C 294 -1.65 18.01 -8.96
CA ASN C 294 -2.74 17.89 -7.99
C ASN C 294 -4.11 18.04 -8.64
N ILE C 295 -4.16 17.79 -9.95
CA ILE C 295 -5.38 17.93 -10.73
C ILE C 295 -6.35 16.77 -10.50
N HIS C 296 -5.91 15.55 -10.79
CA HIS C 296 -6.78 14.39 -10.67
C HIS C 296 -6.02 13.06 -10.55
N PRO C 297 -6.52 12.16 -9.68
CA PRO C 297 -5.95 10.82 -9.51
C PRO C 297 -6.09 10.02 -10.80
N VAL C 298 -7.29 10.04 -11.38
CA VAL C 298 -7.56 9.32 -12.61
C VAL C 298 -6.77 9.94 -13.77
N THR C 299 -6.05 9.09 -14.49
CA THR C 299 -5.12 9.57 -15.52
C THR C 299 -5.05 8.60 -16.71
N ILE C 300 -4.81 9.14 -17.90
CA ILE C 300 -4.59 8.31 -19.07
C ILE C 300 -3.41 8.85 -19.90
N GLY C 301 -2.41 8.01 -20.10
CA GLY C 301 -1.20 8.39 -20.82
C GLY C 301 0.00 8.47 -19.89
N GLU C 302 0.98 9.29 -20.25
CA GLU C 302 2.14 9.53 -19.39
C GLU C 302 1.91 10.79 -18.58
N CYS C 303 1.68 10.62 -17.27
CA CYS C 303 1.33 11.74 -16.42
C CYS C 303 2.23 11.85 -15.19
N PRO C 304 2.26 13.04 -14.57
CA PRO C 304 2.96 13.23 -13.30
C PRO C 304 2.23 12.53 -12.16
N LYS C 305 3.00 12.00 -11.20
CA LYS C 305 2.41 11.34 -10.03
C LYS C 305 1.45 12.28 -9.31
N TYR C 306 0.20 11.84 -9.14
CA TYR C 306 -0.80 12.68 -8.49
C TYR C 306 -0.55 12.81 -7.00
N VAL C 307 -0.72 14.02 -6.48
CA VAL C 307 -0.49 14.29 -5.06
C VAL C 307 -1.45 15.36 -4.54
N ARG C 308 -1.82 15.25 -3.26
CA ARG C 308 -2.79 16.17 -2.67
C ARG C 308 -2.24 17.57 -2.43
N SER C 309 -0.91 17.70 -2.40
CA SER C 309 -0.25 18.96 -2.09
C SER C 309 -0.87 20.18 -2.78
N THR C 310 -0.76 21.32 -2.13
CA THR C 310 -1.19 22.59 -2.69
C THR C 310 0.02 23.29 -3.30
N LYS C 311 1.18 23.08 -2.67
CA LYS C 311 2.42 23.76 -3.06
C LYS C 311 3.65 22.88 -2.82
N LEU C 312 4.44 22.69 -3.88
CA LEU C 312 5.67 21.90 -3.79
C LEU C 312 6.82 22.64 -4.46
N ARG C 313 7.26 23.72 -3.83
CA ARG C 313 8.37 24.52 -4.34
C ARG C 313 9.66 24.20 -3.61
N MET C 314 10.64 23.69 -4.34
CA MET C 314 11.94 23.36 -3.77
C MET C 314 12.96 24.44 -4.14
N ALA C 315 13.74 24.88 -3.15
CA ALA C 315 14.71 25.96 -3.35
C ALA C 315 15.96 25.50 -4.07
N THR C 316 16.52 26.39 -4.90
CA THR C 316 17.76 26.11 -5.62
C THR C 316 18.80 27.18 -5.32
N GLY C 317 18.35 28.41 -5.15
CA GLY C 317 19.22 29.51 -4.80
C GLY C 317 19.32 29.67 -3.31
N LEU C 318 19.88 30.79 -2.86
CA LEU C 318 20.07 31.04 -1.44
C LEU C 318 19.00 31.96 -0.86
N ARG C 319 18.99 32.10 0.46
CA ARG C 319 18.06 33.00 1.13
C ARG C 319 18.23 34.41 0.58
N ASN C 320 17.11 35.07 0.26
CA ASN C 320 17.15 36.39 -0.37
C ASN C 320 17.08 37.54 0.62
N ILE C 321 18.17 38.29 0.72
CA ILE C 321 18.25 39.44 1.60
C ILE C 321 18.84 40.65 0.90
N PRO C 322 17.96 41.50 0.32
CA PRO C 322 18.39 42.74 -0.32
C PRO C 322 18.82 43.78 0.73
N ALA C 323 18.08 43.87 1.83
CA ALA C 323 18.38 44.81 2.90
C ALA C 323 18.73 46.19 2.34
N ARG C 324 17.84 46.72 1.50
CA ARG C 324 18.07 48.00 0.84
C ARG C 324 18.36 49.13 1.83
N GLY D 1 21.01 30.93 10.07
CA GLY D 1 21.88 30.06 9.30
C GLY D 1 22.60 29.05 10.19
N LEU D 2 22.98 27.93 9.60
CA LEU D 2 23.68 26.87 10.35
C LEU D 2 25.16 27.18 10.46
N PHE D 3 25.71 27.82 9.44
CA PHE D 3 27.14 28.11 9.39
C PHE D 3 27.43 29.59 9.68
N GLY D 4 26.40 30.31 10.10
CA GLY D 4 26.55 31.67 10.58
C GLY D 4 27.10 32.72 9.63
N ALA D 5 27.20 32.37 8.35
CA ALA D 5 27.69 33.33 7.35
C ALA D 5 26.55 34.18 6.81
N ILE D 6 25.72 33.59 5.96
CA ILE D 6 24.56 34.28 5.40
C ILE D 6 23.58 34.68 6.50
N ALA D 7 23.12 35.92 6.47
CA ALA D 7 22.24 36.44 7.51
C ALA D 7 22.91 36.31 8.87
N GLY D 8 24.23 36.25 8.88
CA GLY D 8 25.00 36.10 10.09
C GLY D 8 26.04 37.20 10.24
N PHE D 9 27.31 36.82 10.17
CA PHE D 9 28.39 37.81 10.23
C PHE D 9 28.51 38.57 8.92
N ILE D 10 27.70 38.18 7.94
CA ILE D 10 27.51 38.96 6.73
C ILE D 10 26.03 39.26 6.60
N GLU D 11 25.60 40.34 7.26
CA GLU D 11 24.19 40.62 7.48
C GLU D 11 23.28 40.61 6.25
N GLY D 12 23.79 41.06 5.11
CA GLY D 12 22.97 41.13 3.92
C GLY D 12 23.65 40.64 2.65
N GLY D 13 22.88 40.57 1.57
CA GLY D 13 23.42 40.19 0.28
C GLY D 13 23.52 41.42 -0.62
N TRP D 14 24.11 41.24 -1.80
CA TRP D 14 24.30 42.37 -2.72
C TRP D 14 23.46 42.24 -3.97
N THR D 15 22.37 42.99 -4.02
CA THR D 15 21.55 43.06 -5.21
C THR D 15 22.42 43.41 -6.42
N GLY D 16 23.58 44.02 -6.16
CA GLY D 16 24.50 44.42 -7.22
C GLY D 16 24.94 43.26 -8.08
N MET D 17 25.99 42.58 -7.66
CA MET D 17 26.45 41.35 -8.30
C MET D 17 25.30 40.55 -8.88
N ILE D 18 25.31 40.36 -10.19
CA ILE D 18 24.26 39.58 -10.84
C ILE D 18 24.77 38.49 -11.75
N ASP D 19 26.07 38.19 -11.67
CA ASP D 19 26.70 37.23 -12.57
C ASP D 19 27.08 35.93 -11.85
N GLY D 20 26.65 35.80 -10.60
CA GLY D 20 26.94 34.62 -9.80
C GLY D 20 26.22 34.57 -8.47
N TRP D 21 26.48 33.52 -7.69
CA TRP D 21 25.88 33.38 -6.37
C TRP D 21 26.73 34.00 -5.26
N TYR D 22 28.02 33.69 -5.26
CA TYR D 22 28.95 34.26 -4.29
C TYR D 22 29.97 35.14 -4.99
N GLY D 23 30.59 36.06 -4.26
CA GLY D 23 31.56 36.94 -4.89
C GLY D 23 32.22 37.96 -3.98
N TYR D 24 32.84 38.96 -4.61
CA TYR D 24 33.62 39.96 -3.90
C TYR D 24 33.16 41.38 -4.26
N HIS D 25 33.50 42.33 -3.39
CA HIS D 25 33.23 43.73 -3.66
C HIS D 25 34.49 44.39 -4.20
N HIS D 26 35.47 44.57 -3.32
CA HIS D 26 36.76 45.18 -3.69
C HIS D 26 36.62 46.67 -4.02
N GLN D 27 37.13 47.50 -3.11
CA GLN D 27 37.18 48.94 -3.33
C GLN D 27 38.64 49.38 -3.42
N ASN D 28 39.04 49.81 -4.61
CA ASN D 28 40.43 50.11 -4.88
C ASN D 28 40.67 51.60 -5.10
N GLU D 29 41.91 51.98 -5.37
CA GLU D 29 42.24 53.35 -5.75
C GLU D 29 41.86 53.56 -7.22
N GLN D 30 41.59 52.46 -7.92
CA GLN D 30 41.22 52.51 -9.32
C GLN D 30 39.71 52.45 -9.51
N GLY D 31 38.99 52.17 -8.43
CA GLY D 31 37.53 52.12 -8.47
C GLY D 31 36.95 50.99 -7.65
N SER D 32 35.62 50.84 -7.72
CA SER D 32 34.93 49.76 -7.03
C SER D 32 34.50 48.68 -8.01
N GLY D 33 33.35 48.07 -7.75
CA GLY D 33 32.80 47.05 -8.62
C GLY D 33 32.48 45.75 -7.90
N TYR D 34 31.86 44.82 -8.62
CA TYR D 34 31.54 43.50 -8.08
C TYR D 34 32.11 42.41 -8.98
N ALA D 35 32.43 41.26 -8.39
CA ALA D 35 32.96 40.13 -9.15
C ALA D 35 32.62 38.80 -8.49
N ALA D 36 31.89 37.95 -9.22
CA ALA D 36 31.46 36.66 -8.69
C ALA D 36 32.50 35.57 -8.92
N ASP D 37 32.60 34.63 -7.98
CA ASP D 37 33.60 33.58 -8.05
C ASP D 37 33.13 32.42 -8.95
N GLN D 38 33.81 32.26 -10.08
CA GLN D 38 33.50 31.18 -11.01
C GLN D 38 33.66 29.81 -10.35
N LYS D 39 34.77 29.62 -9.67
CA LYS D 39 35.08 28.35 -9.02
C LYS D 39 33.91 27.82 -8.19
N SER D 40 33.47 28.63 -7.22
CA SER D 40 32.52 28.17 -6.21
C SER D 40 31.05 28.22 -6.65
N THR D 41 30.68 29.20 -7.46
CA THR D 41 29.30 29.25 -7.95
C THR D 41 29.04 28.15 -8.98
N GLN D 42 30.08 27.72 -9.67
CA GLN D 42 29.95 26.64 -10.65
C GLN D 42 29.70 25.32 -9.94
N ASN D 43 30.54 25.00 -8.97
CA ASN D 43 30.36 23.81 -8.16
C ASN D 43 28.99 23.77 -7.50
N ALA D 44 28.54 24.91 -7.01
CA ALA D 44 27.23 24.99 -6.36
C ALA D 44 26.11 24.70 -7.36
N ILE D 45 26.23 25.25 -8.56
CA ILE D 45 25.24 25.02 -9.61
C ILE D 45 25.23 23.57 -10.07
N ASP D 46 26.41 22.98 -10.25
CA ASP D 46 26.50 21.58 -10.62
C ASP D 46 25.88 20.70 -9.55
N GLY D 47 26.00 21.13 -8.30
CA GLY D 47 25.47 20.38 -7.17
C GLY D 47 23.95 20.48 -7.06
N ILE D 48 23.44 21.70 -7.01
CA ILE D 48 22.00 21.92 -6.92
C ILE D 48 21.26 21.32 -8.12
N THR D 49 21.80 21.54 -9.31
CA THR D 49 21.25 20.93 -10.51
C THR D 49 21.14 19.42 -10.32
N ASN D 50 22.16 18.85 -9.68
CA ASN D 50 22.21 17.40 -9.48
C ASN D 50 21.24 16.92 -8.41
N LYS D 51 21.07 17.70 -7.35
CA LYS D 51 20.12 17.38 -6.29
C LYS D 51 18.70 17.32 -6.85
N VAL D 52 18.36 18.32 -7.67
CA VAL D 52 17.03 18.37 -8.27
C VAL D 52 16.78 17.16 -9.17
N ASN D 53 17.71 16.88 -10.07
CA ASN D 53 17.57 15.74 -10.97
C ASN D 53 17.48 14.40 -10.24
N SER D 54 18.20 14.28 -9.12
CA SER D 54 18.12 13.08 -8.30
C SER D 54 16.72 12.89 -7.74
N VAL D 55 16.16 13.96 -7.18
CA VAL D 55 14.80 13.93 -6.64
C VAL D 55 13.79 13.52 -7.70
N ILE D 56 13.94 14.06 -8.90
CA ILE D 56 13.01 13.79 -9.99
C ILE D 56 13.07 12.34 -10.49
N GLU D 57 14.28 11.81 -10.63
CA GLU D 57 14.45 10.43 -11.04
C GLU D 57 13.74 9.49 -10.08
N LYS D 58 13.92 9.74 -8.79
CA LYS D 58 13.32 8.90 -7.74
C LYS D 58 11.80 8.86 -7.85
N MET D 59 11.19 9.99 -8.17
CA MET D 59 9.74 10.06 -8.32
C MET D 59 9.33 9.61 -9.72
N ASN D 60 9.20 8.31 -9.90
CA ASN D 60 8.75 7.75 -11.18
C ASN D 60 7.35 8.23 -11.52
N THR D 61 7.17 8.71 -12.75
CA THR D 61 5.88 9.25 -13.20
C THR D 61 4.75 8.23 -13.13
N GLN D 62 3.57 8.63 -13.57
CA GLN D 62 2.35 7.83 -13.37
C GLN D 62 1.65 7.53 -14.69
N PHE D 63 1.64 6.25 -15.07
CA PHE D 63 0.99 5.83 -16.30
C PHE D 63 -0.53 5.76 -16.14
N THR D 64 -1.19 5.07 -17.06
CA THR D 64 -2.64 4.94 -17.03
C THR D 64 -3.13 4.40 -15.69
N ALA D 65 -3.93 5.20 -15.00
CA ALA D 65 -4.47 4.83 -13.70
C ALA D 65 -5.95 5.16 -13.63
N VAL D 66 -6.80 4.18 -13.96
CA VAL D 66 -8.24 4.39 -13.93
C VAL D 66 -8.89 3.66 -12.76
N GLY D 67 -10.16 3.99 -12.49
CA GLY D 67 -10.89 3.39 -11.39
C GLY D 67 -11.73 2.19 -11.80
N LYS D 68 -12.10 1.37 -10.82
CA LYS D 68 -12.88 0.17 -11.09
C LYS D 68 -14.30 0.32 -10.54
N GLU D 69 -15.25 -0.35 -11.18
CA GLU D 69 -16.63 -0.39 -10.70
C GLU D 69 -16.90 -1.65 -9.90
N PHE D 70 -17.82 -1.55 -8.95
CA PHE D 70 -18.24 -2.70 -8.15
C PHE D 70 -19.75 -2.68 -7.99
N ASN D 71 -20.39 -3.84 -8.15
CA ASN D 71 -21.82 -3.94 -7.92
C ASN D 71 -22.16 -3.86 -6.43
N ASN D 72 -23.45 -3.94 -6.10
CA ASN D 72 -23.90 -3.70 -4.73
C ASN D 72 -23.55 -4.79 -3.72
N LEU D 73 -23.15 -5.96 -4.22
CA LEU D 73 -22.72 -7.04 -3.33
C LEU D 73 -21.19 -7.19 -3.31
N GLU D 74 -20.50 -6.15 -3.76
CA GLU D 74 -19.05 -6.12 -3.74
C GLU D 74 -18.53 -4.93 -2.94
N ARG D 75 -19.21 -4.61 -1.85
CA ARG D 75 -18.89 -3.43 -1.05
C ARG D 75 -17.59 -3.58 -0.27
N ARG D 76 -17.24 -4.81 0.10
CA ARG D 76 -15.99 -5.07 0.81
C ARG D 76 -14.78 -4.90 -0.11
N ILE D 77 -14.91 -5.41 -1.33
CA ILE D 77 -13.86 -5.31 -2.33
C ILE D 77 -13.70 -3.86 -2.78
N GLU D 78 -14.83 -3.15 -2.85
CA GLU D 78 -14.81 -1.74 -3.23
C GLU D 78 -14.07 -0.92 -2.18
N ASN D 79 -14.34 -1.20 -0.91
CA ASN D 79 -13.70 -0.50 0.19
C ASN D 79 -12.23 -0.87 0.36
N LEU D 80 -11.89 -2.11 0.02
CA LEU D 80 -10.50 -2.52 0.02
C LEU D 80 -9.76 -1.70 -1.03
N ASN D 81 -10.27 -1.74 -2.26
CA ASN D 81 -9.71 -0.97 -3.36
C ASN D 81 -9.56 0.50 -2.99
N LYS D 82 -10.53 1.02 -2.27
CA LYS D 82 -10.53 2.42 -1.85
C LYS D 82 -9.43 2.66 -0.81
N LYS D 83 -9.29 1.72 0.10
CA LYS D 83 -8.26 1.80 1.15
C LYS D 83 -6.86 1.76 0.57
N VAL D 84 -6.70 1.09 -0.57
CA VAL D 84 -5.41 1.01 -1.23
C VAL D 84 -5.06 2.33 -1.91
N ASP D 85 -6.04 2.88 -2.63
CA ASP D 85 -5.81 4.13 -3.34
C ASP D 85 -5.51 5.29 -2.39
N ASP D 86 -6.38 5.47 -1.39
CA ASP D 86 -6.18 6.51 -0.39
C ASP D 86 -4.90 6.23 0.40
N GLY D 87 -4.57 4.95 0.54
CA GLY D 87 -3.37 4.55 1.25
C GLY D 87 -2.11 5.02 0.56
N PHE D 88 -1.94 4.66 -0.70
CA PHE D 88 -0.76 5.06 -1.47
C PHE D 88 -0.72 6.57 -1.66
N LEU D 89 -1.89 7.20 -1.71
CA LEU D 89 -1.96 8.63 -1.90
C LEU D 89 -1.45 9.36 -0.66
N ASP D 90 -1.85 8.87 0.51
CA ASP D 90 -1.35 9.42 1.77
C ASP D 90 0.17 9.37 1.83
N ILE D 91 0.74 8.24 1.42
CA ILE D 91 2.17 8.00 1.52
C ILE D 91 3.00 8.83 0.54
N TRP D 92 2.56 8.90 -0.72
CA TRP D 92 3.29 9.66 -1.72
C TRP D 92 3.18 11.16 -1.46
N THR D 93 2.02 11.61 -1.02
CA THR D 93 1.83 13.02 -0.67
C THR D 93 2.77 13.39 0.48
N TYR D 94 2.88 12.49 1.45
CA TYR D 94 3.76 12.69 2.61
C TYR D 94 5.22 12.70 2.22
N ASN D 95 5.61 11.73 1.38
CA ASN D 95 6.98 11.68 0.90
C ASN D 95 7.37 12.94 0.14
N ALA D 96 6.53 13.32 -0.82
CA ALA D 96 6.82 14.46 -1.68
C ALA D 96 7.03 15.75 -0.88
N GLU D 97 6.10 16.03 0.03
CA GLU D 97 6.19 17.23 0.85
C GLU D 97 7.37 17.14 1.81
N LEU D 98 7.47 16.01 2.49
CA LEU D 98 8.51 15.80 3.50
C LEU D 98 9.90 15.90 2.87
N LEU D 99 10.05 15.40 1.66
CA LEU D 99 11.35 15.44 0.98
C LEU D 99 11.77 16.88 0.67
N VAL D 100 10.84 17.68 0.16
CA VAL D 100 11.14 19.07 -0.15
C VAL D 100 11.57 19.83 1.10
N LEU D 101 10.72 19.83 2.12
CA LEU D 101 11.04 20.48 3.39
C LEU D 101 12.46 20.18 3.86
N LEU D 102 12.85 18.92 3.75
CA LEU D 102 14.15 18.48 4.22
C LEU D 102 15.28 18.96 3.33
N GLU D 103 15.11 18.82 2.02
CA GLU D 103 16.15 19.21 1.08
C GLU D 103 16.31 20.72 0.98
N ASN D 104 15.23 21.46 1.21
CA ASN D 104 15.31 22.91 1.28
C ASN D 104 16.17 23.35 2.45
N GLU D 105 15.98 22.70 3.60
CA GLU D 105 16.84 22.93 4.75
C GLU D 105 18.29 22.64 4.36
N ARG D 106 18.52 21.49 3.73
CA ARG D 106 19.85 21.10 3.30
C ARG D 106 20.44 22.09 2.30
N THR D 107 19.57 22.69 1.48
CA THR D 107 20.01 23.56 0.39
C THR D 107 20.47 24.93 0.88
N LEU D 108 19.69 25.54 1.77
CA LEU D 108 20.04 26.84 2.31
C LEU D 108 21.32 26.74 3.14
N ASP D 109 21.43 25.68 3.93
CA ASP D 109 22.63 25.44 4.73
C ASP D 109 23.84 25.14 3.85
N PHE D 110 23.57 24.59 2.67
CA PHE D 110 24.64 24.31 1.71
C PHE D 110 25.27 25.62 1.23
N HIS D 111 24.43 26.60 0.91
CA HIS D 111 24.90 27.92 0.51
C HIS D 111 25.66 28.58 1.65
N ASP D 112 25.00 28.69 2.79
CA ASP D 112 25.61 29.25 3.99
C ASP D 112 27.04 28.71 4.14
N SER D 113 27.19 27.40 4.04
CA SER D 113 28.50 26.77 4.15
C SER D 113 29.47 27.28 3.10
N ASN D 114 28.98 27.43 1.87
CA ASN D 114 29.81 27.86 0.76
C ASN D 114 30.36 29.28 0.93
N VAL D 115 29.53 30.18 1.41
CA VAL D 115 29.95 31.54 1.72
C VAL D 115 31.03 31.52 2.80
N ARG D 116 30.76 30.76 3.87
CA ARG D 116 31.71 30.60 4.96
C ARG D 116 33.05 30.08 4.46
N ASN D 117 33.02 28.99 3.70
CA ASN D 117 34.24 28.37 3.20
C ASN D 117 35.07 29.28 2.30
N LEU D 118 34.40 30.15 1.55
CA LEU D 118 35.09 31.07 0.66
C LEU D 118 35.81 32.16 1.46
N TYR D 119 35.10 32.75 2.42
CA TYR D 119 35.64 33.80 3.27
C TYR D 119 36.90 33.35 3.99
N GLU D 120 36.92 32.10 4.44
CA GLU D 120 38.07 31.58 5.19
C GLU D 120 39.18 31.05 4.28
N LYS D 121 38.88 30.92 2.99
CA LYS D 121 39.90 30.58 2.02
C LYS D 121 40.72 31.83 1.74
N VAL D 122 40.05 32.97 1.74
CA VAL D 122 40.69 34.27 1.56
C VAL D 122 41.49 34.66 2.81
N LYS D 123 40.86 34.53 3.97
CA LYS D 123 41.49 34.84 5.25
C LYS D 123 42.80 34.08 5.45
N SER D 124 42.84 32.83 4.98
CA SER D 124 44.04 32.01 5.12
C SER D 124 45.00 32.27 3.96
N GLN D 125 44.65 33.20 3.09
CA GLN D 125 45.51 33.59 1.99
C GLN D 125 46.19 34.93 2.29
N LEU D 126 45.52 35.77 3.06
CA LEU D 126 46.04 37.08 3.42
C LEU D 126 46.82 37.14 4.73
N LYS D 127 46.19 36.70 5.82
CA LYS D 127 46.83 36.59 7.12
C LYS D 127 47.21 38.06 7.32
N ASN D 128 48.44 38.29 7.76
CA ASN D 128 48.91 39.57 8.28
C ASN D 128 48.64 40.73 7.34
N ASN D 129 48.65 40.44 6.04
CA ASN D 129 48.55 41.46 5.02
C ASN D 129 47.17 42.13 4.96
N ALA D 130 46.34 41.88 5.96
CA ALA D 130 45.01 42.47 6.06
C ALA D 130 44.35 42.14 7.38
N LYS D 131 43.40 42.98 7.80
CA LYS D 131 42.68 42.72 9.05
C LYS D 131 41.17 42.53 8.82
N GLU D 132 40.55 41.71 9.67
CA GLU D 132 39.12 41.47 9.60
C GLU D 132 38.36 42.60 10.27
N ILE D 133 37.58 43.34 9.49
CA ILE D 133 36.76 44.42 10.03
C ILE D 133 35.56 43.84 10.76
N GLY D 134 34.52 43.48 10.00
CA GLY D 134 33.30 42.92 10.57
C GLY D 134 32.45 42.16 9.57
N ASN D 135 31.73 42.89 8.73
CA ASN D 135 30.82 42.29 7.75
C ASN D 135 31.54 41.51 6.66
N GLY D 136 32.40 40.57 7.06
CA GLY D 136 33.15 39.78 6.10
C GLY D 136 34.00 40.66 5.20
N CYS D 137 34.51 41.75 5.76
CA CYS D 137 35.35 42.67 5.01
C CYS D 137 36.80 42.64 5.47
N PHE D 138 37.71 42.56 4.51
CA PHE D 138 39.14 42.59 4.80
C PHE D 138 39.73 43.94 4.39
N GLU D 139 40.37 44.62 5.34
CA GLU D 139 41.04 45.88 5.07
C GLU D 139 42.53 45.63 4.83
N PHE D 140 43.01 46.02 3.65
CA PHE D 140 44.40 45.77 3.28
C PHE D 140 45.40 46.61 4.08
N TYR D 141 46.58 46.05 4.30
CA TYR D 141 47.67 46.76 4.94
C TYR D 141 48.67 47.20 3.89
N HIS D 142 48.68 46.51 2.75
CA HIS D 142 49.75 46.69 1.77
C HIS D 142 49.28 47.24 0.43
N LYS D 143 48.08 47.81 0.40
CA LYS D 143 47.54 48.45 -0.79
C LYS D 143 47.59 47.56 -2.03
N CYS D 144 46.43 47.02 -2.40
CA CYS D 144 46.34 46.06 -3.50
C CYS D 144 45.59 46.67 -4.68
N ASP D 145 46.21 46.65 -5.86
CA ASP D 145 45.61 47.22 -7.06
C ASP D 145 44.71 46.22 -7.80
N ASP D 146 44.18 46.62 -8.95
CA ASP D 146 43.27 45.78 -9.73
C ASP D 146 43.93 44.48 -10.21
N ALA D 147 45.23 44.54 -10.51
CA ALA D 147 45.97 43.35 -10.93
C ALA D 147 46.18 42.42 -9.75
N CYS D 148 46.37 42.99 -8.57
CA CYS D 148 46.58 42.22 -7.35
C CYS D 148 45.28 41.59 -6.85
N MET D 149 44.17 42.32 -6.98
CA MET D 149 42.86 41.81 -6.58
C MET D 149 42.54 40.49 -7.29
N GLU D 150 42.73 40.47 -8.60
CA GLU D 150 42.42 39.29 -9.41
C GLU D 150 43.32 38.09 -9.06
N SER D 151 44.33 38.31 -8.24
CA SER D 151 45.18 37.20 -7.80
C SER D 151 44.57 36.52 -6.59
N VAL D 152 43.79 37.28 -5.83
CA VAL D 152 43.13 36.76 -4.64
C VAL D 152 41.89 35.95 -5.00
N ARG D 153 41.00 36.57 -5.79
CA ARG D 153 39.81 35.88 -6.28
C ARG D 153 40.22 34.85 -7.33
N ASN D 154 41.47 34.39 -7.22
CA ASN D 154 42.06 33.46 -8.16
C ASN D 154 42.65 32.27 -7.42
N GLY D 155 42.90 32.47 -6.13
CA GLY D 155 43.54 31.45 -5.31
C GLY D 155 45.04 31.46 -5.46
N THR D 156 45.58 32.62 -5.87
CA THR D 156 47.02 32.76 -6.12
C THR D 156 47.58 34.09 -5.62
N TYR D 157 47.50 34.30 -4.31
CA TYR D 157 48.12 35.46 -3.67
C TYR D 157 49.63 35.25 -3.65
N ASP D 158 50.37 36.21 -3.12
CA ASP D 158 51.84 36.11 -3.10
C ASP D 158 52.49 36.50 -1.77
N TYR D 159 51.78 37.27 -0.96
CA TYR D 159 52.22 37.57 0.40
C TYR D 159 53.58 38.28 0.48
N PRO D 160 53.67 39.50 -0.03
CA PRO D 160 54.86 40.32 0.16
C PRO D 160 54.44 41.56 0.88
N LYS D 161 54.89 41.77 2.09
CA LYS D 161 54.17 42.70 2.93
C LYS D 161 55.03 43.50 3.88
N TYR D 162 54.33 44.18 4.77
CA TYR D 162 54.96 45.05 5.68
C TYR D 162 53.88 45.80 6.41
N SER D 163 54.25 46.94 6.90
CA SER D 163 53.80 47.55 8.14
C SER D 163 52.53 48.40 7.94
N GLU D 164 51.58 48.34 8.88
CA GLU D 164 51.65 47.55 10.12
C GLU D 164 52.79 47.95 11.06
N ASP E 1 38.91 40.22 34.99
CA ASP E 1 37.60 40.24 34.36
C ASP E 1 37.50 39.25 33.21
N THR E 2 36.41 38.49 33.17
CA THR E 2 36.20 37.48 32.15
C THR E 2 34.75 37.41 31.69
N ILE E 3 34.52 36.65 30.62
CA ILE E 3 33.17 36.38 30.14
C ILE E 3 33.18 35.05 29.39
N CYS E 4 32.20 34.20 29.66
CA CYS E 4 32.17 32.87 29.05
C CYS E 4 30.87 32.58 28.33
N ILE E 5 30.98 31.88 27.20
CA ILE E 5 29.81 31.41 26.48
C ILE E 5 29.57 29.95 26.82
N GLY E 6 28.37 29.65 27.29
CA GLY E 6 28.01 28.30 27.64
C GLY E 6 26.58 27.97 27.27
N TYR E 7 26.13 26.78 27.66
CA TYR E 7 24.76 26.36 27.35
C TYR E 7 24.05 25.81 28.58
N HIS E 8 22.76 25.51 28.43
CA HIS E 8 21.89 25.06 29.53
C HIS E 8 22.11 23.59 29.89
N ALA E 9 21.78 23.24 31.12
CA ALA E 9 21.81 21.84 31.57
C ALA E 9 20.85 21.67 32.75
N ASN E 10 20.30 20.46 32.89
CA ASN E 10 19.38 20.18 34.00
C ASN E 10 19.40 18.71 34.43
N ASN E 11 18.56 18.37 35.40
CA ASN E 11 18.49 17.02 35.95
C ASN E 11 17.71 16.02 35.07
N SER E 12 17.22 16.49 33.93
CA SER E 12 16.45 15.65 33.02
C SER E 12 17.20 14.38 32.64
N THR E 13 16.51 13.25 32.65
CA THR E 13 17.11 11.97 32.29
C THR E 13 16.49 11.38 31.02
N ASP E 14 15.63 12.16 30.38
CA ASP E 14 15.03 11.75 29.11
C ASP E 14 16.12 11.42 28.10
N THR E 15 16.03 10.23 27.50
CA THR E 15 16.97 9.87 26.45
C THR E 15 16.25 9.76 25.10
N VAL E 16 16.97 10.05 24.03
CA VAL E 16 16.45 9.88 22.69
C VAL E 16 17.46 9.09 21.87
N ASP E 17 17.12 8.80 20.62
CA ASP E 17 18.01 8.07 19.75
C ASP E 17 18.27 8.84 18.46
N THR E 18 19.52 8.78 17.99
CA THR E 18 19.87 9.34 16.70
C THR E 18 20.43 8.21 15.87
N VAL E 19 20.77 8.50 14.61
CA VAL E 19 21.28 7.46 13.73
C VAL E 19 22.71 7.05 14.08
N LEU E 20 23.49 7.98 14.65
CA LEU E 20 24.89 7.73 14.98
C LEU E 20 25.10 7.24 16.41
N GLU E 21 24.14 7.54 17.28
CA GLU E 21 24.30 7.27 18.71
C GLU E 21 22.95 7.03 19.39
N LYS E 22 22.92 6.06 20.30
CA LYS E 22 21.69 5.75 21.02
C LYS E 22 21.75 6.17 22.50
N ASN E 23 20.58 6.31 23.11
CA ASN E 23 20.48 6.70 24.52
C ASN E 23 21.27 7.97 24.86
N VAL E 24 20.90 9.07 24.22
CA VAL E 24 21.56 10.35 24.44
C VAL E 24 20.71 11.26 25.31
N THR E 25 21.11 11.44 26.56
CA THR E 25 20.37 12.28 27.47
C THR E 25 20.26 13.70 26.93
N VAL E 26 19.04 14.25 26.93
CA VAL E 26 18.81 15.61 26.46
C VAL E 26 18.14 16.45 27.54
N THR E 27 18.00 17.74 27.28
CA THR E 27 17.42 18.66 28.25
C THR E 27 15.90 18.72 28.14
N HIS E 28 15.40 18.68 26.91
CA HIS E 28 13.97 18.75 26.64
C HIS E 28 13.57 17.89 25.46
N SER E 29 12.44 17.20 25.60
CA SER E 29 11.95 16.35 24.52
C SER E 29 10.44 16.20 24.65
N VAL E 30 9.79 15.99 23.51
CA VAL E 30 8.36 15.72 23.50
C VAL E 30 8.14 14.24 23.18
N ASN E 31 7.09 13.67 23.77
CA ASN E 31 6.71 12.30 23.45
C ASN E 31 5.66 12.28 22.35
N LEU E 32 5.95 11.56 21.27
CA LEU E 32 5.02 11.52 20.15
C LEU E 32 4.13 10.27 20.14
N LEU E 33 4.47 9.29 20.97
CA LEU E 33 3.78 8.00 20.95
C LEU E 33 2.85 7.82 22.14
N GLU E 34 1.56 7.77 21.87
CA GLU E 34 0.55 7.53 22.89
C GLU E 34 0.43 6.03 23.17
N ASP E 35 0.55 5.66 24.44
CA ASP E 35 0.50 4.25 24.82
C ASP E 35 -0.37 4.01 26.04
N SER E 36 -1.23 4.98 26.35
CA SER E 36 -2.12 4.86 27.51
C SER E 36 -3.58 4.93 27.08
N HIS E 37 -4.32 3.86 27.37
CA HIS E 37 -5.74 3.82 27.03
C HIS E 37 -6.64 3.90 28.25
N ASN E 38 -7.87 3.45 28.11
CA ASN E 38 -8.88 3.62 29.13
C ASN E 38 -9.36 2.31 29.73
N GLY E 39 -9.10 1.22 29.00
CA GLY E 39 -9.55 -0.11 29.41
C GLY E 39 -11.06 -0.21 29.42
N LYS E 40 -11.73 0.77 28.83
CA LYS E 40 -13.18 0.82 28.85
C LYS E 40 -13.77 1.20 27.49
N LEU E 41 -14.95 0.66 27.19
CA LEU E 41 -15.69 1.01 25.98
C LEU E 41 -16.68 2.12 26.28
N CYS E 42 -16.50 3.26 25.61
CA CYS E 42 -17.24 4.46 25.98
C CYS E 42 -18.14 4.96 24.87
N LYS E 43 -18.93 5.99 25.17
CA LYS E 43 -19.83 6.59 24.20
C LYS E 43 -19.05 7.38 23.15
N LEU E 44 -19.70 7.67 22.04
CA LEU E 44 -19.13 8.52 21.02
C LEU E 44 -20.18 9.54 20.61
N LYS E 45 -19.86 10.82 20.80
CA LYS E 45 -20.83 11.89 20.56
C LYS E 45 -22.05 11.75 21.45
N GLY E 46 -21.83 11.23 22.67
CA GLY E 46 -22.89 11.11 23.65
C GLY E 46 -23.79 9.90 23.45
N ILE E 47 -23.50 9.11 22.42
CA ILE E 47 -24.31 7.92 22.12
C ILE E 47 -23.55 6.65 22.46
N ALA E 48 -24.24 5.71 23.10
CA ALA E 48 -23.60 4.49 23.58
C ALA E 48 -23.43 3.44 22.48
N PRO E 49 -22.39 2.61 22.60
CA PRO E 49 -22.17 1.52 21.64
C PRO E 49 -23.24 0.45 21.83
N LEU E 50 -23.37 -0.46 20.87
CA LEU E 50 -24.33 -1.55 20.99
C LEU E 50 -23.63 -2.84 21.41
N GLN E 51 -23.94 -3.29 22.62
CA GLN E 51 -23.41 -4.57 23.10
C GLN E 51 -24.20 -5.74 22.52
N LEU E 52 -23.53 -6.61 21.78
CA LEU E 52 -24.19 -7.79 21.23
C LEU E 52 -24.10 -8.97 22.19
N GLY E 53 -23.15 -8.91 23.10
CA GLY E 53 -22.95 -9.96 24.07
C GLY E 53 -22.71 -11.32 23.44
N LYS E 54 -23.43 -12.33 23.91
CA LYS E 54 -23.26 -13.70 23.42
C LYS E 54 -23.87 -13.89 22.04
N CYS E 55 -24.31 -12.80 21.43
CA CYS E 55 -24.92 -12.84 20.10
C CYS E 55 -24.04 -12.11 19.09
N ASN E 56 -24.07 -12.60 17.85
CA ASN E 56 -23.40 -11.90 16.76
C ASN E 56 -24.41 -11.18 15.86
N ILE E 57 -23.92 -10.52 14.82
CA ILE E 57 -24.78 -9.73 13.94
C ILE E 57 -26.00 -10.52 13.47
N ALA E 58 -25.77 -11.74 13.00
CA ALA E 58 -26.85 -12.61 12.52
C ALA E 58 -27.87 -12.92 13.60
N GLY E 59 -27.39 -13.26 14.80
CA GLY E 59 -28.28 -13.53 15.92
C GLY E 59 -29.14 -12.33 16.25
N TRP E 60 -28.54 -11.14 16.17
CA TRP E 60 -29.24 -9.90 16.45
C TRP E 60 -30.28 -9.57 15.38
N LEU E 61 -29.87 -9.63 14.12
CA LEU E 61 -30.73 -9.25 12.99
C LEU E 61 -31.86 -10.24 12.74
N LEU E 62 -31.59 -11.53 12.92
CA LEU E 62 -32.61 -12.55 12.74
C LEU E 62 -33.56 -12.57 13.94
N GLY E 63 -33.01 -12.39 15.12
CA GLY E 63 -33.80 -12.42 16.33
C GLY E 63 -33.69 -13.77 17.03
N ASN E 64 -32.47 -14.23 17.22
CA ASN E 64 -32.21 -15.45 17.98
C ASN E 64 -32.81 -15.32 19.36
N PRO E 65 -33.52 -16.37 19.82
CA PRO E 65 -34.16 -16.37 21.14
C PRO E 65 -33.22 -16.00 22.28
N GLU E 66 -31.91 -16.15 22.08
CA GLU E 66 -30.93 -15.83 23.11
C GLU E 66 -30.53 -14.35 23.09
N CYS E 67 -31.03 -13.62 22.10
CA CYS E 67 -30.63 -12.23 21.91
C CYS E 67 -31.79 -11.26 22.16
N ASP E 68 -32.69 -11.62 23.07
CA ASP E 68 -33.87 -10.81 23.32
C ASP E 68 -33.59 -9.41 23.87
N LEU E 69 -32.40 -9.21 24.44
CA LEU E 69 -32.02 -7.91 24.98
C LEU E 69 -31.82 -6.88 23.87
N LEU E 70 -31.56 -7.36 22.66
CA LEU E 70 -31.24 -6.48 21.54
C LEU E 70 -32.48 -6.02 20.78
N LEU E 71 -33.63 -6.55 21.14
CA LEU E 71 -34.87 -6.16 20.47
C LEU E 71 -35.12 -4.66 20.60
N THR E 72 -34.78 -4.12 21.78
CA THR E 72 -35.03 -2.71 22.07
C THR E 72 -34.10 -1.80 21.28
N ALA E 73 -32.87 -2.26 21.04
CA ALA E 73 -31.84 -1.48 20.36
C ALA E 73 -32.39 -0.67 19.18
N SER E 74 -32.02 0.60 19.13
CA SER E 74 -32.50 1.49 18.07
C SER E 74 -31.39 2.33 17.47
N SER E 75 -30.46 2.79 18.32
CA SER E 75 -29.35 3.62 17.87
C SER E 75 -28.05 3.30 18.60
N TRP E 76 -26.93 3.47 17.91
CA TRP E 76 -25.63 3.11 18.46
C TRP E 76 -24.51 3.93 17.84
N SER E 77 -23.43 4.11 18.59
CA SER E 77 -22.25 4.81 18.09
C SER E 77 -21.34 3.85 17.34
N TYR E 78 -21.32 2.59 17.80
CA TYR E 78 -20.59 1.53 17.12
C TYR E 78 -21.03 0.17 17.66
N ILE E 79 -20.76 -0.89 16.91
CA ILE E 79 -21.22 -2.22 17.29
C ILE E 79 -20.10 -3.07 17.89
N VAL E 80 -20.43 -3.78 18.97
CA VAL E 80 -19.42 -4.52 19.72
C VAL E 80 -19.76 -6.01 19.84
N GLU E 81 -18.94 -6.86 19.22
CA GLU E 81 -19.02 -8.29 19.44
C GLU E 81 -17.97 -8.66 20.48
N THR E 82 -18.18 -9.77 21.18
CA THR E 82 -17.26 -10.24 22.20
C THR E 82 -16.60 -11.54 21.77
N SER E 83 -15.92 -12.20 22.70
CA SER E 83 -15.32 -13.50 22.43
C SER E 83 -16.38 -14.59 22.52
N ASN E 84 -17.50 -14.25 23.13
CA ASN E 84 -18.57 -15.22 23.37
C ASN E 84 -19.77 -15.00 22.46
N SER E 85 -19.57 -14.20 21.42
CA SER E 85 -20.61 -13.96 20.42
C SER E 85 -20.76 -15.18 19.52
N GLU E 86 -21.46 -16.20 20.02
CA GLU E 86 -21.62 -17.44 19.28
C GLU E 86 -23.05 -17.66 18.81
N ASN E 87 -23.99 -17.03 19.50
CA ASN E 87 -25.40 -17.16 19.17
C ASN E 87 -25.82 -16.32 17.98
N GLY E 88 -25.95 -16.97 16.83
CA GLY E 88 -26.40 -16.31 15.62
C GLY E 88 -27.47 -17.12 14.93
N THR E 89 -27.04 -18.01 14.03
CA THR E 89 -27.95 -18.83 13.26
C THR E 89 -28.22 -20.15 14.01
N CYS E 90 -29.39 -20.25 14.63
CA CYS E 90 -29.66 -21.38 15.50
C CYS E 90 -30.12 -22.62 14.75
N TYR E 91 -30.78 -22.41 13.62
CA TYR E 91 -31.09 -23.51 12.71
C TYR E 91 -29.96 -23.59 11.69
N PRO E 92 -29.47 -24.81 11.41
CA PRO E 92 -28.34 -25.00 10.49
C PRO E 92 -28.65 -24.61 9.04
N GLY E 93 -27.71 -23.88 8.43
CA GLY E 93 -27.86 -23.39 7.08
C GLY E 93 -26.89 -22.27 6.78
N ASP E 94 -26.94 -21.74 5.56
CA ASP E 94 -26.06 -20.67 5.13
C ASP E 94 -26.74 -19.31 5.20
N PHE E 95 -25.97 -18.29 5.59
CA PHE E 95 -26.46 -16.92 5.61
C PHE E 95 -25.84 -16.19 4.42
N ILE E 96 -26.52 -16.27 3.28
CA ILE E 96 -25.99 -15.74 2.03
C ILE E 96 -25.50 -14.30 2.13
N ASP E 97 -24.23 -14.09 1.78
CA ASP E 97 -23.64 -12.76 1.77
C ASP E 97 -23.63 -12.11 3.15
N TYR E 98 -23.41 -12.93 4.17
CA TYR E 98 -23.33 -12.44 5.55
C TYR E 98 -22.22 -11.40 5.72
N GLU E 99 -21.05 -11.68 5.18
CA GLU E 99 -19.92 -10.76 5.31
C GLU E 99 -20.23 -9.41 4.68
N GLU E 100 -21.02 -9.44 3.61
CA GLU E 100 -21.42 -8.22 2.93
C GLU E 100 -22.44 -7.43 3.71
N LEU E 101 -23.36 -8.15 4.35
CA LEU E 101 -24.38 -7.53 5.18
C LEU E 101 -23.72 -6.83 6.36
N ARG E 102 -22.72 -7.47 6.95
CA ARG E 102 -21.95 -6.87 8.04
C ARG E 102 -21.34 -5.56 7.58
N GLU E 103 -20.83 -5.56 6.35
CA GLU E 103 -20.20 -4.38 5.77
C GLU E 103 -21.21 -3.25 5.63
N GLN E 104 -22.49 -3.61 5.55
CA GLN E 104 -23.57 -2.63 5.40
C GLN E 104 -23.99 -2.05 6.74
N LEU E 105 -23.98 -2.89 7.78
CA LEU E 105 -24.30 -2.44 9.13
C LEU E 105 -23.22 -1.53 9.70
N SER E 106 -22.06 -1.53 9.03
CA SER E 106 -20.94 -0.69 9.44
C SER E 106 -21.29 0.79 9.30
N SER E 107 -21.99 1.14 8.23
CA SER E 107 -22.38 2.52 7.99
C SER E 107 -23.86 2.78 8.30
N VAL E 108 -24.34 2.20 9.40
CA VAL E 108 -25.70 2.42 9.85
C VAL E 108 -25.69 2.94 11.28
N SER E 109 -26.19 4.16 11.48
CA SER E 109 -26.15 4.80 12.80
C SER E 109 -27.35 4.42 13.66
N SER E 110 -28.46 4.12 13.01
CA SER E 110 -29.66 3.70 13.72
C SER E 110 -30.69 3.16 12.74
N PHE E 111 -31.73 2.53 13.25
CA PHE E 111 -32.86 2.12 12.42
C PHE E 111 -34.17 2.11 13.18
N GLU E 112 -35.28 2.00 12.45
CA GLU E 112 -36.59 1.84 13.07
C GLU E 112 -37.15 0.47 12.71
N LYS E 113 -37.24 -0.39 13.71
CA LYS E 113 -37.79 -1.72 13.53
C LYS E 113 -39.31 -1.64 13.38
N PHE E 114 -39.86 -2.37 12.41
CA PHE E 114 -41.31 -2.37 12.21
C PHE E 114 -41.83 -3.71 11.72
N GLU E 115 -43.14 -3.92 11.87
CA GLU E 115 -43.76 -5.18 11.50
C GLU E 115 -44.16 -5.15 10.02
N ILE E 116 -43.30 -5.69 9.16
CA ILE E 116 -43.51 -5.63 7.71
C ILE E 116 -44.65 -6.54 7.26
N PHE E 117 -44.72 -7.72 7.84
CA PHE E 117 -45.82 -8.64 7.57
C PHE E 117 -46.40 -9.12 8.90
N PRO E 118 -47.33 -8.35 9.48
CA PRO E 118 -47.95 -8.67 10.76
C PRO E 118 -48.36 -10.14 10.84
N LYS E 119 -47.79 -10.86 11.80
CA LYS E 119 -48.01 -12.29 11.93
C LYS E 119 -49.49 -12.66 12.00
N THR E 120 -50.29 -11.77 12.55
CA THR E 120 -51.69 -12.08 12.83
C THR E 120 -52.69 -11.44 11.87
N SER E 121 -52.31 -11.28 10.61
CA SER E 121 -53.21 -10.69 9.62
C SER E 121 -52.72 -10.91 8.19
N SER E 122 -51.48 -11.34 8.04
CA SER E 122 -50.86 -11.44 6.73
C SER E 122 -51.09 -12.80 6.07
N TRP E 123 -51.34 -13.82 6.89
CA TRP E 123 -51.40 -15.20 6.39
C TRP E 123 -52.69 -15.93 6.78
N PRO E 124 -53.83 -15.50 6.20
CA PRO E 124 -55.14 -16.08 6.46
C PRO E 124 -55.27 -17.54 6.01
N ASN E 125 -54.45 -17.97 5.06
CA ASN E 125 -54.58 -19.30 4.47
C ASN E 125 -53.43 -20.23 4.82
N HIS E 126 -52.68 -19.89 5.86
CA HIS E 126 -51.54 -20.70 6.25
C HIS E 126 -51.39 -20.78 7.76
N GLU E 127 -50.72 -21.83 8.23
CA GLU E 127 -50.50 -22.02 9.65
C GLU E 127 -49.36 -21.14 10.15
N THR E 128 -49.71 -20.05 10.82
CA THR E 128 -48.69 -19.12 11.31
C THR E 128 -48.04 -19.62 12.59
N THR E 129 -48.69 -20.57 13.26
CA THR E 129 -48.10 -21.19 14.43
C THR E 129 -47.34 -22.45 14.03
N LYS E 130 -47.03 -23.28 15.02
CA LYS E 130 -46.41 -24.58 14.75
C LYS E 130 -45.00 -24.46 14.16
N GLY E 131 -44.62 -23.27 13.74
CA GLY E 131 -43.33 -23.04 13.12
C GLY E 131 -42.19 -22.85 14.11
N VAL E 132 -42.03 -23.83 14.99
CA VAL E 132 -40.99 -23.78 16.01
C VAL E 132 -40.10 -25.00 15.94
N THR E 133 -38.94 -24.93 16.60
CA THR E 133 -37.96 -26.00 16.54
C THR E 133 -37.14 -26.11 17.82
N ALA E 134 -36.67 -27.32 18.10
CA ALA E 134 -35.87 -27.59 19.28
C ALA E 134 -34.48 -26.96 19.18
N ALA E 135 -34.05 -26.73 17.94
CA ALA E 135 -32.76 -26.08 17.71
C ALA E 135 -32.80 -24.65 18.25
N CYS E 136 -33.93 -23.99 18.06
CA CYS E 136 -34.08 -22.60 18.47
C CYS E 136 -34.96 -22.48 19.71
N SER E 137 -34.67 -23.30 20.72
CA SER E 137 -35.52 -23.36 21.91
C SER E 137 -35.28 -22.19 22.87
N TYR E 138 -36.35 -21.76 23.52
CA TYR E 138 -36.33 -20.63 24.44
C TYR E 138 -37.20 -20.92 25.65
N ALA E 139 -36.61 -20.84 26.84
CA ALA E 139 -37.31 -21.15 28.07
C ALA E 139 -37.68 -22.63 28.14
N GLY E 140 -36.75 -23.49 27.74
CA GLY E 140 -36.95 -24.93 27.80
C GLY E 140 -37.89 -25.45 26.73
N ALA E 141 -38.58 -24.55 26.04
CA ALA E 141 -39.55 -24.93 25.01
C ALA E 141 -39.05 -24.59 23.62
N SER E 142 -39.49 -25.34 22.63
CA SER E 142 -39.09 -25.10 21.24
C SER E 142 -39.60 -23.76 20.77
N SER E 143 -38.72 -22.97 20.17
CA SER E 143 -39.07 -21.62 19.76
C SER E 143 -38.53 -21.33 18.36
N PHE E 144 -38.36 -20.05 18.04
CA PHE E 144 -37.90 -19.64 16.74
C PHE E 144 -37.48 -18.19 16.75
N TYR E 145 -36.93 -17.71 15.64
CA TYR E 145 -36.47 -16.33 15.52
C TYR E 145 -37.61 -15.36 15.80
N ARG E 146 -37.27 -14.20 16.34
CA ARG E 146 -38.28 -13.21 16.70
C ARG E 146 -38.70 -12.41 15.47
N ASN E 147 -37.83 -12.37 14.46
CA ASN E 147 -38.03 -11.50 13.32
C ASN E 147 -38.44 -12.25 12.07
N LEU E 148 -38.57 -13.56 12.18
CA LEU E 148 -38.98 -14.39 11.06
C LEU E 148 -40.19 -15.23 11.42
N LEU E 149 -40.92 -15.69 10.40
CA LEU E 149 -42.12 -16.50 10.65
C LEU E 149 -42.12 -17.76 9.78
N TRP E 150 -42.17 -18.91 10.43
CA TRP E 150 -42.15 -20.19 9.73
C TRP E 150 -43.56 -20.62 9.32
N LEU E 151 -43.92 -20.33 8.07
CA LEU E 151 -45.24 -20.68 7.57
C LEU E 151 -45.34 -22.16 7.21
N THR E 152 -46.38 -22.82 7.71
CA THR E 152 -46.62 -24.22 7.38
C THR E 152 -48.02 -24.42 6.82
N LYS E 153 -48.30 -25.63 6.34
CA LYS E 153 -49.59 -25.92 5.71
C LYS E 153 -50.73 -25.87 6.72
N LYS E 154 -51.89 -25.41 6.25
CA LYS E 154 -53.08 -25.33 7.09
C LYS E 154 -53.98 -26.52 6.80
N GLY E 155 -53.85 -27.58 7.58
CA GLY E 155 -54.63 -28.79 7.41
C GLY E 155 -54.55 -29.39 6.02
N SER E 156 -53.39 -29.95 5.69
CA SER E 156 -53.17 -30.64 4.41
C SER E 156 -53.36 -29.72 3.20
N SER E 157 -53.22 -28.42 3.40
CA SER E 157 -53.35 -27.48 2.29
C SER E 157 -52.39 -26.30 2.41
N TYR E 158 -51.55 -26.13 1.40
CA TYR E 158 -50.65 -25.00 1.32
C TYR E 158 -50.87 -24.28 0.00
N PRO E 159 -51.84 -23.37 -0.04
CA PRO E 159 -52.20 -22.66 -1.27
C PRO E 159 -51.07 -21.72 -1.67
N LYS E 160 -50.94 -21.44 -2.96
CA LYS E 160 -49.96 -20.45 -3.39
C LYS E 160 -50.22 -19.16 -2.62
N LEU E 161 -49.17 -18.62 -2.02
CA LEU E 161 -49.29 -17.35 -1.31
C LEU E 161 -48.57 -16.25 -2.08
N SER E 162 -49.16 -15.06 -2.09
CA SER E 162 -48.53 -13.89 -2.69
C SER E 162 -48.68 -12.73 -1.72
N LYS E 163 -47.59 -11.99 -1.52
CA LYS E 163 -47.57 -10.91 -0.53
C LYS E 163 -46.51 -9.87 -0.84
N SER E 164 -46.92 -8.62 -1.03
CA SER E 164 -45.98 -7.57 -1.38
C SER E 164 -45.92 -6.49 -0.31
N TYR E 165 -44.82 -5.75 -0.31
CA TYR E 165 -44.66 -4.61 0.58
C TYR E 165 -44.02 -3.47 -0.18
N VAL E 166 -44.65 -2.31 -0.12
CA VAL E 166 -44.09 -1.12 -0.74
C VAL E 166 -43.40 -0.31 0.34
N ASN E 167 -42.20 0.17 0.04
CA ASN E 167 -41.43 0.94 1.00
C ASN E 167 -41.88 2.40 1.05
N ASN E 168 -42.59 2.79 2.12
CA ASN E 168 -43.01 4.18 2.32
C ASN E 168 -42.17 4.90 3.37
N LYS E 169 -41.09 4.28 3.82
CA LYS E 169 -40.32 4.80 4.94
C LYS E 169 -39.33 5.87 4.53
N GLY E 170 -39.32 6.20 3.25
CA GLY E 170 -38.39 7.19 2.72
C GLY E 170 -36.94 6.89 3.05
N LYS E 171 -36.66 5.66 3.45
CA LYS E 171 -35.30 5.21 3.75
C LYS E 171 -35.08 3.85 3.10
N GLU E 172 -33.97 3.20 3.42
CA GLU E 172 -33.76 1.84 2.96
C GLU E 172 -34.39 0.90 3.96
N VAL E 173 -35.08 -0.12 3.47
CA VAL E 173 -35.63 -1.15 4.33
C VAL E 173 -34.88 -2.46 4.14
N LEU E 174 -34.26 -2.93 5.21
CA LEU E 174 -33.56 -4.21 5.20
C LEU E 174 -34.55 -5.33 5.45
N VAL E 175 -34.79 -6.15 4.45
CA VAL E 175 -35.72 -7.27 4.58
C VAL E 175 -34.98 -8.60 4.59
N LEU E 176 -35.14 -9.36 5.66
CA LEU E 176 -34.57 -10.70 5.75
C LEU E 176 -35.65 -11.78 5.65
N TRP E 177 -35.32 -12.88 5.01
CA TRP E 177 -36.21 -14.03 4.95
C TRP E 177 -35.38 -15.31 4.88
N GLY E 178 -36.05 -16.46 4.93
CA GLY E 178 -35.36 -17.74 4.87
C GLY E 178 -36.04 -18.75 3.97
N VAL E 179 -35.27 -19.70 3.45
CA VAL E 179 -35.82 -20.80 2.67
C VAL E 179 -35.46 -22.12 3.31
N HIS E 180 -36.47 -22.94 3.61
CA HIS E 180 -36.25 -24.18 4.32
C HIS E 180 -35.99 -25.36 3.37
N HIS E 181 -35.07 -26.22 3.77
CA HIS E 181 -34.70 -27.40 2.97
C HIS E 181 -34.75 -28.67 3.82
N PRO E 182 -35.89 -29.38 3.78
CA PRO E 182 -36.13 -30.58 4.56
C PRO E 182 -35.21 -31.76 4.19
N PRO E 183 -35.13 -32.77 5.06
CA PRO E 183 -34.24 -33.92 4.91
C PRO E 183 -34.82 -34.95 3.96
N THR E 184 -36.13 -35.11 3.98
CA THR E 184 -36.80 -36.15 3.21
C THR E 184 -38.09 -35.65 2.60
N GLY E 185 -38.52 -36.30 1.52
CA GLY E 185 -39.76 -35.94 0.85
C GLY E 185 -40.95 -36.05 1.78
N THR E 186 -40.80 -36.83 2.84
CA THR E 186 -41.88 -37.00 3.81
C THR E 186 -42.07 -35.71 4.60
N ASP E 187 -41.00 -35.23 5.22
CA ASP E 187 -41.03 -33.98 5.97
C ASP E 187 -41.57 -32.84 5.12
N GLN E 188 -41.13 -32.79 3.87
CA GLN E 188 -41.61 -31.80 2.91
C GLN E 188 -43.13 -31.80 2.84
N GLN E 189 -43.73 -32.99 2.88
CA GLN E 189 -45.18 -33.12 2.83
C GLN E 189 -45.83 -32.75 4.17
N SER E 190 -45.26 -33.25 5.27
CA SER E 190 -45.78 -32.97 6.60
C SER E 190 -45.82 -31.48 6.86
N LEU E 191 -44.85 -30.77 6.30
CA LEU E 191 -44.69 -29.34 6.54
C LEU E 191 -45.46 -28.47 5.55
N TYR E 192 -45.31 -28.76 4.26
CA TYR E 192 -45.80 -27.86 3.22
C TYR E 192 -47.06 -28.46 2.59
N GLN E 193 -47.06 -29.77 2.37
CA GLN E 193 -48.01 -30.46 1.50
C GLN E 193 -47.77 -30.58 -0.01
N ASN E 194 -47.08 -29.60 -0.58
CA ASN E 194 -46.66 -29.66 -1.97
C ASN E 194 -45.26 -30.24 -2.16
N ALA E 195 -45.19 -31.38 -2.83
CA ALA E 195 -43.91 -32.02 -3.10
C ALA E 195 -43.05 -31.12 -3.98
N ASP E 196 -43.67 -30.52 -4.99
CA ASP E 196 -42.97 -29.62 -5.90
C ASP E 196 -43.27 -28.16 -5.60
N ALA E 197 -42.66 -27.64 -4.55
CA ALA E 197 -42.88 -26.27 -4.12
C ALA E 197 -41.79 -25.36 -4.66
N TYR E 198 -41.96 -24.05 -4.44
CA TYR E 198 -40.95 -23.07 -4.81
C TYR E 198 -41.18 -21.78 -4.03
N VAL E 199 -40.13 -20.98 -3.93
CA VAL E 199 -40.24 -19.66 -3.33
C VAL E 199 -39.66 -18.63 -4.30
N SER E 200 -40.45 -17.60 -4.60
CA SER E 200 -40.01 -16.59 -5.54
C SER E 200 -39.99 -15.21 -4.87
N VAL E 201 -38.91 -14.47 -5.09
CA VAL E 201 -38.79 -13.13 -4.55
C VAL E 201 -38.43 -12.15 -5.65
N GLY E 202 -39.11 -11.01 -5.68
CA GLY E 202 -38.91 -10.01 -6.71
C GLY E 202 -39.11 -8.58 -6.24
N SER E 203 -38.14 -7.74 -6.58
CA SER E 203 -38.20 -6.31 -6.35
C SER E 203 -37.77 -5.65 -7.66
N SER E 204 -37.47 -4.36 -7.59
CA SER E 204 -36.99 -3.64 -8.75
C SER E 204 -35.58 -4.06 -9.14
N LYS E 205 -34.76 -4.48 -8.17
CA LYS E 205 -33.39 -4.88 -8.48
C LYS E 205 -33.05 -6.29 -8.01
N TYR E 206 -34.00 -6.94 -7.33
CA TYR E 206 -33.80 -8.29 -6.83
C TYR E 206 -34.77 -9.31 -7.41
N ASN E 207 -34.23 -10.29 -8.13
CA ASN E 207 -35.05 -11.33 -8.76
C ASN E 207 -34.37 -12.69 -8.64
N ARG E 208 -35.05 -13.64 -8.01
CA ARG E 208 -34.44 -14.93 -7.69
C ARG E 208 -35.51 -15.91 -7.26
N ARG E 209 -35.43 -17.14 -7.78
CA ARG E 209 -36.41 -18.16 -7.47
C ARG E 209 -35.76 -19.37 -6.79
N PHE E 210 -36.35 -19.82 -5.68
CA PHE E 210 -35.75 -20.86 -4.86
C PHE E 210 -36.54 -22.17 -4.95
N THR E 211 -35.81 -23.29 -5.10
CA THR E 211 -36.43 -24.60 -5.11
C THR E 211 -35.86 -25.45 -3.98
N PRO E 212 -36.74 -26.17 -3.26
CA PRO E 212 -36.36 -27.06 -2.16
C PRO E 212 -35.26 -28.06 -2.54
N GLU E 213 -34.17 -28.06 -1.79
CA GLU E 213 -33.12 -29.04 -1.99
C GLU E 213 -33.23 -30.11 -0.92
N ILE E 214 -34.05 -31.13 -1.18
CA ILE E 214 -34.26 -32.19 -0.21
C ILE E 214 -33.14 -33.22 -0.24
N ALA E 215 -32.55 -33.48 0.91
CA ALA E 215 -31.49 -34.47 1.04
C ALA E 215 -31.19 -34.73 2.50
N ALA E 216 -30.57 -35.87 2.78
CA ALA E 216 -30.15 -36.20 4.14
C ALA E 216 -28.77 -35.62 4.42
N ARG E 217 -28.63 -34.91 5.54
CA ARG E 217 -27.36 -34.31 5.91
C ARG E 217 -27.00 -34.59 7.36
N PRO E 218 -25.70 -34.48 7.70
CA PRO E 218 -25.26 -34.66 9.08
C PRO E 218 -26.04 -33.74 10.02
N LYS E 219 -26.49 -34.27 11.16
CA LYS E 219 -27.30 -33.48 12.07
C LYS E 219 -26.50 -32.39 12.77
N VAL E 220 -26.99 -31.16 12.66
CA VAL E 220 -26.42 -30.04 13.39
C VAL E 220 -27.50 -29.51 14.32
N ARG E 221 -27.18 -29.42 15.60
CA ARG E 221 -28.16 -29.05 16.61
C ARG E 221 -29.41 -29.89 16.44
N GLY E 222 -29.20 -31.15 16.06
CA GLY E 222 -30.28 -32.11 15.91
C GLY E 222 -30.98 -32.06 14.56
N GLN E 223 -30.52 -31.19 13.67
CA GLN E 223 -31.21 -30.96 12.40
C GLN E 223 -30.47 -31.53 11.18
N ALA E 224 -31.18 -32.34 10.40
CA ALA E 224 -30.62 -32.92 9.19
C ALA E 224 -31.04 -32.11 7.99
N GLY E 225 -32.00 -31.23 8.18
CA GLY E 225 -32.42 -30.30 7.15
C GLY E 225 -31.61 -29.03 7.25
N ARG E 226 -31.80 -28.13 6.29
CA ARG E 226 -31.07 -26.87 6.28
C ARG E 226 -32.00 -25.70 6.02
N MET E 227 -31.53 -24.49 6.35
CA MET E 227 -32.32 -23.29 6.17
C MET E 227 -31.41 -22.15 5.72
N ASN E 228 -31.63 -21.66 4.51
CA ASN E 228 -30.82 -20.59 3.96
C ASN E 228 -31.43 -19.22 4.21
N TYR E 229 -30.63 -18.29 4.72
CA TYR E 229 -31.13 -16.96 5.03
C TYR E 229 -30.69 -15.95 3.98
N TYR E 230 -31.62 -15.09 3.59
CA TYR E 230 -31.33 -14.09 2.58
C TYR E 230 -31.68 -12.71 3.07
N TRP E 231 -31.14 -11.71 2.39
CA TRP E 231 -31.47 -10.33 2.74
C TRP E 231 -31.42 -9.46 1.49
N THR E 232 -32.01 -8.28 1.59
CA THR E 232 -31.97 -7.32 0.52
C THR E 232 -32.28 -5.95 1.08
N LEU E 233 -31.74 -4.91 0.46
CA LEU E 233 -32.01 -3.55 0.85
C LEU E 233 -33.03 -2.96 -0.10
N LEU E 234 -34.26 -2.82 0.37
CA LEU E 234 -35.34 -2.30 -0.45
C LEU E 234 -35.28 -0.78 -0.50
N GLU E 235 -35.10 -0.23 -1.70
CA GLU E 235 -34.99 1.22 -1.88
C GLU E 235 -36.31 1.93 -1.67
N PRO E 236 -36.25 3.20 -1.21
CA PRO E 236 -37.47 3.97 -0.96
C PRO E 236 -38.42 3.93 -2.15
N GLY E 237 -39.68 3.59 -1.89
CA GLY E 237 -40.69 3.61 -2.92
C GLY E 237 -40.76 2.33 -3.73
N ASP E 238 -39.77 1.45 -3.55
CA ASP E 238 -39.77 0.19 -4.26
C ASP E 238 -40.66 -0.84 -3.57
N THR E 239 -41.09 -1.84 -4.33
CA THR E 239 -41.96 -2.90 -3.82
C THR E 239 -41.26 -4.24 -3.85
N ILE E 240 -41.52 -5.08 -2.87
CA ILE E 240 -40.96 -6.42 -2.83
C ILE E 240 -42.08 -7.46 -2.74
N THR E 241 -42.03 -8.46 -3.61
CA THR E 241 -43.10 -9.45 -3.70
C THR E 241 -42.63 -10.86 -3.36
N PHE E 242 -43.36 -11.50 -2.45
CA PHE E 242 -43.06 -12.88 -2.08
C PHE E 242 -44.12 -13.83 -2.60
N GLU E 243 -43.70 -14.83 -3.38
CA GLU E 243 -44.58 -15.88 -3.83
C GLU E 243 -44.04 -17.23 -3.40
N ALA E 244 -44.93 -18.14 -2.99
CA ALA E 244 -44.48 -19.45 -2.52
C ALA E 244 -45.57 -20.50 -2.47
N THR E 245 -45.17 -21.75 -2.69
CA THR E 245 -46.05 -22.89 -2.48
C THR E 245 -45.44 -23.79 -1.41
N GLY E 246 -44.59 -23.20 -0.57
CA GLY E 246 -43.97 -23.90 0.54
C GLY E 246 -42.56 -23.45 0.85
N ASN E 247 -41.99 -24.00 1.92
CA ASN E 247 -40.59 -23.79 2.25
C ASN E 247 -40.16 -22.35 2.52
N LEU E 248 -41.13 -21.43 2.60
CA LEU E 248 -40.80 -20.03 2.85
C LEU E 248 -40.79 -19.70 4.33
N ILE E 249 -39.67 -19.15 4.79
CA ILE E 249 -39.60 -18.51 6.09
C ILE E 249 -39.80 -17.02 5.87
N ALA E 250 -41.04 -16.57 6.01
CA ALA E 250 -41.42 -15.21 5.63
C ALA E 250 -40.96 -14.16 6.62
N PRO E 251 -40.64 -12.95 6.12
CA PRO E 251 -40.26 -11.85 7.01
C PRO E 251 -41.39 -11.52 7.98
N TRP E 252 -41.03 -11.23 9.22
CA TRP E 252 -42.00 -10.78 10.20
C TRP E 252 -41.72 -9.31 10.52
N TYR E 253 -40.51 -9.04 11.00
CA TYR E 253 -40.06 -7.68 11.24
C TYR E 253 -38.94 -7.30 10.28
N ALA E 254 -38.91 -6.03 9.89
CA ALA E 254 -37.85 -5.49 9.05
C ALA E 254 -37.24 -4.26 9.71
N PHE E 255 -36.35 -3.58 9.00
CA PHE E 255 -35.63 -2.46 9.59
C PHE E 255 -35.52 -1.26 8.64
N ALA E 256 -35.92 -0.09 9.12
CA ALA E 256 -35.78 1.14 8.35
C ALA E 256 -34.44 1.76 8.70
N LEU E 257 -33.51 1.78 7.73
CA LEU E 257 -32.12 2.13 8.04
C LEU E 257 -31.77 3.61 7.91
N ASN E 258 -31.01 4.09 8.89
CA ASN E 258 -30.44 5.43 8.85
C ASN E 258 -28.93 5.33 8.69
N ARG E 259 -28.42 5.72 7.52
CA ARG E 259 -26.98 5.69 7.28
C ARG E 259 -26.24 6.72 8.13
N GLY E 260 -24.91 6.61 8.14
CA GLY E 260 -24.08 7.52 8.90
C GLY E 260 -22.66 7.00 9.07
N SER E 261 -21.72 7.66 8.40
CA SER E 261 -20.32 7.24 8.43
C SER E 261 -19.70 7.38 9.82
N GLY E 262 -18.52 6.79 9.99
CA GLY E 262 -17.80 6.89 11.25
C GLY E 262 -18.13 5.78 12.22
N SER E 263 -19.12 4.96 11.88
CA SER E 263 -19.50 3.84 12.72
C SER E 263 -18.72 2.59 12.31
N GLY E 264 -18.95 1.49 13.01
CA GLY E 264 -18.26 0.24 12.71
C GLY E 264 -18.48 -0.88 13.70
N ILE E 265 -17.89 -2.04 13.41
CA ILE E 265 -18.00 -3.21 14.27
C ILE E 265 -16.64 -3.61 14.83
N ILE E 266 -16.58 -3.82 16.14
CA ILE E 266 -15.33 -4.20 16.79
C ILE E 266 -15.52 -5.38 17.72
N THR E 267 -14.45 -6.18 17.87
CA THR E 267 -14.45 -7.30 18.80
C THR E 267 -13.67 -6.93 20.05
N SER E 268 -14.37 -6.85 21.18
CA SER E 268 -13.74 -6.46 22.45
C SER E 268 -14.36 -7.16 23.66
N ASP E 269 -13.54 -7.38 24.68
CA ASP E 269 -14.02 -7.95 25.93
C ASP E 269 -13.94 -6.90 27.04
N ALA E 270 -13.60 -5.68 26.64
CA ALA E 270 -13.55 -4.56 27.58
C ALA E 270 -14.97 -4.10 27.91
N PRO E 271 -15.21 -3.78 29.19
CA PRO E 271 -16.53 -3.40 29.67
C PRO E 271 -16.99 -2.04 29.17
N VAL E 272 -18.30 -1.85 29.08
CA VAL E 272 -18.86 -0.55 28.71
C VAL E 272 -19.09 0.30 29.95
N HIS E 273 -18.78 1.59 29.84
CA HIS E 273 -18.95 2.51 30.96
C HIS E 273 -19.56 3.84 30.49
N ASP E 274 -20.13 4.58 31.43
CA ASP E 274 -20.72 5.88 31.13
C ASP E 274 -19.66 6.97 31.04
N CYS E 275 -18.90 6.97 29.96
CA CYS E 275 -17.97 8.05 29.68
C CYS E 275 -18.11 8.49 28.23
N ASN E 276 -17.37 9.52 27.84
CA ASN E 276 -17.44 10.00 26.47
C ASN E 276 -16.03 10.25 25.93
N THR E 277 -15.82 9.82 24.69
CA THR E 277 -14.50 9.93 24.07
C THR E 277 -14.64 10.32 22.61
N LYS E 278 -13.51 10.71 22.00
CA LYS E 278 -13.47 11.02 20.59
C LYS E 278 -12.70 9.93 19.84
N CYS E 279 -12.09 9.03 20.60
CA CYS E 279 -11.30 7.94 20.05
C CYS E 279 -11.52 6.64 20.83
N GLN E 280 -11.86 5.57 20.12
CA GLN E 280 -12.13 4.30 20.76
C GLN E 280 -11.37 3.15 20.08
N THR E 281 -10.86 2.23 20.90
CA THR E 281 -10.18 1.05 20.38
C THR E 281 -10.68 -0.15 21.16
N PRO E 282 -10.44 -1.36 20.64
CA PRO E 282 -10.85 -2.57 21.37
C PRO E 282 -10.36 -2.57 22.81
N HIS E 283 -9.12 -2.13 23.03
CA HIS E 283 -8.55 -2.16 24.38
C HIS E 283 -9.15 -1.10 25.31
N GLY E 284 -9.58 0.01 24.74
CA GLY E 284 -10.18 1.09 25.52
C GLY E 284 -10.13 2.43 24.80
N ALA E 285 -10.56 3.48 25.49
CA ALA E 285 -10.60 4.82 24.90
C ALA E 285 -9.26 5.55 24.95
N ILE E 286 -9.17 6.66 24.22
CA ILE E 286 -7.95 7.46 24.18
C ILE E 286 -8.26 8.95 24.16
N ASN E 287 -7.80 9.66 25.19
CA ASN E 287 -7.86 11.12 25.22
C ASN E 287 -6.45 11.65 25.03
N SER E 288 -6.09 11.93 23.78
CA SER E 288 -4.73 12.36 23.46
C SER E 288 -4.69 13.13 22.15
N SER E 289 -3.67 13.99 22.03
CA SER E 289 -3.47 14.77 20.82
C SER E 289 -2.15 14.44 20.15
N LEU E 290 -1.49 13.39 20.65
CA LEU E 290 -0.27 12.89 20.02
C LEU E 290 -0.58 12.35 18.63
N PRO E 291 0.41 12.38 17.72
CA PRO E 291 0.21 11.91 16.34
C PRO E 291 0.24 10.39 16.24
N PHE E 292 0.74 9.71 17.27
CA PHE E 292 0.91 8.26 17.19
C PHE E 292 0.39 7.54 18.42
N GLN E 293 0.15 6.24 18.25
CA GLN E 293 -0.28 5.37 19.32
C GLN E 293 0.04 3.93 18.94
N ASN E 294 0.46 3.13 19.91
CA ASN E 294 0.79 1.74 19.67
C ASN E 294 -0.19 0.78 20.34
N ILE E 295 -1.36 1.31 20.69
CA ILE E 295 -2.37 0.52 21.37
C ILE E 295 -3.04 -0.50 20.45
N HIS E 296 -3.65 -0.02 19.36
CA HIS E 296 -4.41 -0.91 18.49
C HIS E 296 -4.57 -0.33 17.09
N PRO E 297 -4.60 -1.21 16.07
CA PRO E 297 -4.85 -0.82 14.68
C PRO E 297 -6.31 -0.39 14.47
N VAL E 298 -7.25 -1.16 15.01
CA VAL E 298 -8.67 -0.89 14.84
C VAL E 298 -9.13 0.32 15.65
N THR E 299 -9.73 1.28 14.96
CA THR E 299 -10.04 2.58 15.54
C THR E 299 -11.43 3.09 15.16
N ILE E 300 -12.09 3.77 16.08
CA ILE E 300 -13.36 4.42 15.78
C ILE E 300 -13.41 5.85 16.31
N GLY E 301 -13.48 6.81 15.40
CA GLY E 301 -13.45 8.21 15.76
C GLY E 301 -12.23 8.90 15.18
N GLU E 302 -11.76 9.94 15.87
CA GLU E 302 -10.53 10.63 15.47
C GLU E 302 -9.38 10.17 16.35
N CYS E 303 -8.45 9.42 15.77
CA CYS E 303 -7.38 8.79 16.55
C CYS E 303 -5.99 9.06 15.97
N PRO E 304 -4.96 8.95 16.82
CA PRO E 304 -3.55 8.97 16.41
C PRO E 304 -3.21 7.80 15.50
N LYS E 305 -2.32 8.03 14.54
CA LYS E 305 -1.91 7.00 13.58
C LYS E 305 -1.30 5.81 14.33
N TYR E 306 -1.80 4.60 14.08
CA TYR E 306 -1.26 3.43 14.74
C TYR E 306 0.12 3.05 14.20
N VAL E 307 1.03 2.72 15.11
CA VAL E 307 2.39 2.34 14.75
C VAL E 307 2.90 1.24 15.69
N ARG E 308 3.76 0.37 15.18
CA ARG E 308 4.30 -0.72 15.99
C ARG E 308 5.38 -0.27 16.97
N SER E 309 5.77 1.00 16.88
CA SER E 309 6.86 1.53 17.70
C SER E 309 6.61 1.33 19.20
N THR E 310 7.70 1.15 19.94
CA THR E 310 7.63 1.06 21.38
C THR E 310 7.96 2.44 21.97
N LYS E 311 8.73 3.22 21.22
CA LYS E 311 9.16 4.52 21.68
C LYS E 311 9.33 5.52 20.54
N LEU E 312 8.73 6.69 20.69
CA LEU E 312 8.89 7.77 19.74
C LEU E 312 9.03 9.10 20.45
N ARG E 313 10.20 9.30 21.05
CA ARG E 313 10.51 10.54 21.74
C ARG E 313 11.43 11.40 20.90
N MET E 314 10.94 12.59 20.53
CA MET E 314 11.70 13.50 19.69
C MET E 314 12.35 14.61 20.49
N ALA E 315 13.63 14.86 20.22
CA ALA E 315 14.41 15.83 20.97
C ALA E 315 14.10 17.29 20.59
N THR E 316 13.96 18.13 21.61
CA THR E 316 13.74 19.55 21.40
C THR E 316 14.88 20.36 22.00
N GLY E 317 15.34 19.95 23.18
CA GLY E 317 16.44 20.62 23.85
C GLY E 317 17.79 20.20 23.30
N LEU E 318 18.84 20.48 24.06
CA LEU E 318 20.20 20.14 23.67
C LEU E 318 20.76 18.98 24.49
N ARG E 319 21.91 18.47 24.09
CA ARG E 319 22.56 17.39 24.82
C ARG E 319 22.81 17.80 26.26
N ASN E 320 22.34 16.98 27.19
CA ASN E 320 22.41 17.32 28.62
C ASN E 320 23.72 16.89 29.28
N ILE E 321 24.55 17.87 29.64
CA ILE E 321 25.85 17.59 30.24
C ILE E 321 26.11 18.43 31.48
N PRO E 322 25.64 17.95 32.65
CA PRO E 322 25.85 18.66 33.92
C PRO E 322 27.31 18.65 34.36
N ALA E 323 28.00 17.53 34.13
CA ALA E 323 29.41 17.40 34.51
C ALA E 323 29.71 18.01 35.87
N ARG E 324 28.90 17.64 36.86
CA ARG E 324 29.03 18.18 38.22
C ARG E 324 30.45 18.05 38.76
N GLY F 1 30.15 16.68 18.90
CA GLY F 1 29.29 17.56 18.15
C GLY F 1 29.75 17.73 16.71
N LEU F 2 28.82 18.08 15.83
CA LEU F 2 29.15 18.29 14.42
C LEU F 2 29.83 19.66 14.23
N PHE F 3 29.62 20.55 15.19
CA PHE F 3 30.24 21.86 15.16
C PHE F 3 31.25 22.04 16.30
N GLY F 4 31.45 20.97 17.06
CA GLY F 4 32.51 20.91 18.05
C GLY F 4 32.42 21.88 19.21
N ALA F 5 31.27 22.52 19.36
CA ALA F 5 31.06 23.46 20.47
C ALA F 5 30.58 22.72 21.72
N ILE F 6 29.35 22.22 21.66
CA ILE F 6 28.79 21.46 22.76
C ILE F 6 29.53 20.14 22.89
N ALA F 7 29.78 19.73 24.13
CA ALA F 7 30.57 18.53 24.40
C ALA F 7 31.89 18.55 23.63
N GLY F 8 32.31 19.74 23.23
CA GLY F 8 33.54 19.93 22.46
C GLY F 8 34.49 20.89 23.14
N PHE F 9 34.71 22.05 22.53
CA PHE F 9 35.62 23.04 23.11
C PHE F 9 34.99 23.74 24.31
N ILE F 10 33.71 23.45 24.56
CA ILE F 10 33.05 23.83 25.79
C ILE F 10 32.58 22.56 26.49
N GLU F 11 33.50 21.95 27.24
CA GLU F 11 33.30 20.61 27.79
C GLU F 11 31.96 20.32 28.48
N GLY F 12 31.35 21.35 29.08
CA GLY F 12 30.14 21.11 29.85
C GLY F 12 29.09 22.22 29.83
N GLY F 13 27.91 21.89 30.33
CA GLY F 13 26.82 22.84 30.40
C GLY F 13 26.56 23.31 31.82
N TRP F 14 25.89 24.46 31.94
CA TRP F 14 25.69 25.07 33.25
C TRP F 14 24.31 24.78 33.84
N THR F 15 24.28 24.01 34.92
CA THR F 15 23.04 23.74 35.62
C THR F 15 22.54 25.01 36.30
N GLY F 16 23.44 25.99 36.43
CA GLY F 16 23.12 27.24 37.10
C GLY F 16 22.28 28.17 36.25
N MET F 17 22.49 28.14 34.94
CA MET F 17 21.73 28.97 34.02
C MET F 17 20.38 28.32 33.74
N ILE F 18 19.30 28.96 34.22
CA ILE F 18 17.98 28.35 34.19
C ILE F 18 16.94 29.19 33.45
N ASP F 19 17.37 30.29 32.84
CA ASP F 19 16.45 31.20 32.17
C ASP F 19 16.57 31.16 30.64
N GLY F 20 17.39 30.25 30.13
CA GLY F 20 17.57 30.12 28.70
C GLY F 20 18.41 28.92 28.30
N TRP F 21 18.54 28.70 27.00
CA TRP F 21 19.33 27.58 26.49
C TRP F 21 20.81 27.94 26.37
N TYR F 22 21.09 29.12 25.85
CA TYR F 22 22.46 29.60 25.73
C TYR F 22 22.62 30.90 26.53
N GLY F 23 23.81 31.10 27.10
CA GLY F 23 24.05 32.31 27.89
C GLY F 23 25.49 32.58 28.24
N TYR F 24 25.69 33.48 29.20
CA TYR F 24 27.03 33.94 29.60
C TYR F 24 27.24 33.75 31.09
N HIS F 25 28.51 33.73 31.50
CA HIS F 25 28.85 33.67 32.92
C HIS F 25 29.18 35.07 33.45
N HIS F 26 30.32 35.60 33.03
CA HIS F 26 30.75 36.94 33.43
C HIS F 26 31.11 37.03 34.91
N GLN F 27 32.41 37.05 35.20
CA GLN F 27 32.88 37.29 36.56
C GLN F 27 33.52 38.66 36.64
N ASN F 28 32.97 39.50 37.51
CA ASN F 28 33.36 40.90 37.56
C ASN F 28 33.96 41.26 38.92
N GLU F 29 34.38 42.52 39.07
CA GLU F 29 34.86 43.01 40.35
C GLU F 29 33.65 43.33 41.22
N GLN F 30 32.48 43.28 40.58
CA GLN F 30 31.22 43.62 41.24
C GLN F 30 30.43 42.35 41.60
N GLY F 31 30.85 41.22 41.03
CA GLY F 31 30.19 39.96 41.31
C GLY F 31 30.10 39.03 40.11
N SER F 32 29.62 37.80 40.35
CA SER F 32 29.46 36.82 39.28
C SER F 32 28.02 36.79 38.78
N GLY F 33 27.54 35.59 38.49
CA GLY F 33 26.17 35.42 38.02
C GLY F 33 26.06 34.76 36.66
N TYR F 34 24.82 34.52 36.22
CA TYR F 34 24.57 33.97 34.89
C TYR F 34 23.61 34.86 34.13
N ALA F 35 23.61 34.76 32.81
CA ALA F 35 22.73 35.57 31.98
C ALA F 35 22.47 34.91 30.63
N ALA F 36 21.21 34.60 30.34
CA ALA F 36 20.84 33.92 29.11
C ALA F 36 20.61 34.91 27.96
N ASP F 37 20.95 34.50 26.74
CA ASP F 37 20.83 35.35 25.58
C ASP F 37 19.44 35.27 24.95
N GLN F 38 18.63 36.31 25.17
CA GLN F 38 17.29 36.37 24.62
C GLN F 38 17.31 36.12 23.12
N LYS F 39 18.01 36.98 22.40
CA LYS F 39 18.10 36.93 20.94
C LYS F 39 18.19 35.50 20.39
N SER F 40 19.22 34.76 20.79
CA SER F 40 19.50 33.46 20.21
C SER F 40 18.65 32.33 20.77
N THR F 41 18.31 32.41 22.05
CA THR F 41 17.46 31.41 22.68
C THR F 41 16.04 31.44 22.13
N GLN F 42 15.54 32.64 21.87
CA GLN F 42 14.19 32.79 21.32
C GLN F 42 14.13 32.21 19.90
N ASN F 43 15.13 32.56 19.09
CA ASN F 43 15.20 32.06 17.72
C ASN F 43 15.21 30.53 17.65
N ALA F 44 15.91 29.91 18.60
CA ALA F 44 15.95 28.46 18.67
C ALA F 44 14.56 27.92 19.01
N ILE F 45 13.97 28.43 20.10
CA ILE F 45 12.64 28.00 20.51
C ILE F 45 11.64 28.13 19.37
N ASP F 46 11.70 29.24 18.65
CA ASP F 46 10.82 29.44 17.50
C ASP F 46 11.13 28.41 16.41
N GLY F 47 12.40 28.09 16.25
CA GLY F 47 12.82 27.13 15.25
C GLY F 47 12.41 25.70 15.60
N ILE F 48 12.62 25.32 16.85
CA ILE F 48 12.27 23.98 17.30
C ILE F 48 10.77 23.79 17.37
N THR F 49 10.10 24.75 17.99
CA THR F 49 8.64 24.75 18.05
C THR F 49 8.06 24.59 16.66
N ASN F 50 8.72 25.19 15.67
CA ASN F 50 8.30 25.08 14.28
C ASN F 50 8.61 23.70 13.69
N LYS F 51 9.74 23.13 14.08
CA LYS F 51 10.12 21.79 13.60
C LYS F 51 9.12 20.74 14.06
N VAL F 52 8.75 20.79 15.35
CA VAL F 52 7.80 19.84 15.91
C VAL F 52 6.43 19.95 15.26
N ASN F 53 5.94 21.19 15.11
CA ASN F 53 4.65 21.40 14.47
C ASN F 53 4.62 20.93 13.03
N SER F 54 5.75 21.04 12.34
CA SER F 54 5.83 20.59 10.95
C SER F 54 5.72 19.07 10.86
N VAL F 55 6.30 18.38 11.82
CA VAL F 55 6.23 16.92 11.87
C VAL F 55 4.80 16.45 12.09
N ILE F 56 4.10 17.10 13.02
CA ILE F 56 2.73 16.74 13.36
C ILE F 56 1.75 16.98 12.21
N GLU F 57 1.89 18.11 11.53
CA GLU F 57 1.05 18.42 10.39
C GLU F 57 1.15 17.30 9.35
N LYS F 58 2.36 16.84 9.11
CA LYS F 58 2.62 15.85 8.07
C LYS F 58 1.98 14.50 8.39
N MET F 59 1.98 14.13 9.67
CA MET F 59 1.36 12.89 10.10
C MET F 59 -0.11 13.10 10.38
N ASN F 60 -0.93 13.03 9.32
CA ASN F 60 -2.38 13.15 9.45
C ASN F 60 -2.95 12.05 10.34
N THR F 61 -3.92 12.43 11.17
CA THR F 61 -4.52 11.48 12.11
C THR F 61 -5.28 10.35 11.41
N GLN F 62 -5.81 9.43 12.21
CA GLN F 62 -6.41 8.20 11.71
C GLN F 62 -7.88 8.12 12.09
N PHE F 63 -8.76 8.12 11.08
CA PHE F 63 -10.19 8.03 11.33
C PHE F 63 -10.64 6.57 11.49
N THR F 64 -11.94 6.37 11.61
CA THR F 64 -12.50 5.03 11.83
C THR F 64 -11.87 4.01 10.89
N ALA F 65 -11.11 3.08 11.47
CA ALA F 65 -10.41 2.06 10.70
C ALA F 65 -10.68 0.67 11.26
N VAL F 66 -11.76 0.05 10.80
CA VAL F 66 -12.18 -1.26 11.29
C VAL F 66 -11.81 -2.38 10.31
N GLY F 67 -11.96 -3.62 10.75
CA GLY F 67 -11.60 -4.77 9.93
C GLY F 67 -12.78 -5.39 9.20
N LYS F 68 -12.48 -6.30 8.27
CA LYS F 68 -13.52 -6.93 7.45
C LYS F 68 -13.55 -8.46 7.68
N GLU F 69 -14.73 -9.04 7.55
CA GLU F 69 -14.90 -10.49 7.60
C GLU F 69 -14.94 -11.11 6.21
N PHE F 70 -14.36 -12.30 6.08
CA PHE F 70 -14.40 -13.05 4.82
C PHE F 70 -14.76 -14.50 5.08
N ASN F 71 -15.55 -15.10 4.19
CA ASN F 71 -15.91 -16.51 4.34
C ASN F 71 -14.78 -17.45 3.92
N ASN F 72 -14.99 -18.74 4.11
CA ASN F 72 -13.93 -19.73 3.91
C ASN F 72 -13.48 -19.92 2.46
N LEU F 73 -14.20 -19.30 1.52
CA LEU F 73 -13.81 -19.32 0.11
C LEU F 73 -13.29 -17.97 -0.35
N GLU F 74 -12.90 -17.13 0.60
CA GLU F 74 -12.37 -15.81 0.29
C GLU F 74 -11.01 -15.61 0.98
N ARG F 75 -10.17 -16.63 0.89
CA ARG F 75 -8.86 -16.60 1.52
C ARG F 75 -7.88 -15.73 0.74
N ARG F 76 -8.02 -15.70 -0.58
CA ARG F 76 -7.17 -14.86 -1.42
C ARG F 76 -7.47 -13.38 -1.18
N ILE F 77 -8.75 -13.08 -0.95
CA ILE F 77 -9.17 -11.72 -0.66
C ILE F 77 -8.86 -11.35 0.79
N GLU F 78 -8.98 -12.32 1.68
CA GLU F 78 -8.66 -12.08 3.08
C GLU F 78 -7.17 -11.79 3.24
N ASN F 79 -6.34 -12.57 2.55
CA ASN F 79 -4.90 -12.37 2.59
C ASN F 79 -4.47 -11.08 1.90
N LEU F 80 -5.13 -10.76 0.79
CA LEU F 80 -4.86 -9.51 0.09
C LEU F 80 -5.10 -8.37 1.07
N ASN F 81 -6.28 -8.37 1.67
CA ASN F 81 -6.63 -7.33 2.65
C ASN F 81 -5.67 -7.29 3.82
N LYS F 82 -5.17 -8.45 4.21
CA LYS F 82 -4.22 -8.54 5.31
C LYS F 82 -2.85 -8.03 4.85
N LYS F 83 -2.52 -8.30 3.60
CA LYS F 83 -1.25 -7.85 3.03
C LYS F 83 -1.20 -6.32 2.96
N VAL F 84 -2.35 -5.70 2.72
CA VAL F 84 -2.44 -4.25 2.64
C VAL F 84 -2.26 -3.59 4.00
N ASP F 85 -3.00 -4.08 4.99
CA ASP F 85 -2.92 -3.51 6.33
C ASP F 85 -1.53 -3.62 6.95
N ASP F 86 -0.92 -4.79 6.84
CA ASP F 86 0.45 -4.98 7.33
C ASP F 86 1.45 -4.22 6.48
N GLY F 87 1.13 -4.06 5.20
CA GLY F 87 1.98 -3.33 4.28
C GLY F 87 2.07 -1.85 4.65
N PHE F 88 0.92 -1.23 4.85
CA PHE F 88 0.86 0.17 5.25
C PHE F 88 1.37 0.37 6.67
N LEU F 89 1.21 -0.64 7.52
CA LEU F 89 1.68 -0.53 8.89
C LEU F 89 3.21 -0.53 8.90
N ASP F 90 3.79 -1.40 8.09
CA ASP F 90 5.24 -1.46 7.95
C ASP F 90 5.79 -0.10 7.55
N ILE F 91 5.20 0.48 6.51
CA ILE F 91 5.67 1.75 5.97
C ILE F 91 5.58 2.90 6.96
N TRP F 92 4.41 3.08 7.57
CA TRP F 92 4.23 4.17 8.53
C TRP F 92 5.09 4.02 9.79
N THR F 93 5.20 2.80 10.30
CA THR F 93 6.08 2.56 11.45
C THR F 93 7.51 2.95 11.08
N TYR F 94 7.87 2.69 9.82
CA TYR F 94 9.20 3.01 9.33
C TYR F 94 9.40 4.53 9.25
N ASN F 95 8.49 5.19 8.54
CA ASN F 95 8.54 6.64 8.41
C ASN F 95 8.57 7.35 9.76
N ALA F 96 7.72 6.90 10.68
CA ALA F 96 7.63 7.50 12.01
C ALA F 96 8.97 7.49 12.72
N GLU F 97 9.52 6.30 12.93
CA GLU F 97 10.78 6.16 13.65
C GLU F 97 11.91 6.84 12.88
N LEU F 98 12.03 6.52 11.60
CA LEU F 98 13.10 7.04 10.76
C LEU F 98 13.13 8.56 10.79
N LEU F 99 11.96 9.19 10.88
CA LEU F 99 11.89 10.64 10.87
C LEU F 99 12.44 11.23 12.17
N VAL F 100 12.06 10.63 13.30
CA VAL F 100 12.55 11.11 14.59
C VAL F 100 14.06 10.93 14.69
N LEU F 101 14.55 9.75 14.33
CA LEU F 101 15.99 9.48 14.36
C LEU F 101 16.77 10.56 13.61
N LEU F 102 16.28 10.92 12.44
CA LEU F 102 16.98 11.89 11.60
C LEU F 102 16.91 13.30 12.17
N GLU F 103 15.72 13.74 12.53
CA GLU F 103 15.53 15.10 13.04
C GLU F 103 16.23 15.32 14.38
N ASN F 104 16.24 14.30 15.23
CA ASN F 104 16.98 14.39 16.49
C ASN F 104 18.45 14.72 16.26
N GLU F 105 19.03 14.11 15.23
CA GLU F 105 20.42 14.37 14.84
C GLU F 105 20.52 15.82 14.41
N ARG F 106 19.53 16.28 13.67
CA ARG F 106 19.52 17.64 13.14
C ARG F 106 19.31 18.67 14.25
N THR F 107 18.55 18.29 15.27
CA THR F 107 18.24 19.19 16.38
C THR F 107 19.45 19.41 17.30
N LEU F 108 20.13 18.33 17.66
CA LEU F 108 21.31 18.43 18.48
C LEU F 108 22.42 19.22 17.76
N ASP F 109 22.58 18.97 16.47
CA ASP F 109 23.54 19.71 15.65
C ASP F 109 23.13 21.17 15.50
N PHE F 110 21.82 21.42 15.62
CA PHE F 110 21.29 22.77 15.55
C PHE F 110 21.76 23.59 16.75
N HIS F 111 21.56 23.05 17.95
CA HIS F 111 22.02 23.70 19.18
C HIS F 111 23.53 23.90 19.13
N ASP F 112 24.24 22.85 18.75
CA ASP F 112 25.69 22.91 18.62
C ASP F 112 26.07 24.14 17.79
N SER F 113 25.52 24.22 16.58
CA SER F 113 25.77 25.34 15.69
C SER F 113 25.48 26.69 16.36
N ASN F 114 24.39 26.76 17.11
CA ASN F 114 23.99 28.01 17.75
C ASN F 114 25.02 28.49 18.79
N VAL F 115 25.44 27.60 19.67
CA VAL F 115 26.47 27.93 20.64
C VAL F 115 27.73 28.43 19.95
N ARG F 116 28.13 27.73 18.89
CA ARG F 116 29.30 28.10 18.11
C ARG F 116 29.17 29.51 17.52
N ASN F 117 28.06 29.76 16.84
CA ASN F 117 27.82 31.06 16.21
C ASN F 117 27.77 32.22 17.21
N LEU F 118 27.34 31.92 18.43
CA LEU F 118 27.30 32.91 19.49
C LEU F 118 28.71 33.25 19.95
N TYR F 119 29.44 32.23 20.38
CA TYR F 119 30.83 32.36 20.78
C TYR F 119 31.62 33.23 19.79
N GLU F 120 31.44 32.99 18.50
CA GLU F 120 32.21 33.71 17.49
C GLU F 120 31.62 35.07 17.15
N LYS F 121 30.42 35.37 17.63
CA LYS F 121 29.87 36.71 17.47
C LYS F 121 30.50 37.61 18.53
N VAL F 122 30.76 37.02 19.70
CA VAL F 122 31.44 37.71 20.77
C VAL F 122 32.91 37.92 20.40
N LYS F 123 33.55 36.84 19.96
CA LYS F 123 34.97 36.87 19.60
C LYS F 123 35.31 37.96 18.58
N SER F 124 34.44 38.14 17.60
CA SER F 124 34.66 39.15 16.56
C SER F 124 34.19 40.53 17.02
N GLN F 125 33.62 40.59 18.22
CA GLN F 125 33.22 41.85 18.82
C GLN F 125 34.36 42.42 19.66
N LEU F 126 35.08 41.53 20.33
CA LEU F 126 36.18 41.94 21.20
C LEU F 126 37.54 42.09 20.56
N LYS F 127 37.99 41.04 19.87
CA LYS F 127 39.24 41.07 19.13
C LYS F 127 40.19 41.39 20.28
N ASN F 128 41.09 42.35 20.06
CA ASN F 128 42.27 42.59 20.88
C ASN F 128 41.95 42.77 22.36
N ASN F 129 40.81 43.37 22.65
CA ASN F 129 40.46 43.75 24.02
C ASN F 129 40.28 42.57 24.99
N ALA F 130 40.56 41.36 24.51
CA ALA F 130 40.47 40.16 25.34
C ALA F 130 41.19 38.98 24.68
N LYS F 131 41.48 37.95 25.48
CA LYS F 131 42.17 36.77 24.95
C LYS F 131 41.39 35.48 25.22
N GLU F 132 41.40 34.59 24.23
CA GLU F 132 40.70 33.31 24.35
C GLU F 132 41.48 32.33 25.23
N ILE F 133 40.93 32.06 26.42
CA ILE F 133 41.52 31.08 27.31
C ILE F 133 41.37 29.69 26.71
N GLY F 134 40.22 29.08 26.92
CA GLY F 134 39.95 27.75 26.41
C GLY F 134 38.48 27.39 26.34
N ASN F 135 37.90 27.04 27.48
CA ASN F 135 36.52 26.57 27.55
C ASN F 135 35.48 27.62 27.16
N GLY F 136 35.65 28.20 25.98
CA GLY F 136 34.74 29.24 25.51
C GLY F 136 34.79 30.46 26.40
N CYS F 137 35.96 30.73 26.97
CA CYS F 137 36.11 31.85 27.89
C CYS F 137 37.01 32.94 27.32
N PHE F 138 36.59 34.19 27.54
CA PHE F 138 37.39 35.35 27.16
C PHE F 138 37.87 36.08 28.41
N GLU F 139 39.17 36.33 28.49
CA GLU F 139 39.73 37.11 29.58
C GLU F 139 39.97 38.54 29.12
N PHE F 140 39.38 39.49 29.84
CA PHE F 140 39.44 40.90 29.45
C PHE F 140 40.81 41.54 29.68
N TYR F 141 41.16 42.47 28.80
CA TYR F 141 42.38 43.27 28.98
C TYR F 141 42.05 44.64 29.55
N HIS F 142 40.84 45.13 29.24
CA HIS F 142 40.49 46.51 29.55
C HIS F 142 39.47 46.65 30.69
N LYS F 143 39.34 45.59 31.49
CA LYS F 143 38.46 45.61 32.66
C LYS F 143 37.05 46.12 32.34
N CYS F 144 36.10 45.20 32.26
CA CYS F 144 34.73 45.55 31.91
C CYS F 144 33.80 45.43 33.12
N ASP F 145 32.97 46.45 33.33
CA ASP F 145 32.07 46.49 34.47
C ASP F 145 30.70 45.91 34.12
N ASP F 146 29.81 45.83 35.10
CA ASP F 146 28.47 45.31 34.89
C ASP F 146 27.74 46.06 33.78
N ALA F 147 27.99 47.37 33.70
CA ALA F 147 27.39 48.19 32.66
C ALA F 147 27.99 47.86 31.29
N CYS F 148 29.27 47.51 31.28
CA CYS F 148 29.97 47.17 30.05
C CYS F 148 29.60 45.77 29.57
N MET F 149 29.44 44.85 30.52
CA MET F 149 29.06 43.48 30.20
C MET F 149 27.79 43.46 29.34
N GLU F 150 26.75 44.13 29.84
CA GLU F 150 25.46 44.19 29.15
C GLU F 150 25.53 44.82 27.76
N SER F 151 26.70 45.35 27.41
CA SER F 151 26.88 45.93 26.08
C SER F 151 27.37 44.85 25.12
N VAL F 152 27.97 43.81 25.68
CA VAL F 152 28.48 42.68 24.90
C VAL F 152 27.37 41.68 24.60
N ARG F 153 26.66 41.28 25.65
CA ARG F 153 25.50 40.39 25.50
C ARG F 153 24.33 41.17 24.93
N ASN F 154 24.64 42.15 24.10
CA ASN F 154 23.66 43.06 23.53
C ASN F 154 23.97 43.31 22.06
N GLY F 155 25.17 42.93 21.65
CA GLY F 155 25.62 43.13 20.29
C GLY F 155 26.06 44.56 20.04
N THR F 156 26.37 45.28 21.11
CA THR F 156 26.76 46.68 21.01
C THR F 156 27.97 47.02 21.86
N TYR F 157 29.10 46.39 21.56
CA TYR F 157 30.37 46.71 22.18
C TYR F 157 30.83 48.06 21.61
N ASP F 158 31.97 48.57 22.08
CA ASP F 158 32.42 49.89 21.64
C ASP F 158 33.92 49.97 21.31
N TYR F 159 34.69 49.00 21.81
CA TYR F 159 36.10 48.88 21.44
C TYR F 159 37.01 50.06 21.84
N PRO F 160 36.75 50.71 22.99
CA PRO F 160 37.76 51.67 23.47
C PRO F 160 38.92 50.89 24.06
N LYS F 161 40.12 51.05 23.51
CA LYS F 161 41.20 50.11 23.81
C LYS F 161 42.57 50.72 24.12
N TYR F 162 43.49 49.82 24.50
CA TYR F 162 44.83 50.17 24.92
C TYR F 162 45.63 48.86 24.98
N SER F 163 45.16 47.95 25.82
CA SER F 163 45.67 46.58 25.81
C SER F 163 46.35 46.08 27.09
N GLU F 164 47.69 46.09 27.07
CA GLU F 164 48.51 45.37 28.01
C GLU F 164 49.33 44.22 27.40
N GLU F 165 49.81 44.45 26.17
CA GLU F 165 50.65 43.48 25.46
C GLU F 165 50.22 42.04 25.69
#